data_4B2H
# 
_entry.id   4B2H 
# 
_audit_conform.dict_name       mmcif_pdbx.dic 
_audit_conform.dict_version    5.383 
_audit_conform.dict_location   http://mmcif.pdb.org/dictionaries/ascii/mmcif_pdbx.dic 
# 
loop_
_database_2.database_id 
_database_2.database_code 
_database_2.pdbx_database_accession 
_database_2.pdbx_DOI 
PDB   4B2H         pdb_00004b2h 10.2210/pdb4b2h/pdb 
PDBE  EBI-53366    ?            ?                   
WWPDB D_1290053366 ?            ?                   
# 
loop_
_pdbx_database_related.db_name 
_pdbx_database_related.db_id 
_pdbx_database_related.content_type 
_pdbx_database_related.details 
PDB 2CC8 unspecified 'COMPLEXES OF DODECIN WITH FLAVIN AND FLAVIN-LIKE LIGANDS'          
PDB 2CCB unspecified 'COMPLEXES OF DODECIN WITH FLAVIN AND FLAVIN-LIKE LIGANDS'          
PDB 2VX9 unspecified 'H. SALINARUM DODECIN E45A MUTANT'                                  
PDB 4B2L unspecified 'HUMANISED MONOMERIC RADA IN COMPLEX WITH L-METHYLESTER TRYPTOPHAN' 
PDB 4B2K unspecified 'COMPLEXES OF DODECIN WITH FLAVIN AND FLAVIN-LIKE'                  
PDB 4B2J unspecified 'COMPLEXES OF DODECIN WITH FLAVIN AND FLAVIN-LIKE LIGANDS'          
PDB 4B2M unspecified 'COMPLEXES OF DODECIN WITH FLAVIN AND FLAVIN-LIKE LIGANDS'          
# 
_pdbx_database_status.status_code                     REL 
_pdbx_database_status.entry_id                        4B2H 
_pdbx_database_status.deposit_site                    PDBE 
_pdbx_database_status.process_site                    PDBE 
_pdbx_database_status.SG_entry                        . 
_pdbx_database_status.recvd_initial_deposition_date   2012-07-16 
_pdbx_database_status.pdb_format_compatible           Y 
_pdbx_database_status.status_code_sf                  REL 
_pdbx_database_status.status_code_mr                  ? 
_pdbx_database_status.status_code_cs                  ? 
_pdbx_database_status.methods_development_category    ? 
_pdbx_database_status.status_code_nmr_data            ? 
# 
loop_
_audit_author.name 
_audit_author.pdbx_ordinal 
'Yu, Y.'              1 
'Heidel, B.'          2 
'Parapugna, T.L.'     3 
'Wenderhold-Reeb, S.' 4 
'Song, B.'            5 
'Schoenherr, H.'      6 
'Grininger, M.'       7 
'Noell, G.'           8 
# 
_citation.id                        primary 
_citation.title                     'The Flavoprotein Dodecin as a Redox Probe for Electron Transfer Through DNA.' 
_citation.journal_abbrev            Angew.Chem.Int.Ed.Engl. 
_citation.journal_volume            52 
_citation.page_first                4950 
_citation.page_last                 ? 
_citation.year                      2013 
_citation.journal_id_ASTM           ? 
_citation.country                   GE 
_citation.journal_id_ISSN           1433-7851 
_citation.journal_id_CSD            9999 
_citation.book_publisher            ? 
_citation.pdbx_database_id_PubMed   23532984 
_citation.pdbx_database_id_DOI      10.1002/ANIE.201208987 
# 
loop_
_citation_author.citation_id 
_citation_author.name 
_citation_author.ordinal 
_citation_author.identifier_ORCID 
primary 'Yu, Y.'              1 ? 
primary 'Heidel, B.'          2 ? 
primary 'Parapugna, T.L.'     3 ? 
primary 'Wenderhold-Reeb, S.' 4 ? 
primary 'Song, B.'            5 ? 
primary 'Schonherr, H.'       6 ? 
primary 'Grininger, M.'       7 ? 
primary 'Noll, G.'            8 ? 
# 
_cell.entry_id           4B2H 
_cell.length_a           142.005 
_cell.length_b           142.005 
_cell.length_c           142.005 
_cell.angle_alpha        90.00 
_cell.angle_beta         90.00 
_cell.angle_gamma        90.00 
_cell.Z_PDB              96 
_cell.pdbx_unique_axis   ? 
# 
_symmetry.entry_id                         4B2H 
_symmetry.space_group_name_H-M             'F 41 3 2' 
_symmetry.pdbx_full_space_group_name_H-M   ? 
_symmetry.cell_setting                     ? 
_symmetry.Int_Tables_number                210 
# 
loop_
_entity.id 
_entity.type 
_entity.src_method 
_entity.pdbx_description 
_entity.formula_weight 
_entity.pdbx_number_of_molecules 
_entity.pdbx_ec 
_entity.pdbx_mutation 
_entity.pdbx_fragment 
_entity.details 
1 polymer     man DODECIN                                                                            8196.948 1  ? YES ? 
'LIGAND-BOUND FORM' 
2 non-polymer syn 'SODIUM ION'                                                                       22.990   2  ? ?   ? ? 
3 non-polymer syn 'SULFATE ION'                                                                      96.063   1  ? ?   ? ? 
4 non-polymer syn '3-[7,8-dimethyl-2,4-bis(oxidanylidene)benzo[g]pteridin-10-yl]propylcarbamic acid' 343.337  1  ? ?   ? ? 
5 non-polymer syn 'MAGNESIUM ION'                                                                    24.305   1  ? ?   ? ? 
6 non-polymer syn 'CHLORIDE ION'                                                                     35.453   1  ? ?   ? ? 
7 water       nat water                                                                              18.015   79 ? ?   ? ? 
# 
_entity_poly.entity_id                      1 
_entity_poly.type                           'polypeptide(L)' 
_entity_poly.nstd_linkage                   no 
_entity_poly.nstd_monomer                   no 
_entity_poly.pdbx_seq_one_letter_code       MVFKKVLLTGTSEESFTAAADDAIDRAEDTLDNVVWAEVVDQGVAIGAVRTYQTEVQVAFELDGSQLEHHHHHH 
_entity_poly.pdbx_seq_one_letter_code_can   MVFKKVLLTGTSEESFTAAADDAIDRAEDTLDNVVWAEVVDQGVAIGAVRTYQTEVQVAFELDGSQLEHHHHHH 
_entity_poly.pdbx_strand_id                 A 
_entity_poly.pdbx_target_identifier         ? 
# 
loop_
_entity_poly_seq.entity_id 
_entity_poly_seq.num 
_entity_poly_seq.mon_id 
_entity_poly_seq.hetero 
1 1  MET n 
1 2  VAL n 
1 3  PHE n 
1 4  LYS n 
1 5  LYS n 
1 6  VAL n 
1 7  LEU n 
1 8  LEU n 
1 9  THR n 
1 10 GLY n 
1 11 THR n 
1 12 SER n 
1 13 GLU n 
1 14 GLU n 
1 15 SER n 
1 16 PHE n 
1 17 THR n 
1 18 ALA n 
1 19 ALA n 
1 20 ALA n 
1 21 ASP n 
1 22 ASP n 
1 23 ALA n 
1 24 ILE n 
1 25 ASP n 
1 26 ARG n 
1 27 ALA n 
1 28 GLU n 
1 29 ASP n 
1 30 THR n 
1 31 LEU n 
1 32 ASP n 
1 33 ASN n 
1 34 VAL n 
1 35 VAL n 
1 36 TRP n 
1 37 ALA n 
1 38 GLU n 
1 39 VAL n 
1 40 VAL n 
1 41 ASP n 
1 42 GLN n 
1 43 GLY n 
1 44 VAL n 
1 45 ALA n 
1 46 ILE n 
1 47 GLY n 
1 48 ALA n 
1 49 VAL n 
1 50 ARG n 
1 51 THR n 
1 52 TYR n 
1 53 GLN n 
1 54 THR n 
1 55 GLU n 
1 56 VAL n 
1 57 GLN n 
1 58 VAL n 
1 59 ALA n 
1 60 PHE n 
1 61 GLU n 
1 62 LEU n 
1 63 ASP n 
1 64 GLY n 
1 65 SER n 
1 66 GLN n 
1 67 LEU n 
1 68 GLU n 
1 69 HIS n 
1 70 HIS n 
1 71 HIS n 
1 72 HIS n 
1 73 HIS n 
1 74 HIS n 
# 
_entity_src_gen.entity_id                          1 
_entity_src_gen.pdbx_src_id                        1 
_entity_src_gen.pdbx_alt_source_flag               sample 
_entity_src_gen.pdbx_seq_type                      ? 
_entity_src_gen.pdbx_beg_seq_num                   ? 
_entity_src_gen.pdbx_end_seq_num                   ? 
_entity_src_gen.gene_src_common_name               ? 
_entity_src_gen.gene_src_genus                     ? 
_entity_src_gen.pdbx_gene_src_gene                 ? 
_entity_src_gen.gene_src_species                   ? 
_entity_src_gen.gene_src_strain                    R1 
_entity_src_gen.gene_src_tissue                    ? 
_entity_src_gen.gene_src_tissue_fraction           ? 
_entity_src_gen.gene_src_details                   ? 
_entity_src_gen.pdbx_gene_src_fragment             ? 
_entity_src_gen.pdbx_gene_src_scientific_name      'HALOBACTERIUM SALINARUM' 
_entity_src_gen.pdbx_gene_src_ncbi_taxonomy_id     478009 
_entity_src_gen.pdbx_gene_src_variant              ? 
_entity_src_gen.pdbx_gene_src_cell_line            ? 
_entity_src_gen.pdbx_gene_src_atcc                 ? 
_entity_src_gen.pdbx_gene_src_organ                ? 
_entity_src_gen.pdbx_gene_src_organelle            ? 
_entity_src_gen.pdbx_gene_src_cell                 ? 
_entity_src_gen.pdbx_gene_src_cellular_location    ? 
_entity_src_gen.host_org_common_name               ? 
_entity_src_gen.pdbx_host_org_scientific_name      'ESCHERICHIA COLI' 
_entity_src_gen.pdbx_host_org_ncbi_taxonomy_id     469008 
_entity_src_gen.host_org_genus                     ? 
_entity_src_gen.pdbx_host_org_gene                 ? 
_entity_src_gen.pdbx_host_org_organ                ? 
_entity_src_gen.host_org_species                   ? 
_entity_src_gen.pdbx_host_org_tissue               ? 
_entity_src_gen.pdbx_host_org_tissue_fraction      ? 
_entity_src_gen.pdbx_host_org_strain               'BL21(DE3)' 
_entity_src_gen.pdbx_host_org_variant              ? 
_entity_src_gen.pdbx_host_org_cell_line            ? 
_entity_src_gen.pdbx_host_org_atcc                 ? 
_entity_src_gen.pdbx_host_org_culture_collection   ? 
_entity_src_gen.pdbx_host_org_cell                 ? 
_entity_src_gen.pdbx_host_org_organelle            ? 
_entity_src_gen.pdbx_host_org_cellular_location    ? 
_entity_src_gen.pdbx_host_org_vector_type          PLASMID 
_entity_src_gen.pdbx_host_org_vector               PET22B 
_entity_src_gen.host_org_details                   ? 
_entity_src_gen.expression_system_id               ? 
_entity_src_gen.plasmid_name                       ? 
_entity_src_gen.plasmid_details                    ? 
_entity_src_gen.pdbx_description                   'GERMAN COLLECTION OF MICROORGANISMS (DSM 671)' 
# 
_struct_ref.id                         1 
_struct_ref.db_name                    UNP 
_struct_ref.db_code                    B0R5M0_HALS3 
_struct_ref.entity_id                  1 
_struct_ref.pdbx_seq_one_letter_code   ? 
_struct_ref.pdbx_align_begin           ? 
_struct_ref.pdbx_db_accession          B0R5M0 
_struct_ref.pdbx_db_isoform            ? 
# 
_struct_ref_seq.align_id                      1 
_struct_ref_seq.ref_id                        1 
_struct_ref_seq.pdbx_PDB_id_code              4B2H 
_struct_ref_seq.pdbx_strand_id                A 
_struct_ref_seq.seq_align_beg                 1 
_struct_ref_seq.pdbx_seq_align_beg_ins_code   ? 
_struct_ref_seq.seq_align_end                 66 
_struct_ref_seq.pdbx_seq_align_end_ins_code   ? 
_struct_ref_seq.pdbx_db_accession             B0R5M0 
_struct_ref_seq.db_align_beg                  1 
_struct_ref_seq.pdbx_db_align_beg_ins_code    ? 
_struct_ref_seq.db_align_end                  68 
_struct_ref_seq.pdbx_db_align_end_ins_code    ? 
_struct_ref_seq.pdbx_auth_seq_align_beg       1 
_struct_ref_seq.pdbx_auth_seq_align_end       66 
# 
loop_
_struct_ref_seq_dif.align_id 
_struct_ref_seq_dif.pdbx_pdb_id_code 
_struct_ref_seq_dif.mon_id 
_struct_ref_seq_dif.pdbx_pdb_strand_id 
_struct_ref_seq_dif.seq_num 
_struct_ref_seq_dif.pdbx_pdb_ins_code 
_struct_ref_seq_dif.pdbx_seq_db_name 
_struct_ref_seq_dif.pdbx_seq_db_accession_code 
_struct_ref_seq_dif.db_mon_id 
_struct_ref_seq_dif.pdbx_seq_db_seq_num 
_struct_ref_seq_dif.details 
_struct_ref_seq_dif.pdbx_auth_seq_num 
_struct_ref_seq_dif.pdbx_ordinal 
1 4B2H ALA A 45 ? UNP B0R5M0 GLU 45 'engineered mutation' 45 1  
1 4B2H ?   A ?  ? UNP B0R5M0 GLU 50 deletion              ?  2  
1 4B2H ?   A ?  ? UNP B0R5M0 GLU 51 deletion              ?  3  
1 4B2H LEU A 67 ? UNP B0R5M0 ?   ?  'expression tag'      67 4  
1 4B2H GLU A 68 ? UNP B0R5M0 ?   ?  'expression tag'      68 5  
1 4B2H HIS A 69 ? UNP B0R5M0 ?   ?  'expression tag'      69 6  
1 4B2H HIS A 70 ? UNP B0R5M0 ?   ?  'expression tag'      70 7  
1 4B2H HIS A 71 ? UNP B0R5M0 ?   ?  'expression tag'      71 8  
1 4B2H HIS A 72 ? UNP B0R5M0 ?   ?  'expression tag'      72 9  
1 4B2H HIS A 73 ? UNP B0R5M0 ?   ?  'expression tag'      73 10 
1 4B2H HIS A 74 ? UNP B0R5M0 ?   ?  'expression tag'      74 11 
# 
loop_
_chem_comp.id 
_chem_comp.type 
_chem_comp.mon_nstd_flag 
_chem_comp.name 
_chem_comp.pdbx_synonyms 
_chem_comp.formula 
_chem_comp.formula_weight 
ALA 'L-peptide linking' y ALANINE                                                                            ? 'C3 H7 N O2'     
89.093  
ARG 'L-peptide linking' y ARGININE                                                                           ? 'C6 H15 N4 O2 1' 
175.209 
ASN 'L-peptide linking' y ASPARAGINE                                                                         ? 'C4 H8 N2 O3'    
132.118 
ASP 'L-peptide linking' y 'ASPARTIC ACID'                                                                    ? 'C4 H7 N O4'     
133.103 
C3F non-polymer         . '3-[7,8-dimethyl-2,4-bis(oxidanylidene)benzo[g]pteridin-10-yl]propylcarbamic acid' ? 'C16 H17 N5 O4'  
343.337 
CL  non-polymer         . 'CHLORIDE ION'                                                                     ? 'Cl -1'          
35.453  
GLN 'L-peptide linking' y GLUTAMINE                                                                          ? 'C5 H10 N2 O3'   
146.144 
GLU 'L-peptide linking' y 'GLUTAMIC ACID'                                                                    ? 'C5 H9 N O4'     
147.129 
GLY 'peptide linking'   y GLYCINE                                                                            ? 'C2 H5 N O2'     
75.067  
HIS 'L-peptide linking' y HISTIDINE                                                                          ? 'C6 H10 N3 O2 1' 
156.162 
HOH non-polymer         . WATER                                                                              ? 'H2 O'           
18.015  
ILE 'L-peptide linking' y ISOLEUCINE                                                                         ? 'C6 H13 N O2'    
131.173 
LEU 'L-peptide linking' y LEUCINE                                                                            ? 'C6 H13 N O2'    
131.173 
LYS 'L-peptide linking' y LYSINE                                                                             ? 'C6 H15 N2 O2 1' 
147.195 
MET 'L-peptide linking' y METHIONINE                                                                         ? 'C5 H11 N O2 S'  
149.211 
MG  non-polymer         . 'MAGNESIUM ION'                                                                    ? 'Mg 2'           
24.305  
NA  non-polymer         . 'SODIUM ION'                                                                       ? 'Na 1'           
22.990  
PHE 'L-peptide linking' y PHENYLALANINE                                                                      ? 'C9 H11 N O2'    
165.189 
SER 'L-peptide linking' y SERINE                                                                             ? 'C3 H7 N O3'     
105.093 
SO4 non-polymer         . 'SULFATE ION'                                                                      ? 'O4 S -2'        
96.063  
THR 'L-peptide linking' y THREONINE                                                                          ? 'C4 H9 N O3'     
119.119 
TRP 'L-peptide linking' y TRYPTOPHAN                                                                         ? 'C11 H12 N2 O2'  
204.225 
TYR 'L-peptide linking' y TYROSINE                                                                           ? 'C9 H11 N O3'    
181.189 
VAL 'L-peptide linking' y VALINE                                                                             ? 'C5 H11 N O2'    
117.146 
# 
_exptl.entry_id          4B2H 
_exptl.method            'X-RAY DIFFRACTION' 
_exptl.crystals_number   2 
# 
_exptl_crystal.id                    1 
_exptl_crystal.density_meas          ? 
_exptl_crystal.density_Matthews      4.44 
_exptl_crystal.density_percent_sol   72.28 
_exptl_crystal.description           NONE 
# 
_exptl_crystal_grow.crystal_id      1 
_exptl_crystal_grow.method          ? 
_exptl_crystal_grow.temp            ? 
_exptl_crystal_grow.temp_details    ? 
_exptl_crystal_grow.pH              7.5 
_exptl_crystal_grow.pdbx_pH_range   ? 
_exptl_crystal_grow.pdbx_details    'pH 7.5' 
# 
_diffrn.id                     1 
_diffrn.ambient_temp           100 
_diffrn.ambient_temp_details   ? 
_diffrn.crystal_id             1 
# 
_diffrn_detector.diffrn_id              1 
_diffrn_detector.detector               CCD 
_diffrn_detector.type                   'ADSC QUANTUM 315r' 
_diffrn_detector.pdbx_collection_date   2012-05-21 
_diffrn_detector.details                ? 
# 
_diffrn_radiation.diffrn_id                        1 
_diffrn_radiation.wavelength_id                    1 
_diffrn_radiation.pdbx_monochromatic_or_laue_m_l   M 
_diffrn_radiation.monochromator                    ? 
_diffrn_radiation.pdbx_diffrn_protocol             'SINGLE WAVELENGTH' 
_diffrn_radiation.pdbx_scattering_type             x-ray 
# 
_diffrn_radiation_wavelength.id           1 
_diffrn_radiation_wavelength.wavelength   0.9393 
_diffrn_radiation_wavelength.wt           1.0 
# 
_diffrn_source.diffrn_id                   1 
_diffrn_source.source                      SYNCHROTRON 
_diffrn_source.type                        'ESRF BEAMLINE ID14-4' 
_diffrn_source.pdbx_synchrotron_site       ESRF 
_diffrn_source.pdbx_synchrotron_beamline   ID14-4 
_diffrn_source.pdbx_wavelength             0.9393 
_diffrn_source.pdbx_wavelength_list        ? 
# 
_reflns.pdbx_diffrn_id               1 
_reflns.pdbx_ordinal                 1 
_reflns.entry_id                     4B2H 
_reflns.observed_criterion_sigma_I   5.0 
_reflns.observed_criterion_sigma_F   ? 
_reflns.d_resolution_low             20.00 
_reflns.d_resolution_high            1.60 
_reflns.number_obs                   20156 
_reflns.number_all                   ? 
_reflns.percent_possible_obs         99.9 
_reflns.pdbx_Rmerge_I_obs            0.073 
_reflns.pdbx_Rsym_value              ? 
_reflns.pdbx_netI_over_sigmaI        27.50 
_reflns.B_iso_Wilson_estimate        ? 
_reflns.pdbx_redundancy              18 
_reflns.pdbx_CC_half                 ? 
_reflns.pdbx_Rpim_I_all              ? 
_reflns.pdbx_Rrim_I_all              ? 
# 
_reflns_shell.pdbx_diffrn_id         1 
_reflns_shell.pdbx_ordinal           1 
_reflns_shell.d_res_high             1.60 
_reflns_shell.d_res_low              1.70 
_reflns_shell.percent_possible_all   99.9 
_reflns_shell.Rmerge_I_obs           0.625 
_reflns_shell.pdbx_Rsym_value        ? 
_reflns_shell.meanI_over_sigI_obs    5.20 
_reflns_shell.pdbx_redundancy        18 
_reflns_shell.number_measured_obs    ? 
_reflns_shell.number_unique_all      ? 
_reflns_shell.number_unique_obs      ? 
_reflns_shell.pdbx_CC_half           ? 
_reflns_shell.pdbx_Rpim_I_all        ? 
_reflns_shell.pdbx_Rrim_I_all        ? 
# 
_refine.pdbx_refine_id                           'X-RAY DIFFRACTION' 
_refine.entry_id                                 4B2H 
_refine.pdbx_diffrn_id                           1 
_refine.pdbx_TLS_residual_ADP_flag               ? 
_refine.ls_number_reflns_obs                     15863 
_refine.ls_number_reflns_all                     ? 
_refine.pdbx_ls_sigma_I                          ? 
_refine.pdbx_ls_sigma_F                          . 
_refine.pdbx_data_cutoff_high_absF               ? 
_refine.pdbx_data_cutoff_low_absF                ? 
_refine.pdbx_data_cutoff_high_rms_absF           ? 
_refine.ls_d_res_low                             20.00 
_refine.ls_d_res_high                            1.60 
_refine.ls_percent_reflns_obs                    99.86 
_refine.ls_R_factor_obs                          0.16709 
_refine.ls_R_factor_all                          ? 
_refine.ls_R_factor_R_work                       0.16650 
_refine.ls_R_factor_R_free                       0.17759 
_refine.ls_R_factor_R_free_error                 ? 
_refine.ls_R_factor_R_free_error_details         ? 
_refine.ls_percent_reflns_R_free                 5.2 
_refine.ls_number_reflns_R_free                  862 
_refine.ls_number_parameters                     ? 
_refine.ls_number_restraints                     ? 
_refine.occupancy_min                            ? 
_refine.occupancy_max                            ? 
_refine.correlation_coeff_Fo_to_Fc               0.966 
_refine.correlation_coeff_Fo_to_Fc_free          0.969 
_refine.B_iso_mean                               21.739 
_refine.aniso_B[1][1]                            ? 
_refine.aniso_B[2][2]                            ? 
_refine.aniso_B[3][3]                            ? 
_refine.aniso_B[1][2]                            ? 
_refine.aniso_B[1][3]                            ? 
_refine.aniso_B[2][3]                            ? 
_refine.solvent_model_details                    MASK 
_refine.solvent_model_param_ksol                 ? 
_refine.solvent_model_param_bsol                 ? 
_refine.pdbx_solvent_vdw_probe_radii             1.20 
_refine.pdbx_solvent_ion_probe_radii             0.80 
_refine.pdbx_solvent_shrinkage_radii             0.80 
_refine.pdbx_ls_cross_valid_method               THROUGHOUT 
_refine.details                                  'HYDROGENS HAVE BEEN ADDED IN THE RIDING POSITIONS.' 
_refine.pdbx_starting_model                      'PDB ENTRY 2CCC' 
_refine.pdbx_method_to_determine_struct          'MOLECULAR REPLACEMENT' 
_refine.pdbx_isotropic_thermal_model             ? 
_refine.pdbx_stereochemistry_target_values       'MAXIMUM LIKELIHOOD' 
_refine.pdbx_stereochem_target_val_spec_case     ? 
_refine.pdbx_R_Free_selection_details            RANDOM 
_refine.pdbx_overall_ESU_R                       0.057 
_refine.pdbx_overall_ESU_R_Free                  0.056 
_refine.overall_SU_ML                            0.032 
_refine.pdbx_overall_phase_error                 ? 
_refine.overall_SU_B                             0.897 
_refine.overall_SU_R_Cruickshank_DPI             ? 
_refine.pdbx_overall_SU_R_free_Cruickshank_DPI   ? 
_refine.pdbx_overall_SU_R_Blow_DPI               ? 
_refine.pdbx_overall_SU_R_free_Blow_DPI          ? 
# 
_refine_hist.pdbx_refine_id                   'X-RAY DIFFRACTION' 
_refine_hist.cycle_id                         LAST 
_refine_hist.pdbx_number_atoms_protein        473 
_refine_hist.pdbx_number_atoms_nucleic_acid   0 
_refine_hist.pdbx_number_atoms_ligand         34 
_refine_hist.number_atoms_solvent             79 
_refine_hist.number_atoms_total               586 
_refine_hist.d_res_high                       1.60 
_refine_hist.d_res_low                        20.00 
# 
loop_
_refine_ls_restr.type 
_refine_ls_restr.dev_ideal 
_refine_ls_restr.dev_ideal_target 
_refine_ls_restr.weight 
_refine_ls_restr.number 
_refine_ls_restr.pdbx_refine_id 
_refine_ls_restr.pdbx_restraint_function 
r_bond_refined_d             0.033  0.020  ? 522 'X-RAY DIFFRACTION' ? 
r_bond_other_d               ?      ?      ? ?   'X-RAY DIFFRACTION' ? 
r_angle_refined_deg          3.763  1.999  ? 719 'X-RAY DIFFRACTION' ? 
r_angle_other_deg            ?      ?      ? ?   'X-RAY DIFFRACTION' ? 
r_dihedral_angle_1_deg       6.192  5.000  ? 65  'X-RAY DIFFRACTION' ? 
r_dihedral_angle_2_deg       27.976 26.250 ? 24  'X-RAY DIFFRACTION' ? 
r_dihedral_angle_3_deg       10.752 15.000 ? 77  'X-RAY DIFFRACTION' ? 
r_dihedral_angle_4_deg       20.386 15.000 ? 2   'X-RAY DIFFRACTION' ? 
r_chiral_restr               0.302  0.200  ? 86  'X-RAY DIFFRACTION' ? 
r_gen_planes_refined         0.017  0.020  ? 397 'X-RAY DIFFRACTION' ? 
r_gen_planes_other           ?      ?      ? ?   'X-RAY DIFFRACTION' ? 
r_nbd_refined                ?      ?      ? ?   'X-RAY DIFFRACTION' ? 
r_nbd_other                  ?      ?      ? ?   'X-RAY DIFFRACTION' ? 
r_nbtor_refined              ?      ?      ? ?   'X-RAY DIFFRACTION' ? 
r_nbtor_other                ?      ?      ? ?   'X-RAY DIFFRACTION' ? 
r_xyhbond_nbd_refined        ?      ?      ? ?   'X-RAY DIFFRACTION' ? 
r_xyhbond_nbd_other          ?      ?      ? ?   'X-RAY DIFFRACTION' ? 
r_metal_ion_refined          ?      ?      ? ?   'X-RAY DIFFRACTION' ? 
r_metal_ion_other            ?      ?      ? ?   'X-RAY DIFFRACTION' ? 
r_symmetry_vdw_refined       ?      ?      ? ?   'X-RAY DIFFRACTION' ? 
r_symmetry_vdw_other         ?      ?      ? ?   'X-RAY DIFFRACTION' ? 
r_symmetry_hbond_refined     ?      ?      ? ?   'X-RAY DIFFRACTION' ? 
r_symmetry_hbond_other       ?      ?      ? ?   'X-RAY DIFFRACTION' ? 
r_symmetry_metal_ion_refined ?      ?      ? ?   'X-RAY DIFFRACTION' ? 
r_symmetry_metal_ion_other   ?      ?      ? ?   'X-RAY DIFFRACTION' ? 
r_mcbond_it                  ?      ?      ? ?   'X-RAY DIFFRACTION' ? 
r_mcbond_other               ?      ?      ? ?   'X-RAY DIFFRACTION' ? 
r_mcangle_it                 ?      ?      ? ?   'X-RAY DIFFRACTION' ? 
r_mcangle_other              ?      ?      ? ?   'X-RAY DIFFRACTION' ? 
r_scbond_it                  ?      ?      ? ?   'X-RAY DIFFRACTION' ? 
r_scbond_other               ?      ?      ? ?   'X-RAY DIFFRACTION' ? 
r_scangle_it                 ?      ?      ? ?   'X-RAY DIFFRACTION' ? 
r_scangle_other              ?      ?      ? ?   'X-RAY DIFFRACTION' ? 
r_long_range_B_refined       ?      ?      ? ?   'X-RAY DIFFRACTION' ? 
r_long_range_B_other         ?      ?      ? ?   'X-RAY DIFFRACTION' ? 
r_rigid_bond_restr           ?      ?      ? ?   'X-RAY DIFFRACTION' ? 
r_sphericity_free            ?      ?      ? ?   'X-RAY DIFFRACTION' ? 
r_sphericity_bonded          ?      ?      ? ?   'X-RAY DIFFRACTION' ? 
# 
_refine_ls_shell.pdbx_refine_id                   'X-RAY DIFFRACTION' 
_refine_ls_shell.pdbx_total_number_of_bins_used   20 
_refine_ls_shell.d_res_high                       1.600 
_refine_ls_shell.d_res_low                        1.641 
_refine_ls_shell.number_reflns_R_work             1001 
_refine_ls_shell.R_factor_R_work                  0.224 
_refine_ls_shell.percent_reflns_obs               100.00 
_refine_ls_shell.R_factor_R_free                  0.293 
_refine_ls_shell.R_factor_R_free_error            ? 
_refine_ls_shell.percent_reflns_R_free            ? 
_refine_ls_shell.number_reflns_R_free             53 
_refine_ls_shell.number_reflns_all                ? 
_refine_ls_shell.R_factor_all                     ? 
_refine_ls_shell.R_factor_obs                     ? 
_refine_ls_shell.number_reflns_obs                ? 
# 
_struct.entry_id                  4B2H 
_struct.title                     'COMPLEXES OF DODECIN WITH FLAVIN AND FLAVIN-LIKE LIGANDS' 
_struct.pdbx_model_details        ? 
_struct.pdbx_CASP_flag            ? 
_struct.pdbx_model_type_details   ? 
# 
_struct_keywords.entry_id        4B2H 
_struct_keywords.pdbx_keywords   FLAVOPROTEIN 
_struct_keywords.text            
'FLAVOPROTEIN, BIOTECHNOLOGICAL APPLICATION OF DODECIN BINDING PROPERTIES, FLAVIN-DNA LIGAND HYBRID' 
# 
loop_
_struct_asym.id 
_struct_asym.pdbx_blank_PDB_chainid_flag 
_struct_asym.pdbx_modified 
_struct_asym.entity_id 
_struct_asym.details 
A N N 1 ? 
B N N 2 ? 
C N N 3 ? 
D N N 4 ? 
E N N 2 ? 
F N N 5 ? 
G N N 6 ? 
H N N 7 ? 
# 
_struct_conf.conf_type_id            HELX_P 
_struct_conf.id                      HELX_P1 
_struct_conf.pdbx_PDB_helix_id       1 
_struct_conf.beg_label_comp_id       SER 
_struct_conf.beg_label_asym_id       A 
_struct_conf.beg_label_seq_id        15 
_struct_conf.pdbx_beg_PDB_ins_code   ? 
_struct_conf.end_label_comp_id       LEU 
_struct_conf.end_label_asym_id       A 
_struct_conf.end_label_seq_id        31 
_struct_conf.pdbx_end_PDB_ins_code   ? 
_struct_conf.beg_auth_comp_id        SER 
_struct_conf.beg_auth_asym_id        A 
_struct_conf.beg_auth_seq_id         15 
_struct_conf.end_auth_comp_id        LEU 
_struct_conf.end_auth_asym_id        A 
_struct_conf.end_auth_seq_id         31 
_struct_conf.pdbx_PDB_helix_class    1 
_struct_conf.details                 ? 
_struct_conf.pdbx_PDB_helix_length   17 
# 
_struct_conf_type.id          HELX_P 
_struct_conf_type.criteria    ? 
_struct_conf_type.reference   ? 
# 
loop_
_struct_conn.id 
_struct_conn.conn_type_id 
_struct_conn.pdbx_leaving_atom_flag 
_struct_conn.pdbx_PDB_id 
_struct_conn.ptnr1_label_asym_id 
_struct_conn.ptnr1_label_comp_id 
_struct_conn.ptnr1_label_seq_id 
_struct_conn.ptnr1_label_atom_id 
_struct_conn.pdbx_ptnr1_label_alt_id 
_struct_conn.pdbx_ptnr1_PDB_ins_code 
_struct_conn.pdbx_ptnr1_standard_comp_id 
_struct_conn.ptnr1_symmetry 
_struct_conn.ptnr2_label_asym_id 
_struct_conn.ptnr2_label_comp_id 
_struct_conn.ptnr2_label_seq_id 
_struct_conn.ptnr2_label_atom_id 
_struct_conn.pdbx_ptnr2_label_alt_id 
_struct_conn.pdbx_ptnr2_PDB_ins_code 
_struct_conn.ptnr1_auth_asym_id 
_struct_conn.ptnr1_auth_comp_id 
_struct_conn.ptnr1_auth_seq_id 
_struct_conn.ptnr2_auth_asym_id 
_struct_conn.ptnr2_auth_comp_id 
_struct_conn.ptnr2_auth_seq_id 
_struct_conn.ptnr2_symmetry 
_struct_conn.pdbx_ptnr3_label_atom_id 
_struct_conn.pdbx_ptnr3_label_seq_id 
_struct_conn.pdbx_ptnr3_label_comp_id 
_struct_conn.pdbx_ptnr3_label_asym_id 
_struct_conn.pdbx_ptnr3_label_alt_id 
_struct_conn.pdbx_ptnr3_PDB_ins_code 
_struct_conn.details 
_struct_conn.pdbx_dist_value 
_struct_conn.pdbx_value_order 
_struct_conn.pdbx_role 
metalc1  metalc ? ? A GLU 14 OE2 ? ? ? 1_555  F MG  . MG ? ? A GLU 14  A MG  105  1_555  ? ? ? ? ? ? ? 2.117 ? ? 
metalc2  metalc ? ? A ASP 41 OD2 ? ? ? 80_555 B NA  . NA ? ? A ASP 41  A NA  101  1_555  ? ? ? ? ? ? ? 2.155 ? ? 
metalc3  metalc ? ? B NA  .  NA  ? ? ? 1_555  H HOH . O  ? ? A NA  101 A HOH 2059 80_555 ? ? ? ? ? ? ? 2.528 ? ? 
metalc4  metalc ? ? B NA  .  NA  ? ? ? 1_555  H HOH . O  ? ? A NA  101 A HOH 2072 1_555  ? ? ? ? ? ? ? 1.962 ? ? 
metalc5  metalc ? ? B NA  .  NA  ? ? ? 1_555  H HOH . O  ? ? A NA  101 A HOH 2073 1_555  ? ? ? ? ? ? ? 2.266 ? ? 
metalc6  metalc ? ? B NA  .  NA  ? ? ? 1_555  H HOH . O  ? ? A NA  101 A HOH 2074 1_555  ? ? ? ? ? ? ? 2.362 ? ? 
metalc7  metalc ? ? E NA  .  NA  ? ? ? 1_555  G CL  . CL ? ? A NA  104 A CL  106  1_555  ? ? ? ? ? ? ? 2.679 ? ? 
metalc8  metalc ? ? E NA  .  NA  ? ? ? 1_555  G CL  . CL ? ? A NA  104 A CL  106  59_555 ? ? ? ? ? ? ? 2.679 ? ? 
metalc9  metalc ? ? E NA  .  NA  ? ? ? 1_555  G CL  . CL ? ? A NA  104 A CL  106  80_555 ? ? ? ? ? ? ? 2.679 ? ? 
metalc10 metalc ? ? E NA  .  NA  ? ? ? 1_555  H HOH . O  ? ? A NA  104 A HOH 2008 59_555 ? ? ? ? ? ? ? 2.307 ? ? 
metalc11 metalc ? ? E NA  .  NA  ? ? ? 1_555  H HOH . O  ? ? A NA  104 A HOH 2008 80_555 ? ? ? ? ? ? ? 2.307 ? ? 
metalc12 metalc ? ? E NA  .  NA  ? ? ? 1_555  H HOH . O  ? ? A NA  104 A HOH 2008 1_555  ? ? ? ? ? ? ? 2.307 ? ? 
metalc13 metalc ? ? E NA  .  NA  ? ? ? 1_555  H HOH . O  ? ? A NA  104 A HOH 2078 1_555  ? ? ? ? ? ? ? 2.773 ? ? 
metalc14 metalc ? ? E NA  .  NA  ? ? ? 1_555  H HOH . O  ? ? A NA  104 A HOH 2078 59_555 ? ? ? ? ? ? ? 2.773 ? ? 
metalc15 metalc ? ? E NA  .  NA  ? ? ? 1_555  H HOH . O  ? ? A NA  104 A HOH 2078 80_555 ? ? ? ? ? ? ? 2.773 ? ? 
metalc16 metalc ? ? F MG  .  MG  ? ? ? 1_555  H HOH . O  ? ? A MG  105 A HOH 2021 1_555  ? ? ? ? ? ? ? 2.126 ? ? 
metalc17 metalc ? ? F MG  .  MG  ? ? ? 1_555  H HOH . O  ? ? A MG  105 A HOH 2023 1_555  ? ? ? ? ? ? ? 2.105 ? ? 
metalc18 metalc ? ? F MG  .  MG  ? ? ? 1_555  H HOH . O  ? ? A MG  105 A HOH 2027 1_555  ? ? ? ? ? ? ? 2.040 ? ? 
metalc19 metalc ? ? F MG  .  MG  ? ? ? 1_555  H HOH . O  ? ? A MG  105 A HOH 2028 1_555  ? ? ? ? ? ? ? 2.097 ? ? 
metalc20 metalc ? ? F MG  .  MG  ? ? ? 1_555  H HOH . O  ? ? A MG  105 A HOH 2079 1_555  ? ? ? ? ? ? ? 2.118 ? ? 
# 
_struct_conn_type.id          metalc 
_struct_conn_type.criteria    ? 
_struct_conn_type.reference   ? 
# 
_struct_sheet.id               AA 
_struct_sheet.type             ? 
_struct_sheet.number_strands   3 
_struct_sheet.details          ? 
# 
loop_
_struct_sheet_order.sheet_id 
_struct_sheet_order.range_id_1 
_struct_sheet_order.range_id_2 
_struct_sheet_order.offset 
_struct_sheet_order.sense 
AA 1 2 ? anti-parallel 
AA 2 3 ? anti-parallel 
# 
loop_
_struct_sheet_range.sheet_id 
_struct_sheet_range.id 
_struct_sheet_range.beg_label_comp_id 
_struct_sheet_range.beg_label_asym_id 
_struct_sheet_range.beg_label_seq_id 
_struct_sheet_range.pdbx_beg_PDB_ins_code 
_struct_sheet_range.end_label_comp_id 
_struct_sheet_range.end_label_asym_id 
_struct_sheet_range.end_label_seq_id 
_struct_sheet_range.pdbx_end_PDB_ins_code 
_struct_sheet_range.beg_auth_comp_id 
_struct_sheet_range.beg_auth_asym_id 
_struct_sheet_range.beg_auth_seq_id 
_struct_sheet_range.end_auth_comp_id 
_struct_sheet_range.end_auth_asym_id 
_struct_sheet_range.end_auth_seq_id 
AA 1 PHE A 3  ? SER A 12 ? PHE A 3  SER A 12 
AA 2 ARG A 50 ? GLU A 61 ? ARG A 50 GLU A 61 
AA 3 VAL A 34 ? ILE A 46 ? VAL A 34 ILE A 46 
# 
loop_
_pdbx_struct_sheet_hbond.sheet_id 
_pdbx_struct_sheet_hbond.range_id_1 
_pdbx_struct_sheet_hbond.range_id_2 
_pdbx_struct_sheet_hbond.range_1_label_atom_id 
_pdbx_struct_sheet_hbond.range_1_label_comp_id 
_pdbx_struct_sheet_hbond.range_1_label_asym_id 
_pdbx_struct_sheet_hbond.range_1_label_seq_id 
_pdbx_struct_sheet_hbond.range_1_PDB_ins_code 
_pdbx_struct_sheet_hbond.range_1_auth_atom_id 
_pdbx_struct_sheet_hbond.range_1_auth_comp_id 
_pdbx_struct_sheet_hbond.range_1_auth_asym_id 
_pdbx_struct_sheet_hbond.range_1_auth_seq_id 
_pdbx_struct_sheet_hbond.range_2_label_atom_id 
_pdbx_struct_sheet_hbond.range_2_label_comp_id 
_pdbx_struct_sheet_hbond.range_2_label_asym_id 
_pdbx_struct_sheet_hbond.range_2_label_seq_id 
_pdbx_struct_sheet_hbond.range_2_PDB_ins_code 
_pdbx_struct_sheet_hbond.range_2_auth_atom_id 
_pdbx_struct_sheet_hbond.range_2_auth_comp_id 
_pdbx_struct_sheet_hbond.range_2_auth_asym_id 
_pdbx_struct_sheet_hbond.range_2_auth_seq_id 
AA 1 2 N SER A 12 ? N SER A 12 O TYR A 52 ? O TYR A 52 
AA 2 3 O ALA A 59 ? O ALA A 59 N VAL A 35 ? N VAL A 35 
# 
loop_
_struct_site.id 
_struct_site.pdbx_evidence_code 
_struct_site.pdbx_auth_asym_id 
_struct_site.pdbx_auth_comp_id 
_struct_site.pdbx_auth_seq_id 
_struct_site.pdbx_auth_ins_code 
_struct_site.pdbx_num_residues 
_struct_site.details 
AC1 Software A NA  101 ? 5  'BINDING SITE FOR RESIDUE NA A 101'  
AC2 Software A MG  105 ? 6  'BINDING SITE FOR RESIDUE MG A 105'  
AC3 Software A NA  104 ? 9  'BINDING SITE FOR RESIDUE NA A 104'  
AC4 Software A CL  106 ? 9  'BINDING SITE FOR RESIDUE CL A 106'  
AC5 Software A SO4 102 ? 12 'BINDING SITE FOR RESIDUE SO4 A 102' 
AC6 Software A C3F 103 ? 9  'BINDING SITE FOR RESIDUE C3F A 103' 
# 
loop_
_struct_site_gen.id 
_struct_site_gen.site_id 
_struct_site_gen.pdbx_num_res 
_struct_site_gen.label_comp_id 
_struct_site_gen.label_asym_id 
_struct_site_gen.label_seq_id 
_struct_site_gen.pdbx_auth_ins_code 
_struct_site_gen.auth_comp_id 
_struct_site_gen.auth_asym_id 
_struct_site_gen.auth_seq_id 
_struct_site_gen.label_atom_id 
_struct_site_gen.label_alt_id 
_struct_site_gen.symmetry 
_struct_site_gen.details 
1  AC1 5  ASP A 41 ? ASP A 41   . ? 80_555 ? 
2  AC1 5  HOH H .  ? HOH A 2059 . ? 80_555 ? 
3  AC1 5  HOH H .  ? HOH A 2072 . ? 1_555  ? 
4  AC1 5  HOH H .  ? HOH A 2073 . ? 1_555  ? 
5  AC1 5  HOH H .  ? HOH A 2074 . ? 1_555  ? 
6  AC2 6  GLU A 14 ? GLU A 14   . ? 1_555  ? 
7  AC2 6  HOH H .  ? HOH A 2021 . ? 1_555  ? 
8  AC2 6  HOH H .  ? HOH A 2023 . ? 1_555  ? 
9  AC2 6  HOH H .  ? HOH A 2027 . ? 1_555  ? 
10 AC2 6  HOH H .  ? HOH A 2028 . ? 1_555  ? 
11 AC2 6  HOH H .  ? HOH A 2079 . ? 1_555  ? 
12 AC3 9  CL  G .  ? CL  A 106  . ? 1_555  ? 
13 AC3 9  CL  G .  ? CL  A 106  . ? 59_555 ? 
14 AC3 9  CL  G .  ? CL  A 106  . ? 80_555 ? 
15 AC3 9  HOH H .  ? HOH A 2008 . ? 1_555  ? 
16 AC3 9  HOH H .  ? HOH A 2008 . ? 80_555 ? 
17 AC3 9  HOH H .  ? HOH A 2008 . ? 59_555 ? 
18 AC3 9  HOH H .  ? HOH A 2078 . ? 80_555 ? 
19 AC3 9  HOH H .  ? HOH A 2078 . ? 59_555 ? 
20 AC3 9  HOH H .  ? HOH A 2078 . ? 1_555  ? 
21 AC4 9  GLN A 57 ? GLN A 57   . ? 80_555 ? 
22 AC4 9  GLN A 57 ? GLN A 57   . ? 59_555 ? 
23 AC4 9  GLN A 57 ? GLN A 57   . ? 1_555  ? 
24 AC4 9  NA  E .  ? NA  A 104  . ? 59_555 ? 
25 AC4 9  NA  E .  ? NA  A 104  . ? 80_555 ? 
26 AC4 9  NA  E .  ? NA  A 104  . ? 1_555  ? 
27 AC4 9  HOH H .  ? HOH A 2037 . ? 59_555 ? 
28 AC4 9  HOH H .  ? HOH A 2037 . ? 80_555 ? 
29 AC4 9  HOH H .  ? HOH A 2037 . ? 1_555  ? 
30 AC5 12 SER A 15 ? SER A 15   . ? 5_555  ? 
31 AC5 12 SER A 15 ? SER A 15   . ? 9_555  ? 
32 AC5 12 SER A 15 ? SER A 15   . ? 1_555  ? 
33 AC5 12 PHE A 16 ? PHE A 16   . ? 9_555  ? 
34 AC5 12 PHE A 16 ? PHE A 16   . ? 1_555  ? 
35 AC5 12 PHE A 16 ? PHE A 16   . ? 5_555  ? 
36 AC5 12 THR A 17 ? THR A 17   . ? 5_555  ? 
37 AC5 12 THR A 17 ? THR A 17   . ? 1_555  ? 
38 AC5 12 THR A 17 ? THR A 17   . ? 9_555  ? 
39 AC5 12 HOH H .  ? HOH A 2075 . ? 9_555  ? 
40 AC5 12 HOH H .  ? HOH A 2075 . ? 5_555  ? 
41 AC5 12 HOH H .  ? HOH A 2075 . ? 1_555  ? 
42 AC6 9  PHE A 3  ? PHE A 3    . ? 1_555  ? 
43 AC6 9  VAL A 35 ? VAL A 35   . ? 1_555  ? 
44 AC6 9  TRP A 36 ? TRP A 36   . ? 1_555  ? 
45 AC6 9  VAL A 44 ? VAL A 44   . ? 5_555  ? 
46 AC6 9  ALA A 45 ? ALA A 45   . ? 5_555  ? 
47 AC6 9  ILE A 46 ? ILE A 46   . ? 5_555  ? 
48 AC6 9  GLN A 53 ? GLN A 53   . ? 5_555  ? 
49 AC6 9  GLN A 53 ? GLN A 53   . ? 80_555 ? 
50 AC6 9  HOH H .  ? HOH A 2077 . ? 1_555  ? 
# 
_atom_sites.entry_id                    4B2H 
_atom_sites.fract_transf_matrix[1][1]   0.00173830 
_atom_sites.fract_transf_matrix[1][2]   -0.00302434 
_atom_sites.fract_transf_matrix[1][3]   0.00611730 
_atom_sites.fract_transf_matrix[2][1]   0.00290440 
_atom_sites.fract_transf_matrix[2][2]   -0.00538447 
_atom_sites.fract_transf_matrix[2][3]   -0.00348736 
_atom_sites.fract_transf_matrix[3][1]   0.00617515 
_atom_sites.fract_transf_matrix[3][2]   0.00338387 
_atom_sites.fract_transf_matrix[3][3]   -0.00008179 
_atom_sites.fract_transf_vector[1]      0.109462 
_atom_sites.fract_transf_vector[2]      0.110060 
_atom_sites.fract_transf_vector[3]      0.001092 
# 
loop_
_atom_type.symbol 
C  
CL 
MG 
N  
NA 
O  
S  
# 
loop_
_atom_site.group_PDB 
_atom_site.id 
_atom_site.type_symbol 
_atom_site.label_atom_id 
_atom_site.label_alt_id 
_atom_site.label_comp_id 
_atom_site.label_asym_id 
_atom_site.label_entity_id 
_atom_site.label_seq_id 
_atom_site.pdbx_PDB_ins_code 
_atom_site.Cartn_x 
_atom_site.Cartn_y 
_atom_site.Cartn_z 
_atom_site.occupancy 
_atom_site.B_iso_or_equiv 
_atom_site.pdbx_formal_charge 
_atom_site.auth_seq_id 
_atom_site.auth_comp_id 
_atom_site.auth_asym_id 
_atom_site.auth_atom_id 
_atom_site.pdbx_PDB_model_num 
ATOM   1   N  N     . VAL A 1 2  ? -11.758 -7.079  -15.944 1.00 19.24 ? 2    VAL A N     1 
ATOM   2   C  CA    . VAL A 1 2  ? -12.260 -6.042  -14.904 1.00 16.52 ? 2    VAL A CA    1 
ATOM   3   C  C     . VAL A 1 2  ? -11.153 -5.979  -13.861 1.00 16.96 ? 2    VAL A C     1 
ATOM   4   O  O     . VAL A 1 2  ? -10.590 -7.027  -13.399 1.00 18.82 ? 2    VAL A O     1 
ATOM   5   C  CB    . VAL A 1 2  ? -13.513 -6.465  -14.171 1.00 17.54 ? 2    VAL A CB    1 
ATOM   6   C  CG1   . VAL A 1 2  ? -14.013 -5.465  -13.151 1.00 17.48 ? 2    VAL A CG1   1 
ATOM   7   C  CG2   . VAL A 1 2  ? -14.706 -6.652  -15.211 1.00 21.17 ? 2    VAL A CG2   1 
ATOM   8   N  N     . PHE A 1 3  ? -10.796 -4.767  -13.368 1.00 15.39 ? 3    PHE A N     1 
ATOM   9   C  CA    . PHE A 1 3  ? -9.848  -4.638  -12.261 1.00 14.54 ? 3    PHE A CA    1 
ATOM   10  C  C     . PHE A 1 3  ? -10.626 -4.173  -11.040 1.00 14.82 ? 3    PHE A C     1 
ATOM   11  O  O     . PHE A 1 3  ? -11.680 -3.533  -11.186 1.00 16.37 ? 3    PHE A O     1 
ATOM   12  C  CB    . PHE A 1 3  ? -8.819  -3.480  -12.606 1.00 14.70 ? 3    PHE A CB    1 
ATOM   13  C  CG    . PHE A 1 3  ? -7.997  -3.765  -13.874 1.00 15.29 ? 3    PHE A CG    1 
ATOM   14  C  CD1   . PHE A 1 3  ? -6.936  -4.683  -13.811 1.00 17.71 ? 3    PHE A CD1   1 
ATOM   15  C  CD2   . PHE A 1 3  ? -8.367  -3.124  -15.061 1.00 20.28 ? 3    PHE A CD2   1 
ATOM   16  C  CE1   . PHE A 1 3  ? -6.204  -4.916  -14.967 1.00 19.98 ? 3    PHE A CE1   1 
ATOM   17  C  CE2   . PHE A 1 3  ? -7.567  -3.338  -16.213 1.00 21.30 ? 3    PHE A CE2   1 
ATOM   18  C  CZ    . PHE A 1 3  ? -6.558  -4.300  -16.099 1.00 19.70 ? 3    PHE A CZ    1 
ATOM   19  N  N     . LYS A 1 4  ? -10.119 -4.536  -9.880  1.00 13.46 ? 4    LYS A N     1 
ATOM   20  C  CA    . LYS A 1 4  ? -10.741 -4.031  -8.644  1.00 12.58 ? 4    LYS A CA    1 
ATOM   21  C  C     . LYS A 1 4  ? -9.572  -3.456  -7.839  1.00 12.93 ? 4    LYS A C     1 
ATOM   22  O  O     . LYS A 1 4  ? -8.423  -3.837  -7.962  1.00 14.87 ? 4    LYS A O     1 
ATOM   23  C  CB    . LYS A 1 4  ? -11.302 -5.259  -7.867  1.00 14.50 ? 4    LYS A CB    1 
ATOM   24  C  CG    . LYS A 1 4  ? -11.895 -4.915  -6.515  1.00 15.40 ? 4    LYS A CG    1 
ATOM   25  C  CD    . LYS A 1 4  ? -12.549 -6.220  -5.936  1.00 19.14 ? 4    LYS A CD    1 
ATOM   26  C  CE    . LYS A 1 4  ? -13.005 -5.854  -4.558  1.00 26.41 ? 4    LYS A CE    1 
ATOM   27  N  NZ    . LYS A 1 4  ? -13.757 -7.161  -4.161  1.00 30.69 ? 4    LYS A NZ    1 
ATOM   28  N  N     . LYS A 1 5  ? -9.910  -2.447  -7.044  1.00 12.33 ? 5    LYS A N     1 
ATOM   29  C  CA    . LYS A 1 5  ? -8.863  -1.822  -6.186  1.00 12.22 ? 5    LYS A CA    1 
ATOM   30  C  C     . LYS A 1 5  ? -9.274  -1.971  -4.731  1.00 13.36 ? 5    LYS A C     1 
ATOM   31  O  O     . LYS A 1 5  ? -10.439 -1.853  -4.330  1.00 14.70 ? 5    LYS A O     1 
ATOM   32  C  CB    . LYS A 1 5  ? -8.818  -0.316  -6.460  1.00 12.63 ? 5    LYS A CB    1 
ATOM   33  C  CG    . LYS A 1 5  ? -8.042  -0.025  -7.784  1.00 12.99 ? 5    LYS A CG    1 
ATOM   34  C  CD    . LYS A 1 5  ? -8.214  1.477   -8.160  1.00 14.38 ? 5    LYS A CD    1 
ATOM   35  C  CE    . LYS A 1 5  ? -7.486  1.655   -9.466  1.00 18.55 ? 5    LYS A CE    1 
ATOM   36  N  NZ    . LYS A 1 5  ? -7.723  3.131   -10.000 1.00 24.49 ? 5    LYS A NZ    1 
ATOM   37  N  N     A VAL A 1 6  ? -8.253  -2.248  -3.896  0.50 11.57 ? 6    VAL A N     1 
ATOM   38  N  N     B VAL A 1 6  ? -8.212  -2.155  -3.917  0.50 13.37 ? 6    VAL A N     1 
ATOM   39  C  CA    A VAL A 1 6  ? -8.421  -2.185  -2.440  0.50 11.34 ? 6    VAL A CA    1 
ATOM   40  C  CA    B VAL A 1 6  ? -8.297  -2.226  -2.452  0.50 14.59 ? 6    VAL A CA    1 
ATOM   41  C  C     A VAL A 1 6  ? -7.620  -0.984  -1.942  0.50 11.30 ? 6    VAL A C     1 
ATOM   42  C  C     B VAL A 1 6  ? -7.509  -1.055  -1.812  0.50 13.39 ? 6    VAL A C     1 
ATOM   43  O  O     A VAL A 1 6  ? -6.543  -0.690  -2.520  0.50 12.23 ? 6    VAL A O     1 
ATOM   44  O  O     B VAL A 1 6  ? -6.358  -0.787  -2.170  0.50 13.22 ? 6    VAL A O     1 
ATOM   45  C  CB    A VAL A 1 6  ? -8.019  -3.522  -1.726  0.50 10.24 ? 6    VAL A CB    1 
ATOM   46  C  CB    B VAL A 1 6  ? -7.882  -3.656  -1.974  0.50 16.28 ? 6    VAL A CB    1 
ATOM   47  C  CG1   A VAL A 1 6  ? -9.253  -4.475  -1.857  0.50 13.53 ? 6    VAL A CG1   1 
ATOM   48  C  CG1   B VAL A 1 6  ? -7.868  -3.743  -0.443  0.50 19.50 ? 6    VAL A CG1   1 
ATOM   49  C  CG2   A VAL A 1 6  ? -6.598  -3.980  -2.194  0.50 7.32  ? 6    VAL A CG2   1 
ATOM   50  C  CG2   B VAL A 1 6  ? -8.917  -4.584  -2.645  0.50 21.08 ? 6    VAL A CG2   1 
ATOM   51  N  N     . LEU A 1 7  ? -8.126  -0.384  -0.838  1.00 11.76 ? 7    LEU A N     1 
ATOM   52  C  CA    . LEU A 1 7  ? -7.516  0.894   -0.314  1.00 11.55 ? 7    LEU A CA    1 
ATOM   53  C  C     . LEU A 1 7  ? -6.757  0.518   0.982   1.00 12.25 ? 7    LEU A C     1 
ATOM   54  O  O     . LEU A 1 7  ? -7.331  0.297   2.024   1.00 13.09 ? 7    LEU A O     1 
ATOM   55  C  CB    . LEU A 1 7  ? -8.680  1.876   -0.072  1.00 11.28 ? 7    LEU A CB    1 
ATOM   56  C  CG    . LEU A 1 7  ? -8.170  3.184   0.498   1.00 11.23 ? 7    LEU A CG    1 
ATOM   57  C  CD1   . LEU A 1 7  ? -7.213  3.901   -0.504  1.00 12.76 ? 7    LEU A CD1   1 
ATOM   58  C  CD2   . LEU A 1 7  ? -9.406  4.143   0.596   1.00 12.60 ? 7    LEU A CD2   1 
ATOM   59  N  N     . LEU A 1 8  ? -5.416  0.463   0.767   1.00 11.17 ? 8    LEU A N     1 
ATOM   60  C  CA    . LEU A 1 8  ? -4.556  0.024   1.862   1.00 14.03 ? 8    LEU A CA    1 
ATOM   61  C  C     . LEU A 1 8  ? -3.598  1.078   2.295   1.00 13.64 ? 8    LEU A C     1 
ATOM   62  O  O     . LEU A 1 8  ? -3.019  1.769   1.445   1.00 13.19 ? 8    LEU A O     1 
ATOM   63  C  CB    . LEU A 1 8  ? -3.713  -1.229  1.325   1.00 13.24 ? 8    LEU A CB    1 
ATOM   64  C  CG    . LEU A 1 8  ? -4.566  -2.427  0.873   1.00 13.50 ? 8    LEU A CG    1 
ATOM   65  C  CD1   . LEU A 1 8  ? -3.595  -3.528  0.365   1.00 16.33 ? 8    LEU A CD1   1 
ATOM   66  C  CD2   . LEU A 1 8  ? -5.358  -2.965  2.101   1.00 17.44 ? 8    LEU A CD2   1 
ATOM   67  N  N     . THR A 1 9  ? -3.300  1.107   3.602   1.00 12.92 ? 9    THR A N     1 
ATOM   68  C  CA    . THR A 1 9  ? -2.262  2.056   4.106   1.00 11.67 ? 9    THR A CA    1 
ATOM   69  C  C     . THR A 1 9  ? -1.082  1.200   4.622   1.00 13.54 ? 9    THR A C     1 
ATOM   70  O  O     . THR A 1 9  ? -1.262  0.431   5.565   1.00 14.45 ? 9    THR A O     1 
ATOM   71  C  CB    . THR A 1 9  ? -2.812  2.828   5.266   1.00 13.31 ? 9    THR A CB    1 
ATOM   72  O  OG1   . THR A 1 9  ? -3.890  3.730   4.720   1.00 15.19 ? 9    THR A OG1   1 
ATOM   73  C  CG2   . THR A 1 9  ? -1.773  3.846   5.802   1.00 14.25 ? 9    THR A CG2   1 
ATOM   74  N  N     . GLY A 1 10 ? 0.004   1.333   3.928   1.00 12.74 ? 10   GLY A N     1 
ATOM   75  C  CA    . GLY A 1 10 ? 1.287   0.607   4.336   1.00 13.37 ? 10   GLY A CA    1 
ATOM   76  C  C     . GLY A 1 10 ? 2.028   1.528   5.303   1.00 15.46 ? 10   GLY A C     1 
ATOM   77  O  O     . GLY A 1 10 ? 1.885   2.760   5.363   1.00 13.90 ? 10   GLY A O     1 
ATOM   78  N  N     . THR A 1 11 ? 2.898   0.881   6.130   1.00 14.71 ? 11   THR A N     1 
ATOM   79  C  CA    . THR A 1 11 ? 3.682   1.655   7.115   1.00 13.92 ? 11   THR A CA    1 
ATOM   80  C  C     . THR A 1 11 ? 5.177   1.219   7.010   1.00 14.16 ? 11   THR A C     1 
ATOM   81  O  O     . THR A 1 11 ? 5.475   0.089   6.670   1.00 17.18 ? 11   THR A O     1 
ATOM   82  C  CB    . THR A 1 11 ? 3.171   1.522   8.540   1.00 17.94 ? 11   THR A CB    1 
ATOM   83  O  OG1   . THR A 1 11 ? 3.400   0.161   9.040   1.00 19.55 ? 11   THR A OG1   1 
ATOM   84  C  CG2   . THR A 1 11 ? 1.591   1.750   8.600   1.00 20.18 ? 11   THR A CG2   1 
ATOM   85  N  N     . SER A 1 12 ? 6.008   2.188   7.452   1.00 14.70 ? 12   SER A N     1 
ATOM   86  C  CA    . SER A 1 12 ? 7.444   1.885   7.481   1.00 13.53 ? 12   SER A CA    1 
ATOM   87  C  C     . SER A 1 12 ? 8.055   2.856   8.399   1.00 16.28 ? 12   SER A C     1 
ATOM   88  O  O     . SER A 1 12 ? 7.737   4.047   8.443   1.00 19.02 ? 12   SER A O     1 
ATOM   89  C  CB    . SER A 1 12 ? 8.004   2.153   6.102   1.00 16.16 ? 12   SER A CB    1 
ATOM   90  O  OG    . SER A 1 12 ? 9.475   2.057   6.081   1.00 16.30 ? 12   SER A OG    1 
ATOM   91  N  N     . GLU A 1 13 ? 9.087   2.427   9.180   1.00 15.79 ? 13   GLU A N     1 
ATOM   92  C  CA    . GLU A 1 13 ? 9.869   3.438   9.878   1.00 15.70 ? 13   GLU A CA    1 
ATOM   93  C  C     . GLU A 1 13 ? 10.998  3.984   9.068   1.00 15.01 ? 13   GLU A C     1 
ATOM   94  O  O     . GLU A 1 13 ? 11.827  4.751   9.622   1.00 17.80 ? 13   GLU A O     1 
ATOM   95  C  CB    . GLU A 1 13 ? 10.476  2.726   11.219  1.00 17.93 ? 13   GLU A CB    1 
ATOM   96  C  CG    . GLU A 1 13 ? 9.312   2.391   12.077  1.00 22.56 ? 13   GLU A CG    1 
ATOM   97  C  CD    . GLU A 1 13 ? 9.794   1.717   13.418  1.00 26.90 ? 13   GLU A CD    1 
ATOM   98  O  OE1   . GLU A 1 13 ? 11.051  1.731   13.621  1.00 33.20 ? 13   GLU A OE1   1 
ATOM   99  O  OE2   . GLU A 1 13 ? 8.896   1.163   14.058  1.00 29.08 ? 13   GLU A OE2   1 
ATOM   100 N  N     . GLU A 1 14 ? 11.093  3.750   7.745   1.00 14.33 ? 14   GLU A N     1 
ATOM   101 C  CA    . GLU A 1 14 ? 12.192  4.202   6.934   1.00 16.60 ? 14   GLU A CA    1 
ATOM   102 C  C     . GLU A 1 14 ? 11.751  5.272   5.925   1.00 14.90 ? 14   GLU A C     1 
ATOM   103 O  O     . GLU A 1 14 ? 12.433  6.305   5.802   1.00 17.03 ? 14   GLU A O     1 
ATOM   104 C  CB    . GLU A 1 14 ? 12.829  3.058   6.144   1.00 17.59 ? 14   GLU A CB    1 
ATOM   105 C  CG    . GLU A 1 14 ? 13.257  1.973   7.221   1.00 20.54 ? 14   GLU A CG    1 
ATOM   106 C  CD    . GLU A 1 14 ? 14.207  2.527   8.362   1.00 17.88 ? 14   GLU A CD    1 
ATOM   107 O  OE1   . GLU A 1 14 ? 14.869  3.555   8.161   1.00 21.57 ? 14   GLU A OE1   1 
ATOM   108 O  OE2   . GLU A 1 14 ? 14.144  1.754   9.397   1.00 20.55 ? 14   GLU A OE2   1 
ATOM   109 N  N     . SER A 1 15 ? 10.658  4.994   5.085   1.00 14.20 ? 15   SER A N     1 
ATOM   110 C  CA    . SER A 1 15 ? 10.474  6.032   4.083   1.00 13.99 ? 15   SER A CA    1 
ATOM   111 C  C     . SER A 1 15 ? 9.007   5.816   3.497   1.00 12.31 ? 15   SER A C     1 
ATOM   112 O  O     . SER A 1 15 ? 8.369   4.792   3.745   1.00 12.93 ? 15   SER A O     1 
ATOM   113 C  CB    . SER A 1 15 ? 11.352  5.834   2.839   1.00 15.33 ? 15   SER A CB    1 
ATOM   114 O  OG    . SER A 1 15 ? 11.173  4.540   2.181   1.00 14.91 ? 15   SER A OG    1 
ATOM   115 N  N     . PHE A 1 16 ? 8.575   6.856   2.785   1.00 13.89 ? 16   PHE A N     1 
ATOM   116 C  CA    . PHE A 1 16 ? 7.250   6.696   2.093   1.00 13.15 ? 16   PHE A CA    1 
ATOM   117 C  C     . PHE A 1 16 ? 7.247   5.658   1.037   1.00 14.02 ? 16   PHE A C     1 
ATOM   118 O  O     . PHE A 1 16 ? 6.247   4.946   0.824   1.00 13.79 ? 16   PHE A O     1 
ATOM   119 C  CB    . PHE A 1 16 ? 6.897   8.077   1.430   1.00 12.80 ? 16   PHE A CB    1 
ATOM   120 C  CG    . PHE A 1 16 ? 6.604   9.133   2.435   1.00 10.89 ? 16   PHE A CG    1 
ATOM   121 C  CD1   . PHE A 1 16 ? 5.571   8.956   3.367   1.00 12.67 ? 16   PHE A CD1   1 
ATOM   122 C  CD2   . PHE A 1 16 ? 7.255   10.360  2.292   1.00 13.83 ? 16   PHE A CD2   1 
ATOM   123 C  CE1   . PHE A 1 16 ? 5.342   10.026  4.315   1.00 14.29 ? 16   PHE A CE1   1 
ATOM   124 C  CE2   . PHE A 1 16 ? 7.047   11.419  3.246   1.00 13.79 ? 16   PHE A CE2   1 
ATOM   125 C  CZ    . PHE A 1 16 ? 6.058   11.247  4.234   1.00 13.80 ? 16   PHE A CZ    1 
ATOM   126 N  N     . THR A 1 17 ? 8.391   5.429   0.318   1.00 12.16 ? 17   THR A N     1 
ATOM   127 C  CA    . THR A 1 17 ? 8.457   4.388   -0.705  1.00 11.67 ? 17   THR A CA    1 
ATOM   128 C  C     . THR A 1 17 ? 8.313   3.068   0.032   1.00 13.34 ? 17   THR A C     1 
ATOM   129 O  O     . THR A 1 17 ? 7.555   2.184   -0.409  1.00 12.73 ? 17   THR A O     1 
ATOM   130 C  CB    . THR A 1 17 ? 9.815   4.399   -1.419  1.00 13.35 ? 17   THR A CB    1 
ATOM   131 O  OG1   . THR A 1 17 ? 9.929   5.618   -2.166  1.00 13.72 ? 17   THR A OG1   1 
ATOM   132 C  CG2   . THR A 1 17 ? 9.884   3.272   -2.482  1.00 15.63 ? 17   THR A CG2   1 
ATOM   133 N  N     . ALA A 1 18 ? 9.002   2.825   1.136   1.00 13.74 ? 18   ALA A N     1 
ATOM   134 C  CA    . ALA A 1 18 ? 8.913   1.503   1.756   1.00 15.17 ? 18   ALA A CA    1 
ATOM   135 C  C     . ALA A 1 18 ? 7.508   1.294   2.379   1.00 13.72 ? 18   ALA A C     1 
ATOM   136 O  O     . ALA A 1 18 ? 7.065   0.150   2.471   1.00 14.87 ? 18   ALA A O     1 
ATOM   137 C  CB    . ALA A 1 18 ? 9.978   1.412   2.905   1.00 14.46 ? 18   ALA A CB    1 
ATOM   138 N  N     . ALA A 1 19 ? 6.861   2.418   2.787   1.00 12.94 ? 19   ALA A N     1 
ATOM   139 C  CA    . ALA A 1 19 ? 5.463   2.183   3.293   1.00 12.86 ? 19   ALA A CA    1 
ATOM   140 C  C     . ALA A 1 19 ? 4.518   1.817   2.126   1.00 12.78 ? 19   ALA A C     1 
ATOM   141 O  O     . ALA A 1 19 ? 3.687   0.939   2.356   1.00 13.40 ? 19   ALA A O     1 
ATOM   142 C  CB    . ALA A 1 19 ? 4.972   3.510   3.974   1.00 12.67 ? 19   ALA A CB    1 
ATOM   143 N  N     . ALA A 1 20 ? 4.756   2.372   0.910   1.00 13.12 ? 20   ALA A N     1 
ATOM   144 C  CA    . ALA A 1 20 ? 3.953   1.880   -0.226  1.00 12.92 ? 20   ALA A CA    1 
ATOM   145 C  C     . ALA A 1 20 ? 4.220   0.380   -0.478  1.00 14.75 ? 20   ALA A C     1 
ATOM   146 O  O     . ALA A 1 20 ? 3.309   -0.407  -0.678  1.00 14.43 ? 20   ALA A O     1 
ATOM   147 C  CB    . ALA A 1 20 ? 4.280   2.683   -1.495  1.00 13.59 ? 20   ALA A CB    1 
ATOM   148 N  N     . ASP A 1 21 ? 5.507   -0.023  -0.370  1.00 14.57 ? 21   ASP A N     1 
ATOM   149 C  CA    . ASP A 1 21 ? 5.791   -1.414  -0.614  1.00 15.03 ? 21   ASP A CA    1 
ATOM   150 C  C     . ASP A 1 21 ? 5.201   -2.258  0.455   1.00 13.20 ? 21   ASP A C     1 
ATOM   151 O  O     . ASP A 1 21 ? 4.809   -3.384  0.153   1.00 16.12 ? 21   ASP A O     1 
ATOM   152 C  CB    . ASP A 1 21 ? 7.339   -1.558  -0.421  1.00 14.84 ? 21   ASP A CB    1 
ATOM   153 C  CG    . ASP A 1 21 ? 8.086   -1.308  -1.634  1.00 19.24 ? 21   ASP A CG    1 
ATOM   154 O  OD1   . ASP A 1 21 ? 7.614   -1.345  -2.805  1.00 17.55 ? 21   ASP A OD1   1 
ATOM   155 O  OD2   . ASP A 1 21 ? 9.346   -1.093  -1.505  1.00 20.19 ? 21   ASP A OD2   1 
ATOM   156 N  N     . ASP A 1 22 ? 5.048   -1.797  1.713   1.00 13.60 ? 22   ASP A N     1 
ATOM   157 C  CA    . ASP A 1 22 ? 4.425   -2.595  2.772   1.00 14.64 ? 22   ASP A CA    1 
ATOM   158 C  C     . ASP A 1 22 ? 2.976   -2.969  2.413   1.00 16.57 ? 22   ASP A C     1 
ATOM   159 O  O     . ASP A 1 22 ? 2.513   -4.089  2.625   1.00 16.09 ? 22   ASP A O     1 
ATOM   160 C  CB    . ASP A 1 22 ? 4.509   -1.784  4.029   1.00 14.60 ? 22   ASP A CB    1 
ATOM   161 C  CG    . ASP A 1 22 ? 3.897   -2.449  5.190   1.00 19.61 ? 22   ASP A CG    1 
ATOM   162 O  OD1   . ASP A 1 22 ? 4.408   -3.639  5.531   1.00 20.60 ? 22   ASP A OD1   1 
ATOM   163 O  OD2   . ASP A 1 22 ? 3.007   -2.014  5.943   1.00 18.06 ? 22   ASP A OD2   1 
ATOM   164 N  N     . ALA A 1 23 ? 2.239   -1.937  1.899   1.00 13.75 ? 23   ALA A N     1 
ATOM   165 C  CA    . ALA A 1 23 ? 0.901   -2.259  1.404   1.00 12.41 ? 23   ALA A CA    1 
ATOM   166 C  C     . ALA A 1 23 ? 0.847   -3.165  0.272   1.00 13.14 ? 23   ALA A C     1 
ATOM   167 O  O     . ALA A 1 23 ? -0.048  -4.088  0.249   1.00 15.56 ? 23   ALA A O     1 
ATOM   168 C  CB    . ALA A 1 23 ? 0.179   -0.866  1.081   1.00 13.62 ? 23   ALA A CB    1 
ATOM   169 N  N     . ILE A 1 24 ? 1.723   -2.987  -0.698  1.00 12.94 ? 24   ILE A N     1 
ATOM   170 C  CA    . ILE A 1 24 ? 1.700   -3.832  -1.890  1.00 13.11 ? 24   ILE A CA    1 
ATOM   171 C  C     . ILE A 1 24 ? 2.060   -5.308  -1.444  1.00 14.68 ? 24   ILE A C     1 
ATOM   172 O  O     . ILE A 1 24 ? 1.452   -6.212  -1.966  1.00 16.26 ? 24   ILE A O     1 
ATOM   173 C  CB    . ILE A 1 24 ? 2.663   -3.323  -2.926  1.00 15.65 ? 24   ILE A CB    1 
ATOM   174 C  CG1   . ILE A 1 24 ? 2.083   -1.945  -3.454  1.00 15.48 ? 24   ILE A CG1   1 
ATOM   175 C  CG2   . ILE A 1 24 ? 2.721   -4.326  -4.090  1.00 17.73 ? 24   ILE A CG2   1 
ATOM   176 C  CD1   . ILE A 1 24 ? 3.189   -1.162  -4.221  1.00 17.25 ? 24   ILE A CD1   1 
ATOM   177 N  N     . ASP A 1 25 ? 3.024   -5.420  -0.547  1.00 15.05 ? 25   ASP A N     1 
ATOM   178 C  CA    . ASP A 1 25 ? 3.438   -6.819  -0.099  1.00 16.02 ? 25   ASP A CA    1 
ATOM   179 C  C     . ASP A 1 25 ? 2.208   -7.459  0.540   1.00 17.12 ? 25   ASP A C     1 
ATOM   180 O  O     . ASP A 1 25 ? 1.947   -8.665  0.251   1.00 18.98 ? 25   ASP A O     1 
ATOM   181 C  CB    . ASP A 1 25 ? 4.433   -6.586  1.065   1.00 17.34 ? 25   ASP A CB    1 
ATOM   182 C  CG    . ASP A 1 25 ? 5.835   -6.209  0.628   1.00 20.77 ? 25   ASP A CG    1 
ATOM   183 O  OD1   . ASP A 1 25 ? 6.184   -6.233  -0.527  1.00 20.07 ? 25   ASP A OD1   1 
ATOM   184 O  OD2   . ASP A 1 25 ? 6.594   -5.893  1.639   1.00 24.64 ? 25   ASP A OD2   1 
ATOM   185 N  N     . ARG A 1 26 ? 1.392   -6.780  1.312   1.00 16.63 ? 26   ARG A N     1 
ATOM   186 C  CA    . ARG A 1 26 ? 0.208   -7.377  1.891   1.00 18.15 ? 26   ARG A CA    1 
ATOM   187 C  C     . ARG A 1 26 ? -0.768  -7.745  0.876   1.00 19.69 ? 26   ARG A C     1 
ATOM   188 O  O     . ARG A 1 26 ? -1.390  -8.822  0.967   1.00 20.17 ? 26   ARG A O     1 
ATOM   189 C  CB    . ARG A 1 26 ? -0.389  -6.455  2.966   1.00 17.90 ? 26   ARG A CB    1 
ATOM   190 C  CG    . ARG A 1 26 ? -1.696  -7.044  3.609   1.00 20.48 ? 26   ARG A CG    1 
ATOM   191 C  CD    . ARG A 1 26 ? -1.309  -8.324  4.368   1.00 26.46 ? 26   ARG A CD    1 
ATOM   192 N  NE    . ARG A 1 26 ? -2.556  -8.979  4.704   1.00 39.62 ? 26   ARG A NE    1 
ATOM   193 C  CZ    . ARG A 1 26 ? -3.000  -9.194  5.928   1.00 44.66 ? 26   ARG A CZ    1 
ATOM   194 N  NH1   . ARG A 1 26 ? -2.273  -8.833  7.039   1.00 52.72 ? 26   ARG A NH1   1 
ATOM   195 N  NH2   . ARG A 1 26 ? -4.230  -9.708  6.012   1.00 36.37 ? 26   ARG A NH2   1 
ATOM   196 N  N     . ALA A 1 27 ? -1.036  -6.894  -0.122  1.00 15.82 ? 27   ALA A N     1 
ATOM   197 C  CA    . ALA A 1 27 ? -1.939  -7.237  -1.218  1.00 17.33 ? 27   ALA A CA    1 
ATOM   198 C  C     . ALA A 1 27 ? -1.454  -8.490  -1.930  1.00 20.34 ? 27   ALA A C     1 
ATOM   199 O  O     . ALA A 1 27 ? -2.308  -9.410  -2.185  1.00 20.84 ? 27   ALA A O     1 
ATOM   200 C  CB    . ALA A 1 27 ? -1.973  -6.024  -2.215  1.00 17.50 ? 27   ALA A CB    1 
ATOM   201 N  N     . GLU A 1 28 ? -0.177  -8.574  -2.225  1.00 18.39 ? 28   GLU A N     1 
ATOM   202 C  CA    . GLU A 1 28 ? 0.355   -9.768  -3.016  1.00 20.64 ? 28   GLU A CA    1 
ATOM   203 C  C     . GLU A 1 28 ? 0.285   -10.978 -2.129  1.00 23.34 ? 28   GLU A C     1 
ATOM   204 O  O     . GLU A 1 28 ? 0.214   -12.115 -2.710  1.00 23.78 ? 28   GLU A O     1 
ATOM   205 C  CB    . GLU A 1 28 ? 1.812   -9.514  -3.376  1.00 19.71 ? 28   GLU A CB    1 
ATOM   206 C  CG    . GLU A 1 28 ? 1.891   -8.496  -4.534  1.00 17.82 ? 28   GLU A CG    1 
ATOM   207 C  CD    . GLU A 1 28 ? 3.251   -8.276  -5.070  1.00 22.04 ? 28   GLU A CD    1 
ATOM   208 O  OE1   . GLU A 1 28 ? 4.241   -8.479  -4.276  1.00 26.75 ? 28   GLU A OE1   1 
ATOM   209 O  OE2   . GLU A 1 28 ? 3.349   -7.876  -6.252  1.00 28.66 ? 28   GLU A OE2   1 
ATOM   210 N  N     . ASP A 1 29 ? 0.233   -10.849 -0.823  1.00 21.69 ? 29   ASP A N     1 
ATOM   211 C  CA    . ASP A 1 29 ? 0.134   -12.092 0.091   1.00 24.33 ? 29   ASP A CA    1 
ATOM   212 C  C     . ASP A 1 29 ? -1.253  -12.700 -0.114  1.00 25.60 ? 29   ASP A C     1 
ATOM   213 O  O     . ASP A 1 29 ? -1.396  -13.913 0.104   1.00 27.83 ? 29   ASP A O     1 
ATOM   214 C  CB    . ASP A 1 29 ? 0.252   -11.729 1.547   1.00 28.93 ? 29   ASP A CB    1 
ATOM   215 C  CG    . ASP A 1 29 ? 1.637   -11.427 1.984   1.00 39.38 ? 29   ASP A CG    1 
ATOM   216 O  OD1   . ASP A 1 29 ? 2.585   -11.805 1.281   1.00 42.95 ? 29   ASP A OD1   1 
ATOM   217 O  OD2   . ASP A 1 29 ? 1.756   -10.756 3.067   1.00 44.37 ? 29   ASP A OD2   1 
ATOM   218 N  N     . THR A 1 30 ? -2.318  -11.948 -0.413  1.00 22.46 ? 30   THR A N     1 
ATOM   219 C  CA    . THR A 1 30 ? -3.668  -12.374 -0.258  1.00 27.34 ? 30   THR A CA    1 
ATOM   220 C  C     . THR A 1 30 ? -4.380  -12.287 -1.596  1.00 31.07 ? 30   THR A C     1 
ATOM   221 O  O     . THR A 1 30 ? -5.402  -12.869 -1.699  1.00 36.18 ? 30   THR A O     1 
ATOM   222 C  CB    . THR A 1 30 ? -4.439  -11.490 0.813   1.00 28.12 ? 30   THR A CB    1 
ATOM   223 O  OG1   . THR A 1 30 ? -4.410  -10.170 0.378   1.00 40.39 ? 30   THR A OG1   1 
ATOM   224 C  CG2   . THR A 1 30 ? -3.619  -11.303 2.142   1.00 29.89 ? 30   THR A CG2   1 
ATOM   225 N  N     . LEU A 1 31 ? -3.845  -11.648 -2.659  1.00 22.56 ? 31   LEU A N     1 
ATOM   226 C  CA    . LEU A 1 31 ? -4.586  -11.508 -3.859  1.00 21.66 ? 31   LEU A CA    1 
ATOM   227 C  C     . LEU A 1 31 ? -3.733  -11.952 -5.006  1.00 23.45 ? 31   LEU A C     1 
ATOM   228 O  O     . LEU A 1 31 ? -2.468  -11.817 -4.998  1.00 28.84 ? 31   LEU A O     1 
ATOM   229 C  CB    . LEU A 1 31 ? -4.858  -9.941  -4.139  1.00 21.17 ? 31   LEU A CB    1 
ATOM   230 C  CG    . LEU A 1 31 ? -5.736  -9.319  -3.113  1.00 22.29 ? 31   LEU A CG    1 
ATOM   231 C  CD1   . LEU A 1 31 ? -5.694  -7.780  -3.205  1.00 25.14 ? 31   LEU A CD1   1 
ATOM   232 C  CD2   . LEU A 1 31 ? -7.186  -9.789  -3.112  1.00 27.14 ? 31   LEU A CD2   1 
ATOM   233 N  N     . ASP A 1 32 ? -4.399  -12.473 -6.044  1.00 26.08 ? 32   ASP A N     1 
ATOM   234 C  CA    . ASP A 1 32 ? -3.677  -12.828 -7.242  1.00 29.05 ? 32   ASP A CA    1 
ATOM   235 C  C     . ASP A 1 32 ? -3.817  -11.614 -8.204  1.00 23.68 ? 32   ASP A C     1 
ATOM   236 O  O     . ASP A 1 32 ? -4.862  -10.825 -8.146  1.00 25.27 ? 32   ASP A O     1 
ATOM   237 C  CB    . ASP A 1 32 ? -4.451  -14.025 -7.950  1.00 30.48 ? 32   ASP A CB    1 
ATOM   238 C  CG    . ASP A 1 32 ? -4.441  -15.282 -7.149  1.00 53.27 ? 32   ASP A CG    1 
ATOM   239 O  OD1   . ASP A 1 32 ? -3.367  -15.512 -6.558  1.00 45.19 ? 32   ASP A OD1   1 
ATOM   240 O  OD2   . ASP A 1 32 ? -5.498  -16.002 -7.145  1.00 53.96 ? 32   ASP A OD2   1 
ATOM   241 N  N     . ASN A 1 33 ? -2.903  -11.580 -9.126  1.00 24.07 ? 33   ASN A N     1 
ATOM   242 C  CA    . ASN A 1 33 ? -2.864  -10.730 -10.274 1.00 21.11 ? 33   ASN A CA    1 
ATOM   243 C  C     . ASN A 1 33 ? -2.887  -9.237  -9.807  1.00 19.26 ? 33   ASN A C     1 
ATOM   244 O  O     . ASN A 1 33 ? -3.576  -8.411  -10.482 1.00 20.35 ? 33   ASN A O     1 
ATOM   245 C  CB    . ASN A 1 33 ? -4.065  -10.907 -11.173 1.00 23.28 ? 33   ASN A CB    1 
ATOM   246 C  CG    . ASN A 1 33 ? -4.286  -12.404 -11.559 1.00 37.08 ? 33   ASN A CG    1 
ATOM   247 O  OD1   . ASN A 1 33 ? -3.345  -13.009 -11.916 1.00 36.49 ? 33   ASN A OD1   1 
ATOM   248 N  ND2   . ASN A 1 33 ? -5.482  -12.928 -11.435 1.00 43.97 ? 33   ASN A ND2   1 
ATOM   249 N  N     . VAL A 1 34 ? -2.061  -8.906  -8.854  1.00 18.52 ? 34   VAL A N     1 
ATOM   250 C  CA    . VAL A 1 34 ? -1.813  -7.470  -8.522  1.00 16.33 ? 34   VAL A CA    1 
ATOM   251 C  C     . VAL A 1 34 ? -1.046  -6.844  -9.636  1.00 21.81 ? 34   VAL A C     1 
ATOM   252 O  O     . VAL A 1 34 ? 0.070   -7.294  -10.029 1.00 21.85 ? 34   VAL A O     1 
ATOM   253 C  CB    . VAL A 1 34 ? -1.092  -7.407  -7.180  1.00 16.20 ? 34   VAL A CB    1 
ATOM   254 C  CG1   . VAL A 1 34 ? -0.683  -5.951  -6.860  1.00 19.28 ? 34   VAL A CG1   1 
ATOM   255 C  CG2   . VAL A 1 34 ? -2.013  -7.922  -6.087  1.00 19.89 ? 34   VAL A CG2   1 
ATOM   256 N  N     . VAL A 1 35 ? -1.547  -5.712  -10.163 1.00 16.17 ? 35   VAL A N     1 
ATOM   257 C  CA    A VAL A 1 35 ? -0.900  -5.111  -11.314 0.50 16.17 ? 35   VAL A CA    1 
ATOM   258 C  CA    B VAL A 1 35 ? -1.015  -5.094  -11.378 0.50 18.90 ? 35   VAL A CA    1 
ATOM   259 C  C     . VAL A 1 35 ? -0.420  -3.703  -11.162 1.00 19.06 ? 35   VAL A C     1 
ATOM   260 O  O     . VAL A 1 35 ? 0.493   -3.309  -11.853 1.00 20.05 ? 35   VAL A O     1 
ATOM   261 C  CB    A VAL A 1 35 ? -1.767  -5.236  -12.592 0.50 15.26 ? 35   VAL A CB    1 
ATOM   262 C  CB    B VAL A 1 35 ? -2.075  -5.054  -12.523 0.50 21.72 ? 35   VAL A CB    1 
ATOM   263 C  CG1   A VAL A 1 35 ? -1.709  -6.683  -13.178 0.50 15.42 ? 35   VAL A CG1   1 
ATOM   264 C  CG1   B VAL A 1 35 ? -1.445  -4.447  -13.766 0.50 25.64 ? 35   VAL A CG1   1 
ATOM   265 C  CG2   A VAL A 1 35 ? -3.231  -4.822  -12.310 0.50 13.36 ? 35   VAL A CG2   1 
ATOM   266 C  CG2   B VAL A 1 35 ? -2.624  -6.462  -12.845 0.50 22.66 ? 35   VAL A CG2   1 
ATOM   267 N  N     . TRP A 1 36 ? -0.989  -2.901  -10.277 1.00 15.53 ? 36   TRP A N     1 
ATOM   268 C  CA    . TRP A 1 36 ? -0.397  -1.565  -10.056 1.00 14.98 ? 36   TRP A CA    1 
ATOM   269 C  C     . TRP A 1 36 ? -0.967  -0.972  -8.798  1.00 14.59 ? 36   TRP A C     1 
ATOM   270 O  O     . TRP A 1 36 ? -1.909  -1.530  -8.170  1.00 15.32 ? 36   TRP A O     1 
ATOM   271 C  CB    . TRP A 1 36 ? -0.677  -0.608  -11.226 1.00 17.85 ? 36   TRP A CB    1 
ATOM   272 C  CG    . TRP A 1 36 ? -2.054  -0.053  -11.321 1.00 15.92 ? 36   TRP A CG    1 
ATOM   273 C  CD1   . TRP A 1 36 ? -2.482  1.146   -10.743 1.00 18.22 ? 36   TRP A CD1   1 
ATOM   274 C  CD2   . TRP A 1 36 ? -3.166  -0.510  -12.129 1.00 15.94 ? 36   TRP A CD2   1 
ATOM   275 N  NE1   . TRP A 1 36 ? -3.835  1.398   -11.059 1.00 18.35 ? 36   TRP A NE1   1 
ATOM   276 C  CE2   . TRP A 1 36 ? -4.248  0.455   -11.966 1.00 18.06 ? 36   TRP A CE2   1 
ATOM   277 C  CE3   . TRP A 1 36 ? -3.334  -1.564  -13.051 1.00 19.43 ? 36   TRP A CE3   1 
ATOM   278 C  CZ2   . TRP A 1 36 ? -5.466  0.308   -12.598 1.00 19.40 ? 36   TRP A CZ2   1 
ATOM   279 C  CZ3   . TRP A 1 36 ? -4.590  -1.715  -13.654 1.00 21.22 ? 36   TRP A CZ3   1 
ATOM   280 C  CH2   . TRP A 1 36 ? -5.644  -0.818  -13.436 1.00 21.52 ? 36   TRP A CH2   1 
ATOM   281 N  N     . ALA A 1 37 ? -0.314  0.149   -8.365  1.00 12.35 ? 37   ALA A N     1 
ATOM   282 C  CA    . ALA A 1 37 ? -0.838  0.832   -7.148  1.00 12.71 ? 37   ALA A CA    1 
ATOM   283 C  C     . ALA A 1 37 ? -0.744  2.331   -7.438  1.00 12.46 ? 37   ALA A C     1 
ATOM   284 O  O     . ALA A 1 37 ? 0.143   2.805   -8.181  1.00 14.85 ? 37   ALA A O     1 
ATOM   285 C  CB    . ALA A 1 37 ? 0.022   0.555   -5.946  1.00 14.31 ? 37   ALA A CB    1 
ATOM   286 N  N     . GLU A 1 38 ? -1.757  3.051   -6.916  1.00 12.02 ? 38   GLU A N     1 
ATOM   287 C  CA    . GLU A 1 38 ? -1.754  4.514   -7.076  1.00 11.59 ? 38   GLU A CA    1 
ATOM   288 C  C     . GLU A 1 38 ? -1.699  5.132   -5.677  1.00 12.10 ? 38   GLU A C     1 
ATOM   289 O  O     . GLU A 1 38 ? -2.483  4.782   -4.773  1.00 12.35 ? 38   GLU A O     1 
ATOM   290 C  CB    . GLU A 1 38 ? -3.143  4.917   -7.663  1.00 14.92 ? 38   GLU A CB    1 
ATOM   291 C  CG    . GLU A 1 38 ? -3.300  4.321   -9.093  1.00 19.94 ? 38   GLU A CG    1 
ATOM   292 C  CD    . GLU A 1 38 ? -4.596  4.704   -9.782  1.00 28.78 ? 38   GLU A CD    1 
ATOM   293 O  OE1   . GLU A 1 38 ? -5.013  5.891   -9.651  1.00 28.38 ? 38   GLU A OE1   1 
ATOM   294 O  OE2   . GLU A 1 38 ? -5.129  3.856   -10.544 1.00 24.01 ? 38   GLU A OE2   1 
ATOM   295 N  N     . VAL A 1 39 ? -0.717  6.038   -5.436  1.00 12.77 ? 39   VAL A N     1 
ATOM   296 C  CA    . VAL A 1 39 ? -0.675  6.682   -4.126  1.00 11.70 ? 39   VAL A CA    1 
ATOM   297 C  C     . VAL A 1 39 ? -1.788  7.732   -3.990  1.00 12.10 ? 39   VAL A C     1 
ATOM   298 O  O     . VAL A 1 39 ? -1.992  8.568   -4.924  1.00 13.90 ? 39   VAL A O     1 
ATOM   299 C  CB    . VAL A 1 39 ? 0.669   7.453   -4.005  1.00 11.35 ? 39   VAL A CB    1 
ATOM   300 C  CG1   . VAL A 1 39 ? 0.677   8.164   -2.679  1.00 14.35 ? 39   VAL A CG1   1 
ATOM   301 C  CG2   . VAL A 1 39 ? 1.825   6.399   -4.072  1.00 15.84 ? 39   VAL A CG2   1 
ATOM   302 N  N     . VAL A 1 40 ? -2.564  7.580   -2.931  1.00 12.05 ? 40   VAL A N     1 
ATOM   303 C  CA    . VAL A 1 40 ? -3.619  8.535   -2.633  1.00 12.25 ? 40   VAL A CA    1 
ATOM   304 C  C     . VAL A 1 40 ? -3.379  9.395   -1.452  1.00 15.06 ? 40   VAL A C     1 
ATOM   305 O  O     . VAL A 1 40 ? -4.095  10.443  -1.328  1.00 18.46 ? 40   VAL A O     1 
ATOM   306 C  CB    . VAL A 1 40 ? -4.981  7.874   -2.683  1.00 16.18 ? 40   VAL A CB    1 
ATOM   307 C  CG1   . VAL A 1 40 ? -5.247  7.324   -4.087  1.00 17.72 ? 40   VAL A CG1   1 
ATOM   308 C  CG2   . VAL A 1 40 ? -5.126  6.780   -1.712  1.00 17.73 ? 40   VAL A CG2   1 
ATOM   309 N  N     . ASP A 1 41 ? -2.488  9.055   -0.498  1.00 12.93 ? 41   ASP A N     1 
ATOM   310 C  CA    . ASP A 1 41 ? -2.274  9.977   0.662   1.00 13.71 ? 41   ASP A CA    1 
ATOM   311 C  C     . ASP A 1 41 ? -0.971  9.428   1.302   1.00 13.02 ? 41   ASP A C     1 
ATOM   312 O  O     . ASP A 1 41 ? -0.567  8.271   1.127   1.00 14.64 ? 41   ASP A O     1 
ATOM   313 C  CB    . ASP A 1 41 ? -3.363  9.767   1.704   1.00 15.71 ? 41   ASP A CB    1 
ATOM   314 C  CG    . ASP A 1 41 ? -3.859  11.028  2.304   1.00 38.16 ? 41   ASP A CG    1 
ATOM   315 O  OD1   . ASP A 1 41 ? -3.613  12.099  1.785   1.00 38.09 ? 41   ASP A OD1   1 
ATOM   316 O  OD2   . ASP A 1 41 ? -4.536  10.934  3.391   1.00 35.26 ? 41   ASP A OD2   1 
ATOM   317 N  N     . GLN A 1 42 ? -0.364  10.416  1.998   1.00 12.97 ? 42   GLN A N     1 
ATOM   318 C  CA    . GLN A 1 42 ? 0.940   10.043  2.718   1.00 12.66 ? 42   GLN A CA    1 
ATOM   319 C  C     . GLN A 1 42 ? 0.879   10.843  4.007   1.00 12.75 ? 42   GLN A C     1 
ATOM   320 O  O     . GLN A 1 42 ? 0.370   12.026  4.090   1.00 13.82 ? 42   GLN A O     1 
ATOM   321 C  CB    . GLN A 1 42 ? 2.172   10.487  1.943   1.00 13.17 ? 42   GLN A CB    1 
ATOM   322 C  CG    . GLN A 1 42 ? 2.404   9.613   0.707   1.00 14.95 ? 42   GLN A CG    1 
ATOM   323 C  CD    . GLN A 1 42 ? 3.452   10.199  -0.111  1.00 19.30 ? 42   GLN A CD    1 
ATOM   324 O  OE1   . GLN A 1 42 ? 3.236   11.261  -0.744  1.00 23.84 ? 42   GLN A OE1   1 
ATOM   325 N  NE2   . GLN A 1 42 ? 4.455   9.411   -0.367  1.00 22.51 ? 42   GLN A NE2   1 
ATOM   326 N  N     . GLY A 1 43 ? 1.476   10.240  5.072   1.00 13.75 ? 43   GLY A N     1 
ATOM   327 C  CA    . GLY A 1 43 ? 1.461   10.970  6.384   1.00 13.55 ? 43   GLY A CA    1 
ATOM   328 C  C     . GLY A 1 43 ? 2.508   10.314  7.310   1.00 13.64 ? 43   GLY A C     1 
ATOM   329 O  O     . GLY A 1 43 ? 3.173   9.366   6.877   1.00 13.43 ? 43   GLY A O     1 
ATOM   330 N  N     . VAL A 1 44 ? 2.595   10.861  8.507   1.00 12.70 ? 44   VAL A N     1 
ATOM   331 C  CA    . VAL A 1 44 ? 3.657   10.304  9.422   1.00 12.01 ? 44   VAL A CA    1 
ATOM   332 C  C     . VAL A 1 44 ? 2.966   10.312  10.768  1.00 15.14 ? 44   VAL A C     1 
ATOM   333 O  O     . VAL A 1 44 ? 2.361   11.260  11.297  1.00 15.01 ? 44   VAL A O     1 
ATOM   334 C  CB    . VAL A 1 44 ? 4.755   11.308  9.503   1.00 11.82 ? 44   VAL A CB    1 
ATOM   335 C  CG1   . VAL A 1 44 ? 5.894   10.633  10.424  1.00 15.30 ? 44   VAL A CG1   1 
ATOM   336 C  CG2   . VAL A 1 44 ? 5.402   11.617  8.144   1.00 14.11 ? 44   VAL A CG2   1 
ATOM   337 N  N     . ALA A 1 45 ? 3.048   9.114   11.433  1.00 14.77 ? 45   ALA A N     1 
ATOM   338 C  CA    . ALA A 1 45 ? 2.526   8.986   12.838  1.00 17.95 ? 45   ALA A CA    1 
ATOM   339 C  C     . ALA A 1 45 ? 3.707   9.245   13.699  1.00 21.05 ? 45   ALA A C     1 
ATOM   340 O  O     . ALA A 1 45 ? 4.843   8.792   13.476  1.00 20.42 ? 45   ALA A O     1 
ATOM   341 C  CB    . ALA A 1 45 ? 2.091   7.489   12.989  1.00 20.92 ? 45   ALA A CB    1 
ATOM   342 N  N     . ILE A 1 46 ? 3.533   10.114  14.710  1.00 21.04 ? 46   ILE A N     1 
ATOM   343 C  CA    . ILE A 1 46 ? 4.689   10.725  15.412  1.00 21.21 ? 46   ILE A CA    1 
ATOM   344 C  C     . ILE A 1 46 ? 4.492   10.307  16.863  1.00 32.94 ? 46   ILE A C     1 
ATOM   345 O  O     . ILE A 1 46 ? 3.651   10.897  17.587  1.00 32.78 ? 46   ILE A O     1 
ATOM   346 C  CB    . ILE A 1 46 ? 4.766   12.255  15.214  1.00 21.55 ? 46   ILE A CB    1 
ATOM   347 C  CG1   . ILE A 1 46 ? 4.927   12.644  13.726  1.00 20.06 ? 46   ILE A CG1   1 
ATOM   348 C  CG2   . ILE A 1 46 ? 6.053   12.812  15.961  1.00 26.21 ? 46   ILE A CG2   1 
ATOM   349 C  CD1   . ILE A 1 46 ? 4.692   14.134  13.364  1.00 24.64 ? 46   ILE A CD1   1 
ATOM   350 N  N     . GLY A 1 47 ? 5.164   9.229   17.281  1.00 29.20 ? 47   GLY A N     1 
ATOM   351 C  CA    . GLY A 1 47 ? 5.006   8.730   18.669  1.00 35.08 ? 47   GLY A CA    1 
ATOM   352 C  C     . GLY A 1 47 ? 6.390   8.555   19.269  1.00 33.96 ? 47   GLY A C     1 
ATOM   353 O  O     . GLY A 1 47 ? 7.272   9.432   19.110  1.00 32.82 ? 47   GLY A O     1 
ATOM   354 N  N     . ALA A 1 48 ? 6.620   7.363   19.859  1.00 37.26 ? 48   ALA A N     1 
ATOM   355 C  CA    . ALA A 1 48 ? 7.982   7.019   20.273  1.00 37.23 ? 48   ALA A CA    1 
ATOM   356 C  C     . ALA A 1 48 ? 8.940   7.059   19.092  1.00 43.76 ? 48   ALA A C     1 
ATOM   357 O  O     . ALA A 1 48 ? 10.105  7.458   19.203  1.00 38.62 ? 48   ALA A O     1 
ATOM   358 C  CB    . ALA A 1 48 ? 7.967   5.612   20.881  1.00 39.55 ? 48   ALA A CB    1 
ATOM   359 N  N     . VAL A 1 49 ? 8.428   6.635   17.920  1.00 30.92 ? 49   VAL A N     1 
ATOM   360 C  CA    . VAL A 1 49 ? 9.302   6.726   16.725  1.00 29.30 ? 49   VAL A CA    1 
ATOM   361 C  C     . VAL A 1 49 ? 8.363   7.372   15.673  1.00 24.21 ? 49   VAL A C     1 
ATOM   362 O  O     . VAL A 1 49 ? 7.157   7.507   15.936  1.00 24.53 ? 49   VAL A O     1 
ATOM   363 C  CB    . VAL A 1 49 ? 9.799   5.369   16.157  1.00 32.35 ? 49   VAL A CB    1 
ATOM   364 C  CG1   . VAL A 1 49 ? 10.848  4.781   17.146  1.00 40.29 ? 49   VAL A CG1   1 
ATOM   365 C  CG2   . VAL A 1 49 ? 8.670   4.401   15.819  1.00 33.31 ? 49   VAL A CG2   1 
ATOM   366 N  N     . ARG A 1 50 ? 8.987   7.699   14.537  1.00 22.27 ? 50   ARG A N     1 
ATOM   367 C  CA    . ARG A 1 50 ? 8.146   8.158   13.361  1.00 17.79 ? 50   ARG A CA    1 
ATOM   368 C  C     . ARG A 1 50 ? 7.806   6.992   12.498  1.00 18.08 ? 50   ARG A C     1 
ATOM   369 O  O     . ARG A 1 50 ? 8.746   6.284   12.104  1.00 20.33 ? 50   ARG A O     1 
ATOM   370 C  CB    . ARG A 1 50 ? 8.830   9.245   12.525  1.00 19.32 ? 50   ARG A CB    1 
ATOM   371 C  CG    . ARG A 1 50 ? 8.984   10.520  13.342  1.00 21.65 ? 50   ARG A CG    1 
ATOM   372 C  CD    . ARG A 1 50 ? 9.685   11.549  12.520  1.00 17.98 ? 50   ARG A CD    1 
ATOM   373 N  NE    . ARG A 1 50 ? 10.024  12.640  13.436  1.00 18.59 ? 50   ARG A NE    1 
ATOM   374 C  CZ    . ARG A 1 50 ? 10.824  13.626  13.147  1.00 19.31 ? 50   ARG A CZ    1 
ATOM   375 N  NH1   . ARG A 1 50 ? 11.270  13.810  11.879  1.00 17.62 ? 50   ARG A NH1   1 
ATOM   376 N  NH2   . ARG A 1 50 ? 11.133  14.561  14.057  1.00 21.72 ? 50   ARG A NH2   1 
ATOM   377 N  N     . THR A 1 51 ? 6.531   6.882   12.100  1.00 16.41 ? 51   THR A N     1 
ATOM   378 C  CA    . THR A 1 51 ? 6.124   5.738   11.231  1.00 16.15 ? 51   THR A CA    1 
ATOM   379 C  C     . THR A 1 51 ? 5.559   6.470   9.969   1.00 18.34 ? 51   THR A C     1 
ATOM   380 O  O     . THR A 1 51 ? 4.528   7.134   10.075  1.00 17.15 ? 51   THR A O     1 
ATOM   381 C  CB    . THR A 1 51 ? 5.047   4.921   11.839  1.00 20.04 ? 51   THR A CB    1 
ATOM   382 O  OG1   . THR A 1 51 ? 5.722   4.292   13.025  1.00 23.37 ? 51   THR A OG1   1 
ATOM   383 C  CG2   . THR A 1 51 ? 4.737   3.800   10.879  1.00 22.59 ? 51   THR A CG2   1 
ATOM   384 N  N     . TYR A 1 52 ? 6.232   6.297   8.862   1.00 14.23 ? 52   TYR A N     1 
ATOM   385 C  CA    . TYR A 1 52 ? 5.782   6.911   7.570   1.00 13.66 ? 52   TYR A CA    1 
ATOM   386 C  C     . TYR A 1 52 ? 4.670   5.991   7.091   1.00 14.07 ? 52   TYR A C     1 
ATOM   387 O  O     . TYR A 1 52 ? 4.661   4.734   7.176   1.00 15.85 ? 52   TYR A O     1 
ATOM   388 C  CB    . TYR A 1 52 ? 6.935   6.940   6.526   1.00 12.96 ? 52   TYR A CB    1 
ATOM   389 C  CG    . TYR A 1 52 ? 8.051   7.735   7.177   1.00 14.44 ? 52   TYR A CG    1 
ATOM   390 C  CD1   . TYR A 1 52 ? 8.098   9.109   7.256   1.00 13.93 ? 52   TYR A CD1   1 
ATOM   391 C  CD2   . TYR A 1 52 ? 9.095   6.956   7.763   1.00 16.79 ? 52   TYR A CD2   1 
ATOM   392 C  CE1   . TYR A 1 52 ? 9.105   9.784   8.015   1.00 16.84 ? 52   TYR A CE1   1 
ATOM   393 C  CE2   . TYR A 1 52 ? 10.061  7.617   8.515   1.00 18.52 ? 52   TYR A CE2   1 
ATOM   394 C  CZ    . TYR A 1 52 ? 10.059  8.992   8.592   1.00 19.01 ? 52   TYR A CZ    1 
ATOM   395 O  OH    . TYR A 1 52 ? 11.026  9.599   9.420   1.00 19.59 ? 52   TYR A OH    1 
ATOM   396 N  N     . GLN A 1 53 ? 3.590   6.636   6.524   1.00 12.78 ? 53   GLN A N     1 
ATOM   397 C  CA    . GLN A 1 53 ? 2.480   5.865   6.038   1.00 13.20 ? 53   GLN A CA    1 
ATOM   398 C  C     . GLN A 1 53 ? 2.183   6.341   4.587   1.00 13.56 ? 53   GLN A C     1 
ATOM   399 O  O     . GLN A 1 53 ? 2.264   7.561   4.277   1.00 14.57 ? 53   GLN A O     1 
ATOM   400 C  CB    . GLN A 1 53 ? 1.194   6.143   6.832   1.00 15.37 ? 53   GLN A CB    1 
ATOM   401 C  CG    . GLN A 1 53 ? 1.462   5.754   8.360   1.00 19.47 ? 53   GLN A CG    1 
ATOM   402 C  CD    . GLN A 1 53 ? 0.196   5.754   9.115   1.00 22.18 ? 53   GLN A CD    1 
ATOM   403 O  OE1   . GLN A 1 53 ? -0.765  6.380   8.669   1.00 26.90 ? 53   GLN A OE1   1 
ATOM   404 N  NE2   . GLN A 1 53 ? 0.238   5.142   10.313  1.00 28.61 ? 53   GLN A NE2   1 
ATOM   405 N  N     . THR A 1 54 ? 1.910   5.360   3.738   1.00 12.45 ? 54   THR A N     1 
ATOM   406 C  CA    . THR A 1 54 ? 1.519   5.676   2.342   1.00 12.82 ? 54   THR A CA    1 
ATOM   407 C  C     . THR A 1 54 ? 0.351   4.877   2.028   1.00 13.23 ? 54   THR A C     1 
ATOM   408 O  O     . THR A 1 54 ? 0.310   3.636   2.169   1.00 13.64 ? 54   THR A O     1 
ATOM   409 C  CB    . THR A 1 54 ? 2.657   5.281   1.387   1.00 12.60 ? 54   THR A CB    1 
ATOM   410 O  OG1   . THR A 1 54 ? 3.798   6.137   1.677   1.00 13.52 ? 54   THR A OG1   1 
ATOM   411 C  CG2   . THR A 1 54 ? 2.210   5.616   -0.064  1.00 13.06 ? 54   THR A CG2   1 
ATOM   412 N  N     . GLU A 1 55 ? -0.758  5.598   1.689   1.00 11.20 ? 55   GLU A N     1 
ATOM   413 C  CA    . GLU A 1 55 ? -2.003  4.944   1.339   1.00 10.75 ? 55   GLU A CA    1 
ATOM   414 C  C     . GLU A 1 55 ? -2.047  4.815   -0.166  1.00 10.51 ? 55   GLU A C     1 
ATOM   415 O  O     . GLU A 1 55 ? -1.779  5.753   -0.924  1.00 12.39 ? 55   GLU A O     1 
ATOM   416 C  CB    . GLU A 1 55 ? -3.136  5.847   1.825   1.00 11.74 ? 55   GLU A CB    1 
ATOM   417 C  CG    . GLU A 1 55 ? -4.535  5.143   1.591   1.00 13.08 ? 55   GLU A CG    1 
ATOM   418 C  CD    . GLU A 1 55 ? -5.635  5.942   2.116   1.00 18.22 ? 55   GLU A CD    1 
ATOM   419 O  OE1   . GLU A 1 55 ? -5.667  7.186   1.942   1.00 19.43 ? 55   GLU A OE1   1 
ATOM   420 O  OE2   . GLU A 1 55 ? -6.521  5.345   2.796   1.00 17.50 ? 55   GLU A OE2   1 
ATOM   421 N  N     . VAL A 1 56 ? -2.375  3.582   -0.560  1.00 11.62 ? 56   VAL A N     1 
ATOM   422 C  CA    . VAL A 1 56 ? -2.415  3.265   -2.016  1.00 11.44 ? 56   VAL A CA    1 
ATOM   423 C  C     . VAL A 1 56 ? -3.732  2.554   -2.353  1.00 13.26 ? 56   VAL A C     1 
ATOM   424 O  O     . VAL A 1 56 ? -4.253  1.734   -1.588  1.00 13.06 ? 56   VAL A O     1 
ATOM   425 C  CB    . VAL A 1 56 ? -1.277  2.299   -2.469  1.00 12.73 ? 56   VAL A CB    1 
ATOM   426 C  CG1   . VAL A 1 56 ? 0.008   3.140   -2.703  1.00 14.08 ? 56   VAL A CG1   1 
ATOM   427 C  CG2   . VAL A 1 56 ? -1.049  1.204   -1.367  1.00 14.03 ? 56   VAL A CG2   1 
ATOM   428 N  N     . GLN A 1 57 ? -4.244  2.837   -3.559  1.00 11.39 ? 57   GLN A N     1 
ATOM   429 C  CA    . GLN A 1 57 ? -5.281  1.973   -4.161  1.00 11.95 ? 57   GLN A CA    1 
ATOM   430 C  C     . GLN A 1 57 ? -4.462  0.975   -4.928  1.00 12.47 ? 57   GLN A C     1 
ATOM   431 O  O     . GLN A 1 57 ? -3.655  1.250   -5.784  1.00 13.99 ? 57   GLN A O     1 
ATOM   432 C  CB    . GLN A 1 57 ? -6.081  2.768   -5.208  1.00 11.34 ? 57   GLN A CB    1 
ATOM   433 C  CG    . GLN A 1 57 ? -6.983  3.817   -4.476  1.00 13.43 ? 57   GLN A CG    1 
ATOM   434 C  CD    . GLN A 1 57 ? -8.298  3.195   -3.956  1.00 12.26 ? 57   GLN A CD    1 
ATOM   435 O  OE1   . GLN A 1 57 ? -8.449  1.981   -3.799  1.00 13.39 ? 57   GLN A OE1   1 
ATOM   436 N  NE2   . GLN A 1 57 ? -9.218  4.090   -3.599  1.00 13.85 ? 57   GLN A NE2   1 
ATOM   437 N  N     . VAL A 1 58 ? -4.620  -0.332  -4.527  1.00 11.64 ? 58   VAL A N     1 
ATOM   438 C  CA    . VAL A 1 58 ? -3.831  -1.433  -5.190  1.00 12.90 ? 58   VAL A CA    1 
ATOM   439 C  C     . VAL A 1 58 ? -4.854  -2.160  -6.095  1.00 12.68 ? 58   VAL A C     1 
ATOM   440 O  O     . VAL A 1 58 ? -5.887  -2.677  -5.645  1.00 13.76 ? 58   VAL A O     1 
ATOM   441 C  CB    . VAL A 1 58 ? -3.294  -2.430  -4.129  1.00 14.23 ? 58   VAL A CB    1 
ATOM   442 C  CG1   . VAL A 1 58 ? -2.511  -3.516  -4.901  1.00 14.46 ? 58   VAL A CG1   1 
ATOM   443 C  CG2   . VAL A 1 58 ? -2.360  -1.642  -3.158  1.00 14.73 ? 58   VAL A CG2   1 
ATOM   444 N  N     . ALA A 1 59 ? -4.507  -2.149  -7.389  1.00 12.78 ? 59   ALA A N     1 
ATOM   445 C  CA    . ALA A 1 59 ? -5.417  -2.726  -8.458  1.00 13.25 ? 59   ALA A CA    1 
ATOM   446 C  C     . ALA A 1 59 ? -4.971  -4.183  -8.745  1.00 14.74 ? 59   ALA A C     1 
ATOM   447 O  O     . ALA A 1 59 ? -3.761  -4.431  -8.803  1.00 15.08 ? 59   ALA A O     1 
ATOM   448 C  CB    . ALA A 1 59 ? -5.229  -1.874  -9.702  1.00 13.21 ? 59   ALA A CB    1 
ATOM   449 N  N     . PHE A 1 60 ? -5.977  -4.994  -8.905  1.00 14.64 ? 60   PHE A N     1 
ATOM   450 C  CA    . PHE A 1 60 ? -5.648  -6.431  -9.292  1.00 16.08 ? 60   PHE A CA    1 
ATOM   451 C  C     . PHE A 1 60 ? -6.732  -6.792  -10.288 1.00 18.16 ? 60   PHE A C     1 
ATOM   452 O  O     . PHE A 1 60 ? -7.831  -6.280  -10.339 1.00 16.29 ? 60   PHE A O     1 
ATOM   453 C  CB    . PHE A 1 60 ? -5.682  -7.315  -8.042  1.00 16.64 ? 60   PHE A CB    1 
ATOM   454 C  CG    . PHE A 1 60 ? -6.921  -7.275  -7.202  1.00 18.02 ? 60   PHE A CG    1 
ATOM   455 C  CD1   . PHE A 1 60 ? -7.013  -6.167  -6.315  1.00 20.26 ? 60   PHE A CD1   1 
ATOM   456 C  CD2   . PHE A 1 60 ? -7.883  -8.319  -7.203  1.00 22.05 ? 60   PHE A CD2   1 
ATOM   457 C  CE1   . PHE A 1 60 ? -8.104  -6.079  -5.441  1.00 21.98 ? 60   PHE A CE1   1 
ATOM   458 C  CE2   . PHE A 1 60 ? -8.984  -8.199  -6.277  1.00 21.12 ? 60   PHE A CE2   1 
ATOM   459 C  CZ    . PHE A 1 60 ? -9.073  -7.080  -5.438  1.00 20.54 ? 60   PHE A CZ    1 
ATOM   460 N  N     . GLU A 1 61 ? -6.324  -7.724  -11.173 1.00 17.87 ? 61   GLU A N     1 
ATOM   461 C  CA    . GLU A 1 61 ? -7.277  -8.166  -12.216 1.00 18.35 ? 61   GLU A CA    1 
ATOM   462 C  C     . GLU A 1 61 ? -8.106  -9.284  -11.727 1.00 22.06 ? 61   GLU A C     1 
ATOM   463 O  O     . GLU A 1 61 ? -7.606  -10.319 -11.121 1.00 23.18 ? 61   GLU A O     1 
ATOM   464 C  CB    . GLU A 1 61 ? -6.407  -8.593  -13.449 1.00 22.77 ? 61   GLU A CB    1 
ATOM   465 C  CG    . GLU A 1 61 ? -7.374  -8.771  -14.615 1.00 30.89 ? 61   GLU A CG    1 
ATOM   466 C  CD    . GLU A 1 61 ? -6.673  -8.786  -15.985 1.00 46.36 ? 61   GLU A CD    1 
ATOM   467 O  OE1   . GLU A 1 61 ? -5.455  -9.089  -15.985 1.00 40.54 ? 61   GLU A OE1   1 
ATOM   468 O  OE2   . GLU A 1 61 ? -7.330  -8.449  -17.075 1.00 46.50 ? 61   GLU A OE2   1 
ATOM   469 N  N     . LEU A 1 62 ? -9.415  -9.196  -11.901 1.00 19.75 ? 62   LEU A N     1 
ATOM   470 C  CA    . LEU A 1 62 ? -10.344 -10.232 -11.386 1.00 21.85 ? 62   LEU A CA    1 
ATOM   471 C  C     . LEU A 1 62 ? -10.341 -11.433 -12.421 1.00 27.77 ? 62   LEU A C     1 
ATOM   472 O  O     . LEU A 1 62 ? -10.196 -11.195 -13.623 1.00 29.35 ? 62   LEU A O     1 
ATOM   473 C  CB    . LEU A 1 62 ? -11.748 -9.644  -11.365 1.00 21.32 ? 62   LEU A CB    1 
ATOM   474 C  CG    . LEU A 1 62 ? -11.940 -8.579  -10.285 1.00 21.81 ? 62   LEU A CG    1 
ATOM   475 C  CD1   . LEU A 1 62 ? -13.402 -8.087  -10.193 1.00 22.53 ? 62   LEU A CD1   1 
ATOM   476 C  CD2   . LEU A 1 62 ? -11.631 -9.102  -8.876  1.00 25.81 ? 62   LEU A CD2   1 
ATOM   477 N  N     . ASP A 1 63 ? -10.441 -12.639 -11.837 1.00 40.34 ? 63   ASP A N     1 
ATOM   478 C  CA    . ASP A 1 63 ? -10.551 -14.011 -12.506 1.00 59.75 ? 63   ASP A CA    1 
ATOM   479 C  C     . ASP A 1 63 ? -9.690  -15.239 -12.209 1.00 64.41 ? 63   ASP A C     1 
ATOM   480 O  O     . ASP A 1 63 ? -8.622  -15.169 -11.611 1.00 60.53 ? 63   ASP A O     1 
ATOM   481 C  CB    . ASP A 1 63 ? -10.960 -13.950 -13.940 1.00 61.19 ? 63   ASP A CB    1 
ATOM   482 C  CG    . ASP A 1 63 ? -12.421 -13.981 -14.003 1.00 77.13 ? 63   ASP A CG    1 
ATOM   483 O  OD1   . ASP A 1 63 ? -12.944 -13.821 -12.855 1.00 69.80 ? 63   ASP A OD1   1 
ATOM   484 O  OD2   . ASP A 1 63 ? -13.030 -14.224 -15.077 1.00 90.30 ? 63   ASP A OD2   1 
HETATM 485 NA NA    . NA  B 2 .  ? -7.391  6.038   -13.154 1.00 35.05 ? 101  NA  A NA    1 
HETATM 486 S  S     . SO4 C 3 .  ? 11.339  8.479   -0.664  0.33 25.29 ? 102  SO4 A S     1 
HETATM 487 O  O1    . SO4 C 3 .  ? 11.737  8.591   -2.105  0.33 16.61 ? 102  SO4 A O1    1 
HETATM 488 O  O2    . SO4 C 3 .  ? 10.718  7.221   -0.115  0.33 17.27 ? 102  SO4 A O2    1 
HETATM 489 O  O3    . SO4 C 3 .  ? 10.000  8.846   -1.051  0.33 26.32 ? 102  SO4 A O3    1 
HETATM 490 O  O4    . SO4 C 3 .  ? 11.282  9.793   0.062   0.33 13.46 ? 102  SO4 A O4    1 
HETATM 491 O  O4    . C3F D 4 .  ? -6.126  2.450   -15.362 1.00 30.13 ? 103  C3F A O4    1 
HETATM 492 C  C4    . C3F D 4 .  ? -5.242  1.595   -15.760 1.00 27.89 ? 103  C3F A C4    1 
HETATM 493 N  N3    . C3F D 4 .  ? -5.639  0.659   -16.640 1.00 26.62 ? 103  C3F A N3    1 
HETATM 494 C  C2    . C3F D 4 .  ? -4.882  -0.327  -17.217 1.00 31.46 ? 103  C3F A C2    1 
HETATM 495 O  O2    . C3F D 4 .  ? -5.294  -1.188  -18.091 1.00 35.09 ? 103  C3F A O2    1 
HETATM 496 N  N1    . C3F D 4 .  ? -3.593  -0.410  -16.839 1.00 29.53 ? 103  C3F A N1    1 
HETATM 497 C  C4A   . C3F D 4 .  ? -3.885  1.529   -15.367 1.00 31.53 ? 103  C3F A C4A   1 
HETATM 498 C  C10   . C3F D 4 .  ? -3.109  0.500   -15.937 1.00 31.27 ? 103  C3F A C10   1 
HETATM 499 N  N5    . C3F D 4 .  ? -3.400  2.400   -14.493 1.00 28.44 ? 103  C3F A N5    1 
HETATM 500 C  C5A   . C3F D 4 .  ? -2.068  2.301   -14.112 1.00 29.33 ? 103  C3F A C5A   1 
HETATM 501 C  C6    . C3F D 4 .  ? -1.513  3.228   -13.179 1.00 32.03 ? 103  C3F A C6    1 
HETATM 502 C  C7    . C3F D 4 .  ? -0.166  3.150   -12.703 1.00 29.25 ? 103  C3F A C7    1 
HETATM 503 C  C7M   . C3F D 4 .  ? 0.213   4.199   -11.675 1.00 31.88 ? 103  C3F A C7M   1 
HETATM 504 C  C8    . C3F D 4 .  ? 0.609   2.162   -13.305 1.00 29.20 ? 103  C3F A C8    1 
HETATM 505 C  C8M   . C3F D 4 .  ? 2.040   2.102   -12.824 1.00 36.78 ? 103  C3F A C8M   1 
HETATM 506 C  C9    . C3F D 4 .  ? 0.123   1.222   -14.256 1.00 29.26 ? 103  C3F A C9    1 
HETATM 507 C  C9A   . C3F D 4 .  ? -1.284  1.283   -14.667 1.00 30.13 ? 103  C3F A C9A   1 
HETATM 508 N  N10   . C3F D 4 .  ? -1.813  0.375   -15.566 1.00 34.79 ? 103  C3F A N10   1 
HETATM 509 C  "C1'" . C3F D 4 .  ? -1.038  -0.685  -16.276 1.00 33.23 ? 103  C3F A "C1'" 1 
HETATM 510 C  "C2'" . C3F D 4 .  ? -0.954  -2.070  -15.715 1.00 40.59 ? 103  C3F A "C2'" 1 
HETATM 511 C  "C3'" . C3F D 4 .  ? 0.017   -2.765  -16.675 1.00 51.38 ? 103  C3F A "C3'" 1 
HETATM 512 C  "C5'" . C3F D 4 .  ? 1.589   -3.957  -14.995 1.00 66.36 ? 103  C3F A "C5'" 1 
HETATM 513 N  "N1'" . C3F D 4 .  ? 0.651   -3.903  -16.001 1.00 71.33 ? 103  C3F A "N1'" 1 
HETATM 514 O  "O2'" . C3F D 4 .  ? 1.997   -5.290  -14.570 1.00 64.65 ? 103  C3F A "O2'" 1 
HETATM 515 O  "O1'" . C3F D 4 .  ? 2.065   -2.969  -14.393 1.00 57.56 ? 103  C3F A "O1'" 1 
HETATM 516 NA NA    . NA  E 2 .  ? -12.637 1.486   -1.837  0.33 14.71 ? 104  NA  A NA    1 
HETATM 517 MG MG    . MG  F 5 .  ? 14.953  2.152   11.313  1.00 23.24 ? 105  MG  A MG    1 
HETATM 518 CL CL    . CL  G 6 .  ? -12.300 4.076   -2.433  0.33 14.90 ? 106  CL  A CL    1 
HETATM 519 O  O     . HOH H 7 .  ? -9.257  -6.293  -16.736 1.00 35.62 ? 2001 HOH A O     1 
HETATM 520 O  O     . HOH H 7 .  ? -11.878 -9.761  -15.352 1.00 34.56 ? 2002 HOH A O     1 
HETATM 521 O  O     . HOH H 7 .  ? -13.544 -4.634  -2.024  1.00 39.33 ? 2003 HOH A O     1 
HETATM 522 O  O     . HOH H 7 .  ? -12.096 -9.772  -4.332  1.00 43.44 ? 2004 HOH A O     1 
HETATM 523 O  O     . HOH H 7 .  ? -11.159 -8.606  -2.901  1.00 41.51 ? 2005 HOH A O     1 
HETATM 524 O  O     . HOH H 7 .  ? -16.438 -7.521  -5.998  1.00 43.04 ? 2006 HOH A O     1 
HETATM 525 O  O     . HOH H 7 .  ? -13.121 -2.219  -3.832  1.00 17.62 ? 2007 HOH A O     1 
HETATM 526 O  O     . HOH H 7 .  ? -10.771 0.716   -2.956  1.00 14.92 ? 2008 HOH A O     1 
HETATM 527 O  O     . HOH H 7 .  ? -7.142  5.197   -7.623  1.00 29.05 ? 2009 HOH A O     1 
HETATM 528 O  O     . HOH H 7 .  ? 3.333   -3.914  9.695   1.00 32.27 ? 2010 HOH A O     1 
HETATM 529 O  O     . HOH H 7 .  ? -6.248  2.660   3.729   1.00 17.02 ? 2011 HOH A O     1 
HETATM 530 O  O     . HOH H 7 .  ? -4.729  6.066   5.914   1.00 25.27 ? 2012 HOH A O     1 
HETATM 531 O  O     . HOH H 7 .  ? 1.014   -7.214  6.768   1.00 40.96 ? 2013 HOH A O     1 
HETATM 532 O  O     . HOH H 7 .  ? 7.464   -1.663  6.118   1.00 26.55 ? 2014 HOH A O     1 
HETATM 533 O  O     . HOH H 7 .  ? 5.312   -2.396  8.631   1.00 36.85 ? 2015 HOH A O     1 
HETATM 534 O  O     . HOH H 7 .  ? 2.222   -2.354  8.222   1.00 26.83 ? 2016 HOH A O     1 
HETATM 535 O  O     . HOH H 7 .  ? 6.101   0.066   10.305  1.00 25.70 ? 2017 HOH A O     1 
HETATM 536 O  O     . HOH H 7 .  ? 10.084  -0.579  6.074   1.00 24.93 ? 2018 HOH A O     1 
HETATM 537 O  O     . HOH H 7 .  ? 9.878   -0.488  9.392   1.00 26.36 ? 2019 HOH A O     1 
HETATM 538 O  O     . HOH H 7 .  ? 11.325  6.257   12.221  1.00 30.71 ? 2020 HOH A O     1 
HETATM 539 O  O     . HOH H 7 .  ? 13.806  3.933   11.489  1.00 23.17 ? 2021 HOH A O     1 
HETATM 540 O  O     . HOH H 7 .  ? 12.712  4.530   13.835  1.00 32.26 ? 2022 HOH A O     1 
HETATM 541 O  O     . HOH H 7 .  ? 13.497  0.945   12.237  1.00 25.10 ? 2023 HOH A O     1 
HETATM 542 O  O     . HOH H 7 .  ? 12.758  1.563   15.963  1.00 45.69 ? 2024 HOH A O     1 
HETATM 543 O  O     . HOH H 7 .  ? 6.230   1.626   13.356  1.00 37.39 ? 2025 HOH A O     1 
HETATM 544 O  O     . HOH H 7 .  ? 13.597  8.730   7.341   1.00 43.25 ? 2026 HOH A O     1 
HETATM 545 O  O     . HOH H 7 .  ? 16.413  3.169   10.315  1.00 22.99 ? 2027 HOH A O     1 
HETATM 546 O  O     . HOH H 7 .  ? 16.017  0.346   11.313  1.00 19.35 ? 2028 HOH A O     1 
HETATM 547 O  O     . HOH H 7 .  ? 16.196  4.928   6.437   1.00 40.06 ? 2029 HOH A O     1 
HETATM 548 O  O     . HOH H 7 .  ? 13.681  3.165   2.539   1.00 20.16 ? 2030 HOH A O     1 
HETATM 549 O  O     . HOH H 7 .  ? -1.984  14.633  -3.774  0.33 42.04 ? 2031 HOH A O     1 
HETATM 550 O  O     . HOH H 7 .  ? 9.887   -4.333  -1.700  1.00 39.10 ? 2032 HOH A O     1 
HETATM 551 O  O     . HOH H 7 .  ? 2.930   -6.206  4.510   1.00 28.92 ? 2033 HOH A O     1 
HETATM 552 O  O     . HOH H 7 .  ? 3.726   -5.069  7.569   1.00 38.82 ? 2034 HOH A O     1 
HETATM 553 O  O     . HOH H 7 .  ? 6.224   -5.586  4.257   1.00 36.52 ? 2035 HOH A O     1 
HETATM 554 O  O     . HOH H 7 .  ? 7.085   -4.149  4.973   1.00 45.31 ? 2036 HOH A O     1 
HETATM 555 O  O     . HOH H 7 .  ? -11.961 6.975   -3.054  0.33 33.44 ? 2037 HOH A O     1 
HETATM 556 O  O     . HOH H 7 .  ? 3.986   -10.425 -0.264  1.00 38.67 ? 2038 HOH A O     1 
HETATM 557 O  O     . HOH H 7 .  ? 8.721   -6.313  -1.201  1.00 51.06 ? 2039 HOH A O     1 
HETATM 558 O  O     . HOH H 7 .  ? -0.268  -12.265 -5.681  1.00 40.10 ? 2040 HOH A O     1 
HETATM 559 O  O     . HOH H 7 .  ? -2.006  -14.678 -3.275  1.00 49.81 ? 2041 HOH A O     1 
HETATM 560 O  O     . HOH H 7 .  ? 5.319   -9.639  -2.108  1.00 39.92 ? 2042 HOH A O     1 
HETATM 561 O  O     . HOH H 7 .  ? 5.893   -6.947  -6.707  1.00 27.23 ? 2043 HOH A O     1 
HETATM 562 O  O     . HOH H 7 .  ? 2.114   -8.834  -8.407  1.00 28.07 ? 2044 HOH A O     1 
HETATM 563 O  O     . HOH H 7 .  ? 2.868   -8.912  4.028   1.00 39.60 ? 2045 HOH A O     1 
HETATM 564 O  O     . HOH H 7 .  ? -7.432  -12.813 -5.985  1.00 40.24 ? 2046 HOH A O     1 
HETATM 565 O  O     . HOH H 7 .  ? -0.886  -13.638 -9.217  1.00 44.79 ? 2047 HOH A O     1 
HETATM 566 O  O     . HOH H 7 .  ? 0.022   -10.719 -7.730  1.00 29.27 ? 2048 HOH A O     1 
HETATM 567 O  O     . HOH H 7 .  ? 0.384   -9.460  -11.899 1.00 46.75 ? 2049 HOH A O     1 
HETATM 568 O  O     . HOH H 7 .  ? -9.764  4.538   -15.700 1.00 40.10 ? 2050 HOH A O     1 
HETATM 569 O  O     . HOH H 7 .  ? 15.424  6.548   0.325   0.33 40.33 ? 2051 HOH A O     1 
HETATM 570 O  O     . HOH H 7 .  ? -4.209  8.768   -7.023  1.00 51.66 ? 2052 HOH A O     1 
HETATM 571 O  O     . HOH H 7 .  ? -0.590  10.240  -6.222  1.00 30.95 ? 2053 HOH A O     1 
HETATM 572 O  O     . HOH H 7 .  ? -2.781  12.694  -2.917  1.00 37.98 ? 2054 HOH A O     1 
HETATM 573 O  O     . HOH H 7 .  ? -0.929  11.572  -2.673  1.00 38.19 ? 2055 HOH A O     1 
HETATM 574 O  O     . HOH H 7 .  ? -3.134  13.447  -0.855  1.00 41.50 ? 2056 HOH A O     1 
HETATM 575 O  O     . HOH H 7 .  ? -7.074  8.980   1.994   1.00 30.02 ? 2057 HOH A O     1 
HETATM 576 O  O     . HOH H 7 .  ? -2.270  12.242  5.410   1.00 35.59 ? 2058 HOH A O     1 
HETATM 577 O  O     . HOH H 7 .  ? -2.912  9.481   6.065   1.00 58.18 ? 2059 HOH A O     1 
HETATM 578 O  O     . HOH H 7 .  ? 0.737   12.545  -1.167  1.00 36.71 ? 2060 HOH A O     1 
HETATM 579 O  O     . HOH H 7 .  ? 6.849   10.471  -1.901  0.33 17.99 ? 2061 HOH A O     1 
HETATM 580 O  O     . HOH H 7 .  ? 4.951   5.947   15.156  1.00 32.23 ? 2062 HOH A O     1 
HETATM 581 O  O     . HOH H 7 .  ? 5.571   4.936   17.948  1.00 41.52 ? 2063 HOH A O     1 
HETATM 582 O  O     . HOH H 7 .  ? 11.967  8.638   14.733  1.00 37.73 ? 2064 HOH A O     1 
HETATM 583 O  O     . HOH H 7 .  ? 13.028  10.736  13.641  1.00 36.30 ? 2065 HOH A O     1 
HETATM 584 O  O     . HOH H 7 .  ? 12.730  8.476   11.156  1.00 34.90 ? 2066 HOH A O     1 
HETATM 585 O  O     . HOH H 7 .  ? 13.305  9.627   9.475   1.00 39.10 ? 2067 HOH A O     1 
HETATM 586 O  O     . HOH H 7 .  ? 1.662   3.452   12.318  1.00 37.61 ? 2068 HOH A O     1 
HETATM 587 O  O     . HOH H 7 .  ? -9.049  7.212   -3.710  1.00 27.96 ? 2069 HOH A O     1 
HETATM 588 O  O     . HOH H 7 .  ? -11.218 -13.083 -9.268  1.00 42.45 ? 2070 HOH A O     1 
HETATM 589 O  O     . HOH H 7 .  ? -10.586 -15.914 -9.755  1.00 63.75 ? 2071 HOH A O     1 
HETATM 590 O  O     . HOH H 7 .  ? -8.896  4.858   -12.715 1.00 46.43 ? 2072 HOH A O     1 
HETATM 591 O  O     . HOH H 7 .  ? -5.739  4.493   -13.027 1.00 38.96 ? 2073 HOH A O     1 
HETATM 592 O  O     . HOH H 7 .  ? -6.893  6.922   -11.021 1.00 33.50 ? 2074 HOH A O     1 
HETATM 593 O  O     . HOH H 7 .  ? 13.609  7.582   0.716   0.33 21.87 ? 2075 HOH A O     1 
HETATM 594 O  O     . HOH H 7 .  ? -2.633  -5.277  -16.385 1.00 40.86 ? 2076 HOH A O     1 
HETATM 595 O  O     . HOH H 7 .  ? -3.473  -3.170  -18.096 1.00 46.46 ? 2077 HOH A O     1 
HETATM 596 O  O     . HOH H 7 .  ? -12.985 -1.196  -1.221  0.33 20.74 ? 2078 HOH A O     1 
HETATM 597 O  O     . HOH H 7 .  ? 15.737  2.676   13.209  1.00 23.10 ? 2079 HOH A O     1 
# 
loop_
_pdbx_poly_seq_scheme.asym_id 
_pdbx_poly_seq_scheme.entity_id 
_pdbx_poly_seq_scheme.seq_id 
_pdbx_poly_seq_scheme.mon_id 
_pdbx_poly_seq_scheme.ndb_seq_num 
_pdbx_poly_seq_scheme.pdb_seq_num 
_pdbx_poly_seq_scheme.auth_seq_num 
_pdbx_poly_seq_scheme.pdb_mon_id 
_pdbx_poly_seq_scheme.auth_mon_id 
_pdbx_poly_seq_scheme.pdb_strand_id 
_pdbx_poly_seq_scheme.pdb_ins_code 
_pdbx_poly_seq_scheme.hetero 
A 1 1  MET 1  1  ?  ?   ?   A . n 
A 1 2  VAL 2  2  2  VAL VAL A . n 
A 1 3  PHE 3  3  3  PHE PHE A . n 
A 1 4  LYS 4  4  4  LYS LYS A . n 
A 1 5  LYS 5  5  5  LYS LYS A . n 
A 1 6  VAL 6  6  6  VAL VAL A . n 
A 1 7  LEU 7  7  7  LEU LEU A . n 
A 1 8  LEU 8  8  8  LEU LEU A . n 
A 1 9  THR 9  9  9  THR THR A . n 
A 1 10 GLY 10 10 10 GLY GLY A . n 
A 1 11 THR 11 11 11 THR THR A . n 
A 1 12 SER 12 12 12 SER SER A . n 
A 1 13 GLU 13 13 13 GLU GLU A . n 
A 1 14 GLU 14 14 14 GLU GLU A . n 
A 1 15 SER 15 15 15 SER SER A . n 
A 1 16 PHE 16 16 16 PHE PHE A . n 
A 1 17 THR 17 17 17 THR THR A . n 
A 1 18 ALA 18 18 18 ALA ALA A . n 
A 1 19 ALA 19 19 19 ALA ALA A . n 
A 1 20 ALA 20 20 20 ALA ALA A . n 
A 1 21 ASP 21 21 21 ASP ASP A . n 
A 1 22 ASP 22 22 22 ASP ASP A . n 
A 1 23 ALA 23 23 23 ALA ALA A . n 
A 1 24 ILE 24 24 24 ILE ILE A . n 
A 1 25 ASP 25 25 25 ASP ASP A . n 
A 1 26 ARG 26 26 26 ARG ARG A . n 
A 1 27 ALA 27 27 27 ALA ALA A . n 
A 1 28 GLU 28 28 28 GLU GLU A . n 
A 1 29 ASP 29 29 29 ASP ASP A . n 
A 1 30 THR 30 30 30 THR THR A . n 
A 1 31 LEU 31 31 31 LEU LEU A . n 
A 1 32 ASP 32 32 32 ASP ASP A . n 
A 1 33 ASN 33 33 33 ASN ASN A . n 
A 1 34 VAL 34 34 34 VAL VAL A . n 
A 1 35 VAL 35 35 35 VAL VAL A . n 
A 1 36 TRP 36 36 36 TRP TRP A . n 
A 1 37 ALA 37 37 37 ALA ALA A . n 
A 1 38 GLU 38 38 38 GLU GLU A . n 
A 1 39 VAL 39 39 39 VAL VAL A . n 
A 1 40 VAL 40 40 40 VAL VAL A . n 
A 1 41 ASP 41 41 41 ASP ASP A . n 
A 1 42 GLN 42 42 42 GLN GLN A . n 
A 1 43 GLY 43 43 43 GLY GLY A . n 
A 1 44 VAL 44 44 44 VAL VAL A . n 
A 1 45 ALA 45 45 45 ALA ALA A . n 
A 1 46 ILE 46 46 46 ILE ILE A . n 
A 1 47 GLY 47 47 47 GLY GLY A . n 
A 1 48 ALA 48 48 48 ALA ALA A . n 
A 1 49 VAL 49 49 49 VAL VAL A . n 
A 1 50 ARG 50 50 50 ARG ARG A . n 
A 1 51 THR 51 51 51 THR THR A . n 
A 1 52 TYR 52 52 52 TYR TYR A . n 
A 1 53 GLN 53 53 53 GLN GLN A . n 
A 1 54 THR 54 54 54 THR THR A . n 
A 1 55 GLU 55 55 55 GLU GLU A . n 
A 1 56 VAL 56 56 56 VAL VAL A . n 
A 1 57 GLN 57 57 57 GLN GLN A . n 
A 1 58 VAL 58 58 58 VAL VAL A . n 
A 1 59 ALA 59 59 59 ALA ALA A . n 
A 1 60 PHE 60 60 60 PHE PHE A . n 
A 1 61 GLU 61 61 61 GLU GLU A . n 
A 1 62 LEU 62 62 62 LEU LEU A . n 
A 1 63 ASP 63 63 63 ASP ASP A . n 
A 1 64 GLY 64 64 ?  ?   ?   A . n 
A 1 65 SER 65 65 ?  ?   ?   A . n 
A 1 66 GLN 66 66 ?  ?   ?   A . n 
A 1 67 LEU 67 67 ?  ?   ?   A . n 
A 1 68 GLU 68 68 ?  ?   ?   A . n 
A 1 69 HIS 69 69 ?  ?   ?   A . n 
A 1 70 HIS 70 70 ?  ?   ?   A . n 
A 1 71 HIS 71 71 ?  ?   ?   A . n 
A 1 72 HIS 72 72 ?  ?   ?   A . n 
A 1 73 HIS 73 73 ?  ?   ?   A . n 
A 1 74 HIS 74 74 ?  ?   ?   A . n 
# 
loop_
_pdbx_nonpoly_scheme.asym_id 
_pdbx_nonpoly_scheme.entity_id 
_pdbx_nonpoly_scheme.mon_id 
_pdbx_nonpoly_scheme.ndb_seq_num 
_pdbx_nonpoly_scheme.pdb_seq_num 
_pdbx_nonpoly_scheme.auth_seq_num 
_pdbx_nonpoly_scheme.pdb_mon_id 
_pdbx_nonpoly_scheme.auth_mon_id 
_pdbx_nonpoly_scheme.pdb_strand_id 
_pdbx_nonpoly_scheme.pdb_ins_code 
B 2 NA  1  101  101  NA  NA  A . 
C 3 SO4 1  102  102  SO4 SO4 A . 
D 4 C3F 1  103  103  C3F C3F A . 
E 2 NA  1  104  104  NA  NA  A . 
F 5 MG  1  105  105  MG  MG  A . 
G 6 CL  1  106  106  CL  CL  A . 
H 7 HOH 1  2001 2001 HOH HOH A . 
H 7 HOH 2  2002 2002 HOH HOH A . 
H 7 HOH 3  2003 2003 HOH HOH A . 
H 7 HOH 4  2004 2004 HOH HOH A . 
H 7 HOH 5  2005 2005 HOH HOH A . 
H 7 HOH 6  2006 2006 HOH HOH A . 
H 7 HOH 7  2007 2007 HOH HOH A . 
H 7 HOH 8  2008 2008 HOH HOH A . 
H 7 HOH 9  2009 2009 HOH HOH A . 
H 7 HOH 10 2010 2010 HOH HOH A . 
H 7 HOH 11 2011 2011 HOH HOH A . 
H 7 HOH 12 2012 2012 HOH HOH A . 
H 7 HOH 13 2013 2013 HOH HOH A . 
H 7 HOH 14 2014 2014 HOH HOH A . 
H 7 HOH 15 2015 2015 HOH HOH A . 
H 7 HOH 16 2016 2016 HOH HOH A . 
H 7 HOH 17 2017 2017 HOH HOH A . 
H 7 HOH 18 2018 2018 HOH HOH A . 
H 7 HOH 19 2019 2019 HOH HOH A . 
H 7 HOH 20 2020 2020 HOH HOH A . 
H 7 HOH 21 2021 2021 HOH HOH A . 
H 7 HOH 22 2022 2022 HOH HOH A . 
H 7 HOH 23 2023 2023 HOH HOH A . 
H 7 HOH 24 2024 2024 HOH HOH A . 
H 7 HOH 25 2025 2025 HOH HOH A . 
H 7 HOH 26 2026 2026 HOH HOH A . 
H 7 HOH 27 2027 2027 HOH HOH A . 
H 7 HOH 28 2028 2028 HOH HOH A . 
H 7 HOH 29 2029 2029 HOH HOH A . 
H 7 HOH 30 2030 2030 HOH HOH A . 
H 7 HOH 31 2031 2031 HOH HOH A . 
H 7 HOH 32 2032 2032 HOH HOH A . 
H 7 HOH 33 2033 2033 HOH HOH A . 
H 7 HOH 34 2034 2034 HOH HOH A . 
H 7 HOH 35 2035 2035 HOH HOH A . 
H 7 HOH 36 2036 2036 HOH HOH A . 
H 7 HOH 37 2037 2037 HOH HOH A . 
H 7 HOH 38 2038 2038 HOH HOH A . 
H 7 HOH 39 2039 2039 HOH HOH A . 
H 7 HOH 40 2040 2040 HOH HOH A . 
H 7 HOH 41 2041 2041 HOH HOH A . 
H 7 HOH 42 2042 2042 HOH HOH A . 
H 7 HOH 43 2043 2043 HOH HOH A . 
H 7 HOH 44 2044 2044 HOH HOH A . 
H 7 HOH 45 2045 2045 HOH HOH A . 
H 7 HOH 46 2046 2046 HOH HOH A . 
H 7 HOH 47 2047 2047 HOH HOH A . 
H 7 HOH 48 2048 2048 HOH HOH A . 
H 7 HOH 49 2049 2049 HOH HOH A . 
H 7 HOH 50 2050 2050 HOH HOH A . 
H 7 HOH 51 2051 2051 HOH HOH A . 
H 7 HOH 52 2052 2052 HOH HOH A . 
H 7 HOH 53 2053 2053 HOH HOH A . 
H 7 HOH 54 2054 2054 HOH HOH A . 
H 7 HOH 55 2055 2055 HOH HOH A . 
H 7 HOH 56 2056 2056 HOH HOH A . 
H 7 HOH 57 2057 2057 HOH HOH A . 
H 7 HOH 58 2058 2058 HOH HOH A . 
H 7 HOH 59 2059 2059 HOH HOH A . 
H 7 HOH 60 2060 2060 HOH HOH A . 
H 7 HOH 61 2061 2061 HOH HOH A . 
H 7 HOH 62 2062 2062 HOH HOH A . 
H 7 HOH 63 2063 2063 HOH HOH A . 
H 7 HOH 64 2064 2064 HOH HOH A . 
H 7 HOH 65 2065 2065 HOH HOH A . 
H 7 HOH 66 2066 2066 HOH HOH A . 
H 7 HOH 67 2067 2067 HOH HOH A . 
H 7 HOH 68 2068 2068 HOH HOH A . 
H 7 HOH 69 2069 2069 HOH HOH A . 
H 7 HOH 70 2070 2070 HOH HOH A . 
H 7 HOH 71 2071 2071 HOH HOH A . 
H 7 HOH 72 2072 2072 HOH HOH A . 
H 7 HOH 73 2073 2073 HOH HOH A . 
H 7 HOH 74 2074 2074 HOH HOH A . 
H 7 HOH 75 2075 2075 HOH HOH A . 
H 7 HOH 76 2076 2076 HOH HOH A . 
H 7 HOH 77 2077 2077 HOH HOH A . 
H 7 HOH 78 2078 2078 HOH HOH A . 
H 7 HOH 79 2079 2079 HOH HOH A . 
# 
_pdbx_struct_assembly.id                   1 
_pdbx_struct_assembly.details              author_and_software_defined_assembly 
_pdbx_struct_assembly.method_details       PISA 
_pdbx_struct_assembly.oligomeric_details   dodecameric 
_pdbx_struct_assembly.oligomeric_count     12 
# 
_pdbx_struct_assembly_gen.assembly_id       1 
_pdbx_struct_assembly_gen.oper_expression   1,2,3,4,5,6,7,8,9,10,11,12 
_pdbx_struct_assembly_gen.asym_id_list      A,B,C,D,E,F,G,H 
# 
loop_
_pdbx_struct_assembly_prop.biol_id 
_pdbx_struct_assembly_prop.type 
_pdbx_struct_assembly_prop.value 
_pdbx_struct_assembly_prop.details 
1 'ABSA (A^2)' 33020  ? 
1 MORE         -592.7 ? 
1 'SSA (A^2)'  25360  ? 
# 
loop_
_pdbx_struct_oper_list.id 
_pdbx_struct_oper_list.type 
_pdbx_struct_oper_list.name 
_pdbx_struct_oper_list.symmetry_operation 
_pdbx_struct_oper_list.matrix[1][1] 
_pdbx_struct_oper_list.matrix[1][2] 
_pdbx_struct_oper_list.matrix[1][3] 
_pdbx_struct_oper_list.vector[1] 
_pdbx_struct_oper_list.matrix[2][1] 
_pdbx_struct_oper_list.matrix[2][2] 
_pdbx_struct_oper_list.matrix[2][3] 
_pdbx_struct_oper_list.vector[2] 
_pdbx_struct_oper_list.matrix[3][1] 
_pdbx_struct_oper_list.matrix[3][2] 
_pdbx_struct_oper_list.matrix[3][3] 
_pdbx_struct_oper_list.vector[3] 
1  'identity operation'         1_555  x,y,z   1.0000000000  0.0000000000  0.0000000000  0.0000000000   0.0000000000  1.0000000000  0.0000000000  0.0000000000  0.0000000000  0.0000000000  1.0000000000  0.0000000000   
2  'crystal symmetry operation' 9_555  y,z,x   0.6799418844  -0.3671628136 0.6347208065  7.1335845413   -0.7290144854 -0.2454102006 0.6389927336  19.1901152355 -0.0788474095 -0.8971985855 -0.4345316838 7.5580848729   
3  'crystal symmetry operation' 5_555  z,x,y   0.6799418844  -0.7290144854 -0.0788474095 9.7353844804   -0.3671628136 -0.2454102006 -0.8971985855 14.1097400568 0.6347208065  0.6389927336  -0.4345316838 -13.5059513791 
4  'crystal symmetry operation' 52_555 x,-y,-z -0.8781321103 -0.2120288375 0.4288680088  -13.1641360785 -0.2120288375 -0.6311068648 -0.7461554110 23.7515965725 0.4288680088  -0.7461554110 0.5092389751  15.4833392959  
5  'crystal symmetry operation' 59_555 y,-z,-x -0.4763218395 -0.0103282750 -0.8792103457 -20.2558027404 0.3747511802  0.9021787461  -0.2136236483 4.4885515501  0.7954112510  -0.4312387238 -0.4258569066 8.0727685671   
6  'crystal symmetry operation' 54_555 z,-x,-y -0.2470182489 0.9662486093  0.0731136771  -30.4970320526 -0.3860486794 -0.1673357296 0.9071742780  22.8601992111 0.8887904150  0.1958631631  0.4143539785  2.2527185242   
7  'crystal symmetry operation' 75_555 -x,y,-z -0.6597863244 -0.6307219448 -0.4084994913 -7.9461201916  -0.6307219448 0.1692950645  0.7573169808  13.2025047064 -0.4084994913 0.7573169808  -0.5095087400 -27.0024527247 
8  'crystal symmetry operation' 82_555 -y,z,-x 0.0433982040  0.7635397680  -0.6443008758 -27.8438623447 -0.6119853041 -0.4894328159 -0.6212322483 17.6758542035 -0.7896775187 0.4212630312  0.4460346119  -19.2344285493 
9  'crystal symmetry operation' 80_555 -z,x,-y -0.4763218395 0.3747511802  0.7954112510  -17.7515421567 -0.0103282750 0.9021787461  -0.4312387238 -0.7773928961 -0.8792103457 -0.2136236483 -0.4258569066 -13.4124063224 
10 'crystal symmetry operation' 36_555 -y,-z,x -0.2470182489 -0.3860486794 0.8887904150  -0.7103683688  0.9662486093  -0.1673357296 0.1958631631  32.8518183471 0.0731136771  0.9071742780  0.4143539785  -19.4418574423 
11 'crystal symmetry operation' 31_555 -z,-x,y 0.0433982040  -0.6119853041 -0.7896775187 -3.1632591837  0.7635397680  -0.4894328159 0.4212630312  38.0137929644 -0.6443008758 -0.6212322483 0.4460346119  1.6202066257   
12 'crystal symmetry operation' 26_555 -x,-y,z 0.5379184347  0.8427507823  -0.0203685175 -20.5661926426 0.8427507823  -0.5381881997 -0.0111615699 37.2522380573 -0.0203685175 -0.0111615699 -0.9997302350 -11.5263191228 
# 
loop_
_pdbx_struct_special_symmetry.id 
_pdbx_struct_special_symmetry.PDB_model_num 
_pdbx_struct_special_symmetry.auth_asym_id 
_pdbx_struct_special_symmetry.auth_comp_id 
_pdbx_struct_special_symmetry.auth_seq_id 
_pdbx_struct_special_symmetry.PDB_ins_code 
_pdbx_struct_special_symmetry.label_asym_id 
_pdbx_struct_special_symmetry.label_comp_id 
_pdbx_struct_special_symmetry.label_seq_id 
1 1 A SO4 102  ? C SO4 . 
2 1 A SO4 102  ? C SO4 . 
3 1 A NA  104  ? E NA  . 
4 1 A CL  106  ? G CL  . 
5 1 A HOH 2031 ? H HOH . 
6 1 A HOH 2037 ? H HOH . 
7 1 A HOH 2051 ? H HOH . 
8 1 A HOH 2061 ? H HOH . 
9 1 A HOH 2078 ? H HOH . 
# 
loop_
_pdbx_struct_conn_angle.id 
_pdbx_struct_conn_angle.ptnr1_label_atom_id 
_pdbx_struct_conn_angle.ptnr1_label_alt_id 
_pdbx_struct_conn_angle.ptnr1_label_asym_id 
_pdbx_struct_conn_angle.ptnr1_label_comp_id 
_pdbx_struct_conn_angle.ptnr1_label_seq_id 
_pdbx_struct_conn_angle.ptnr1_auth_atom_id 
_pdbx_struct_conn_angle.ptnr1_auth_asym_id 
_pdbx_struct_conn_angle.ptnr1_auth_comp_id 
_pdbx_struct_conn_angle.ptnr1_auth_seq_id 
_pdbx_struct_conn_angle.ptnr1_PDB_ins_code 
_pdbx_struct_conn_angle.ptnr1_symmetry 
_pdbx_struct_conn_angle.ptnr2_label_atom_id 
_pdbx_struct_conn_angle.ptnr2_label_alt_id 
_pdbx_struct_conn_angle.ptnr2_label_asym_id 
_pdbx_struct_conn_angle.ptnr2_label_comp_id 
_pdbx_struct_conn_angle.ptnr2_label_seq_id 
_pdbx_struct_conn_angle.ptnr2_auth_atom_id 
_pdbx_struct_conn_angle.ptnr2_auth_asym_id 
_pdbx_struct_conn_angle.ptnr2_auth_comp_id 
_pdbx_struct_conn_angle.ptnr2_auth_seq_id 
_pdbx_struct_conn_angle.ptnr2_PDB_ins_code 
_pdbx_struct_conn_angle.ptnr2_symmetry 
_pdbx_struct_conn_angle.ptnr3_label_atom_id 
_pdbx_struct_conn_angle.ptnr3_label_alt_id 
_pdbx_struct_conn_angle.ptnr3_label_asym_id 
_pdbx_struct_conn_angle.ptnr3_label_comp_id 
_pdbx_struct_conn_angle.ptnr3_label_seq_id 
_pdbx_struct_conn_angle.ptnr3_auth_atom_id 
_pdbx_struct_conn_angle.ptnr3_auth_asym_id 
_pdbx_struct_conn_angle.ptnr3_auth_comp_id 
_pdbx_struct_conn_angle.ptnr3_auth_seq_id 
_pdbx_struct_conn_angle.ptnr3_PDB_ins_code 
_pdbx_struct_conn_angle.ptnr3_symmetry 
_pdbx_struct_conn_angle.value 
_pdbx_struct_conn_angle.value_esd 
1  OE2 ? A GLU 14 ? A GLU 14   ? 1_555  MG ? F MG . ? A MG 105 ? 1_555 O  ? H HOH . ? A HOH 2021 ? 1_555  91.5  ? 
2  OE2 ? A GLU 14 ? A GLU 14   ? 1_555  MG ? F MG . ? A MG 105 ? 1_555 O  ? H HOH . ? A HOH 2023 ? 1_555  91.5  ? 
3  O   ? H HOH .  ? A HOH 2021 ? 1_555  MG ? F MG . ? A MG 105 ? 1_555 O  ? H HOH . ? A HOH 2023 ? 1_555  94.1  ? 
4  OE2 ? A GLU 14 ? A GLU 14   ? 1_555  MG ? F MG . ? A MG 105 ? 1_555 O  ? H HOH . ? A HOH 2027 ? 1_555  85.7  ? 
5  O   ? H HOH .  ? A HOH 2021 ? 1_555  MG ? F MG . ? A MG 105 ? 1_555 O  ? H HOH . ? A HOH 2027 ? 1_555  90.5  ? 
6  O   ? H HOH .  ? A HOH 2023 ? 1_555  MG ? F MG . ? A MG 105 ? 1_555 O  ? H HOH . ? A HOH 2027 ? 1_555  174.6 ? 
7  OE2 ? A GLU 14 ? A GLU 14   ? 1_555  MG ? F MG . ? A MG 105 ? 1_555 O  ? H HOH . ? A HOH 2028 ? 1_555  91.8  ? 
8  O   ? H HOH .  ? A HOH 2021 ? 1_555  MG ? F MG . ? A MG 105 ? 1_555 O  ? H HOH . ? A HOH 2028 ? 1_555  174.7 ? 
9  O   ? H HOH .  ? A HOH 2023 ? 1_555  MG ? F MG . ? A MG 105 ? 1_555 O  ? H HOH . ? A HOH 2028 ? 1_555  81.8  ? 
10 O   ? H HOH .  ? A HOH 2027 ? 1_555  MG ? F MG . ? A MG 105 ? 1_555 O  ? H HOH . ? A HOH 2028 ? 1_555  93.8  ? 
11 OE2 ? A GLU 14 ? A GLU 14   ? 1_555  MG ? F MG . ? A MG 105 ? 1_555 O  ? H HOH . ? A HOH 2079 ? 1_555  176.5 ? 
12 O   ? H HOH .  ? A HOH 2021 ? 1_555  MG ? F MG . ? A MG 105 ? 1_555 O  ? H HOH . ? A HOH 2079 ? 1_555  85.3  ? 
13 O   ? H HOH .  ? A HOH 2023 ? 1_555  MG ? F MG . ? A MG 105 ? 1_555 O  ? H HOH . ? A HOH 2079 ? 1_555  90.3  ? 
14 O   ? H HOH .  ? A HOH 2027 ? 1_555  MG ? F MG . ? A MG 105 ? 1_555 O  ? H HOH . ? A HOH 2079 ? 1_555  92.8  ? 
15 O   ? H HOH .  ? A HOH 2028 ? 1_555  MG ? F MG . ? A MG 105 ? 1_555 O  ? H HOH . ? A HOH 2079 ? 1_555  91.4  ? 
16 OD2 ? A ASP 41 ? A ASP 41   ? 80_555 NA ? B NA . ? A NA 101 ? 1_555 O  ? H HOH . ? A HOH 2059 ? 80_555 94.5  ? 
17 OD2 ? A ASP 41 ? A ASP 41   ? 80_555 NA ? B NA . ? A NA 101 ? 1_555 O  ? H HOH . ? A HOH 2072 ? 1_555  87.8  ? 
18 O   ? H HOH .  ? A HOH 2059 ? 80_555 NA ? B NA . ? A NA 101 ? 1_555 O  ? H HOH . ? A HOH 2072 ? 1_555  79.7  ? 
19 OD2 ? A ASP 41 ? A ASP 41   ? 80_555 NA ? B NA . ? A NA 101 ? 1_555 O  ? H HOH . ? A HOH 2073 ? 1_555  173.5 ? 
20 O   ? H HOH .  ? A HOH 2059 ? 80_555 NA ? B NA . ? A NA 101 ? 1_555 O  ? H HOH . ? A HOH 2073 ? 1_555  89.7  ? 
21 O   ? H HOH .  ? A HOH 2072 ? 1_555  NA ? B NA . ? A NA 101 ? 1_555 O  ? H HOH . ? A HOH 2073 ? 1_555  97.9  ? 
22 OD2 ? A ASP 41 ? A ASP 41   ? 80_555 NA ? B NA . ? A NA 101 ? 1_555 O  ? H HOH . ? A HOH 2074 ? 1_555  82.8  ? 
23 O   ? H HOH .  ? A HOH 2059 ? 80_555 NA ? B NA . ? A NA 101 ? 1_555 O  ? H HOH . ? A HOH 2074 ? 1_555  177.3 ? 
24 O   ? H HOH .  ? A HOH 2072 ? 1_555  NA ? B NA . ? A NA 101 ? 1_555 O  ? H HOH . ? A HOH 2074 ? 1_555  100.7 ? 
25 O   ? H HOH .  ? A HOH 2073 ? 1_555  NA ? B NA . ? A NA 101 ? 1_555 O  ? H HOH . ? A HOH 2074 ? 1_555  92.9  ? 
26 CL  ? G CL  .  ? A CL  106  ? 1_555  NA ? E NA . ? A NA 104 ? 1_555 CL ? G CL  . ? A CL  106  ? 59_555 0.0   ? 
27 CL  ? G CL  .  ? A CL  106  ? 1_555  NA ? E NA . ? A NA 104 ? 1_555 CL ? G CL  . ? A CL  106  ? 80_555 0.0   ? 
28 CL  ? G CL  .  ? A CL  106  ? 59_555 NA ? E NA . ? A NA 104 ? 1_555 CL ? G CL  . ? A CL  106  ? 80_555 0.0   ? 
29 CL  ? G CL  .  ? A CL  106  ? 1_555  NA ? E NA . ? A NA 104 ? 1_555 O  ? H HOH . ? A HOH 2008 ? 59_555 96.5  ? 
30 CL  ? G CL  .  ? A CL  106  ? 59_555 NA ? E NA . ? A NA 104 ? 1_555 O  ? H HOH . ? A HOH 2008 ? 59_555 96.5  ? 
31 CL  ? G CL  .  ? A CL  106  ? 80_555 NA ? E NA . ? A NA 104 ? 1_555 O  ? H HOH . ? A HOH 2008 ? 59_555 96.5  ? 
32 CL  ? G CL  .  ? A CL  106  ? 1_555  NA ? E NA . ? A NA 104 ? 1_555 O  ? H HOH . ? A HOH 2008 ? 80_555 96.5  ? 
33 CL  ? G CL  .  ? A CL  106  ? 59_555 NA ? E NA . ? A NA 104 ? 1_555 O  ? H HOH . ? A HOH 2008 ? 80_555 96.5  ? 
34 CL  ? G CL  .  ? A CL  106  ? 80_555 NA ? E NA . ? A NA 104 ? 1_555 O  ? H HOH . ? A HOH 2008 ? 80_555 96.5  ? 
35 O   ? H HOH .  ? A HOH 2008 ? 59_555 NA ? E NA . ? A NA 104 ? 1_555 O  ? H HOH . ? A HOH 2008 ? 80_555 118.7 ? 
36 CL  ? G CL  .  ? A CL  106  ? 1_555  NA ? E NA . ? A NA 104 ? 1_555 O  ? H HOH . ? A HOH 2008 ? 1_555  96.5  ? 
37 CL  ? G CL  .  ? A CL  106  ? 59_555 NA ? E NA . ? A NA 104 ? 1_555 O  ? H HOH . ? A HOH 2008 ? 1_555  96.5  ? 
38 CL  ? G CL  .  ? A CL  106  ? 80_555 NA ? E NA . ? A NA 104 ? 1_555 O  ? H HOH . ? A HOH 2008 ? 1_555  96.5  ? 
39 O   ? H HOH .  ? A HOH 2008 ? 59_555 NA ? E NA . ? A NA 104 ? 1_555 O  ? H HOH . ? A HOH 2008 ? 1_555  118.7 ? 
40 O   ? H HOH .  ? A HOH 2008 ? 80_555 NA ? E NA . ? A NA 104 ? 1_555 O  ? H HOH . ? A HOH 2008 ? 1_555  118.7 ? 
41 CL  ? G CL  .  ? A CL  106  ? 1_555  NA ? E NA . ? A NA 104 ? 1_555 O  ? H HOH . ? A HOH 2078 ? 1_555  180.0 ? 
42 CL  ? G CL  .  ? A CL  106  ? 59_555 NA ? E NA . ? A NA 104 ? 1_555 O  ? H HOH . ? A HOH 2078 ? 1_555  180.0 ? 
43 CL  ? G CL  .  ? A CL  106  ? 80_555 NA ? E NA . ? A NA 104 ? 1_555 O  ? H HOH . ? A HOH 2078 ? 1_555  180.0 ? 
44 O   ? H HOH .  ? A HOH 2008 ? 59_555 NA ? E NA . ? A NA 104 ? 1_555 O  ? H HOH . ? A HOH 2078 ? 1_555  83.5  ? 
45 O   ? H HOH .  ? A HOH 2008 ? 80_555 NA ? E NA . ? A NA 104 ? 1_555 O  ? H HOH . ? A HOH 2078 ? 1_555  83.5  ? 
46 O   ? H HOH .  ? A HOH 2008 ? 1_555  NA ? E NA . ? A NA 104 ? 1_555 O  ? H HOH . ? A HOH 2078 ? 1_555  83.5  ? 
47 CL  ? G CL  .  ? A CL  106  ? 1_555  NA ? E NA . ? A NA 104 ? 1_555 O  ? H HOH . ? A HOH 2078 ? 59_555 180.0 ? 
48 CL  ? G CL  .  ? A CL  106  ? 59_555 NA ? E NA . ? A NA 104 ? 1_555 O  ? H HOH . ? A HOH 2078 ? 59_555 180.0 ? 
49 CL  ? G CL  .  ? A CL  106  ? 80_555 NA ? E NA . ? A NA 104 ? 1_555 O  ? H HOH . ? A HOH 2078 ? 59_555 180.0 ? 
50 O   ? H HOH .  ? A HOH 2008 ? 59_555 NA ? E NA . ? A NA 104 ? 1_555 O  ? H HOH . ? A HOH 2078 ? 59_555 83.5  ? 
51 O   ? H HOH .  ? A HOH 2008 ? 80_555 NA ? E NA . ? A NA 104 ? 1_555 O  ? H HOH . ? A HOH 2078 ? 59_555 83.5  ? 
52 O   ? H HOH .  ? A HOH 2008 ? 1_555  NA ? E NA . ? A NA 104 ? 1_555 O  ? H HOH . ? A HOH 2078 ? 59_555 83.5  ? 
53 O   ? H HOH .  ? A HOH 2078 ? 1_555  NA ? E NA . ? A NA 104 ? 1_555 O  ? H HOH . ? A HOH 2078 ? 59_555 0.0   ? 
54 CL  ? G CL  .  ? A CL  106  ? 1_555  NA ? E NA . ? A NA 104 ? 1_555 O  ? H HOH . ? A HOH 2078 ? 80_555 180.0 ? 
55 CL  ? G CL  .  ? A CL  106  ? 59_555 NA ? E NA . ? A NA 104 ? 1_555 O  ? H HOH . ? A HOH 2078 ? 80_555 180.0 ? 
56 CL  ? G CL  .  ? A CL  106  ? 80_555 NA ? E NA . ? A NA 104 ? 1_555 O  ? H HOH . ? A HOH 2078 ? 80_555 180.0 ? 
57 O   ? H HOH .  ? A HOH 2008 ? 59_555 NA ? E NA . ? A NA 104 ? 1_555 O  ? H HOH . ? A HOH 2078 ? 80_555 83.5  ? 
58 O   ? H HOH .  ? A HOH 2008 ? 80_555 NA ? E NA . ? A NA 104 ? 1_555 O  ? H HOH . ? A HOH 2078 ? 80_555 83.5  ? 
59 O   ? H HOH .  ? A HOH 2008 ? 1_555  NA ? E NA . ? A NA 104 ? 1_555 O  ? H HOH . ? A HOH 2078 ? 80_555 83.5  ? 
60 O   ? H HOH .  ? A HOH 2078 ? 1_555  NA ? E NA . ? A NA 104 ? 1_555 O  ? H HOH . ? A HOH 2078 ? 80_555 0.0   ? 
61 O   ? H HOH .  ? A HOH 2078 ? 59_555 NA ? E NA . ? A NA 104 ? 1_555 O  ? H HOH . ? A HOH 2078 ? 80_555 0.0   ? 
# 
loop_
_pdbx_audit_revision_history.ordinal 
_pdbx_audit_revision_history.data_content_type 
_pdbx_audit_revision_history.major_revision 
_pdbx_audit_revision_history.minor_revision 
_pdbx_audit_revision_history.revision_date 
1 'Structure model' 1 0 2013-05-29 
2 'Structure model' 1 1 2019-10-16 
3 'Structure model' 1 2 2023-12-20 
# 
_pdbx_audit_revision_details.ordinal             1 
_pdbx_audit_revision_details.revision_ordinal    1 
_pdbx_audit_revision_details.data_content_type   'Structure model' 
_pdbx_audit_revision_details.provider            repository 
_pdbx_audit_revision_details.type                'Initial release' 
_pdbx_audit_revision_details.description         ? 
_pdbx_audit_revision_details.details             ? 
# 
loop_
_pdbx_audit_revision_group.ordinal 
_pdbx_audit_revision_group.revision_ordinal 
_pdbx_audit_revision_group.data_content_type 
_pdbx_audit_revision_group.group 
1 2 'Structure model' 'Data collection'        
2 2 'Structure model' 'Derived calculations'   
3 2 'Structure model' Other                    
4 3 'Structure model' 'Data collection'        
5 3 'Structure model' 'Database references'    
6 3 'Structure model' 'Derived calculations'   
7 3 'Structure model' 'Refinement description' 
# 
loop_
_pdbx_audit_revision_category.ordinal 
_pdbx_audit_revision_category.revision_ordinal 
_pdbx_audit_revision_category.data_content_type 
_pdbx_audit_revision_category.category 
1  2 'Structure model' pdbx_database_status          
2  2 'Structure model' pdbx_struct_special_symmetry  
3  2 'Structure model' reflns                        
4  2 'Structure model' reflns_shell                  
5  3 'Structure model' chem_comp_atom                
6  3 'Structure model' chem_comp_bond                
7  3 'Structure model' database_2                    
8  3 'Structure model' pdbx_initial_refinement_model 
9  3 'Structure model' pdbx_struct_conn_angle        
10 3 'Structure model' struct_conn                   
11 3 'Structure model' struct_site                   
# 
loop_
_pdbx_audit_revision_item.ordinal 
_pdbx_audit_revision_item.revision_ordinal 
_pdbx_audit_revision_item.data_content_type 
_pdbx_audit_revision_item.item 
1  2 'Structure model' '_pdbx_database_status.status_code_sf'        
2  2 'Structure model' '_reflns.pdbx_Rmerge_I_obs'                   
3  2 'Structure model' '_reflns_shell.Rmerge_I_obs'                  
4  3 'Structure model' '_database_2.pdbx_DOI'                        
5  3 'Structure model' '_database_2.pdbx_database_accession'         
6  3 'Structure model' '_pdbx_struct_conn_angle.ptnr1_auth_comp_id'  
7  3 'Structure model' '_pdbx_struct_conn_angle.ptnr1_auth_seq_id'   
8  3 'Structure model' '_pdbx_struct_conn_angle.ptnr1_label_asym_id' 
9  3 'Structure model' '_pdbx_struct_conn_angle.ptnr1_label_atom_id' 
10 3 'Structure model' '_pdbx_struct_conn_angle.ptnr1_label_comp_id' 
11 3 'Structure model' '_pdbx_struct_conn_angle.ptnr1_label_seq_id'  
12 3 'Structure model' '_pdbx_struct_conn_angle.ptnr1_symmetry'      
13 3 'Structure model' '_pdbx_struct_conn_angle.ptnr2_auth_comp_id'  
14 3 'Structure model' '_pdbx_struct_conn_angle.ptnr2_auth_seq_id'   
15 3 'Structure model' '_pdbx_struct_conn_angle.ptnr2_label_asym_id' 
16 3 'Structure model' '_pdbx_struct_conn_angle.ptnr2_label_atom_id' 
17 3 'Structure model' '_pdbx_struct_conn_angle.ptnr2_label_comp_id' 
18 3 'Structure model' '_pdbx_struct_conn_angle.ptnr3_auth_comp_id'  
19 3 'Structure model' '_pdbx_struct_conn_angle.ptnr3_auth_seq_id'   
20 3 'Structure model' '_pdbx_struct_conn_angle.ptnr3_label_asym_id' 
21 3 'Structure model' '_pdbx_struct_conn_angle.ptnr3_label_atom_id' 
22 3 'Structure model' '_pdbx_struct_conn_angle.ptnr3_label_comp_id' 
23 3 'Structure model' '_pdbx_struct_conn_angle.ptnr3_label_seq_id'  
24 3 'Structure model' '_pdbx_struct_conn_angle.ptnr3_symmetry'      
25 3 'Structure model' '_pdbx_struct_conn_angle.value'               
26 3 'Structure model' '_struct_conn.pdbx_dist_value'                
27 3 'Structure model' '_struct_conn.ptnr1_auth_comp_id'             
28 3 'Structure model' '_struct_conn.ptnr1_auth_seq_id'              
29 3 'Structure model' '_struct_conn.ptnr1_label_asym_id'            
30 3 'Structure model' '_struct_conn.ptnr1_label_atom_id'            
31 3 'Structure model' '_struct_conn.ptnr1_label_comp_id'            
32 3 'Structure model' '_struct_conn.ptnr1_label_seq_id'             
33 3 'Structure model' '_struct_conn.ptnr1_symmetry'                 
34 3 'Structure model' '_struct_conn.ptnr2_auth_comp_id'             
35 3 'Structure model' '_struct_conn.ptnr2_auth_seq_id'              
36 3 'Structure model' '_struct_conn.ptnr2_label_asym_id'            
37 3 'Structure model' '_struct_conn.ptnr2_label_atom_id'            
38 3 'Structure model' '_struct_conn.ptnr2_label_comp_id'            
39 3 'Structure model' '_struct_conn.ptnr2_label_seq_id'             
40 3 'Structure model' '_struct_conn.ptnr2_symmetry'                 
41 3 'Structure model' '_struct_site.pdbx_auth_asym_id'              
42 3 'Structure model' '_struct_site.pdbx_auth_comp_id'              
43 3 'Structure model' '_struct_site.pdbx_auth_seq_id'               
# 
loop_
_software.name 
_software.classification 
_software.version 
_software.citation_id 
_software.pdbx_ordinal 
REFMAC refinement       5.6.0117 ? 1 
XDS    'data reduction' .        ? 2 
SCALA  'data scaling'   .        ? 3 
REFMAC phasing          .        ? 4 
# 
_pdbx_entry_details.entry_id                 4B2H 
_pdbx_entry_details.compound_details         'ENGINEERED RESIDUE IN CHAIN A, GLU 45 TO ALA' 
_pdbx_entry_details.source_details           ? 
_pdbx_entry_details.nonpolymer_details       
;[4-(7,8-DIMETHYL-2,4-DIOXO-3,
 4-DIHYDROBENZO[G]PTERIDIN-10(2H)-YL)PROPYL]CARBAMIC ACID
 (C3F): ISOALLOXAZINE RING CONNECTED TO DNA VIA PROPYL
 CHAIN
;
_pdbx_entry_details.sequence_details         
;MUTATION OF E45A AND DELETION OF GLU50 AND GLU51
OE3073R AT HALOLEX DATABASE
;
_pdbx_entry_details.has_ligand_of_interest   ? 
# 
loop_
_pdbx_validate_close_contact.id 
_pdbx_validate_close_contact.PDB_model_num 
_pdbx_validate_close_contact.auth_atom_id_1 
_pdbx_validate_close_contact.auth_asym_id_1 
_pdbx_validate_close_contact.auth_comp_id_1 
_pdbx_validate_close_contact.auth_seq_id_1 
_pdbx_validate_close_contact.PDB_ins_code_1 
_pdbx_validate_close_contact.label_alt_id_1 
_pdbx_validate_close_contact.auth_atom_id_2 
_pdbx_validate_close_contact.auth_asym_id_2 
_pdbx_validate_close_contact.auth_comp_id_2 
_pdbx_validate_close_contact.auth_seq_id_2 
_pdbx_validate_close_contact.PDB_ins_code_2 
_pdbx_validate_close_contact.label_alt_id_2 
_pdbx_validate_close_contact.dist 
1 1 O A HOH 2035 ? ? O A HOH 2036 ? ? 1.82 
2 1 O A HOH 2004 ? ? O A HOH 2005 ? ? 2.07 
3 1 O A HOH 2066 ? ? O A HOH 2067 ? ? 2.12 
4 1 O A HOH 2054 ? ? O A HOH 2055 ? ? 2.18 
# 
_pdbx_validate_symm_contact.id                1 
_pdbx_validate_symm_contact.PDB_model_num     1 
_pdbx_validate_symm_contact.auth_atom_id_1    O 
_pdbx_validate_symm_contact.auth_asym_id_1    A 
_pdbx_validate_symm_contact.auth_comp_id_1    HOH 
_pdbx_validate_symm_contact.auth_seq_id_1     2050 
_pdbx_validate_symm_contact.PDB_ins_code_1    ? 
_pdbx_validate_symm_contact.label_alt_id_1    ? 
_pdbx_validate_symm_contact.site_symmetry_1   1_555 
_pdbx_validate_symm_contact.auth_atom_id_2    O 
_pdbx_validate_symm_contact.auth_asym_id_2    A 
_pdbx_validate_symm_contact.auth_comp_id_2    HOH 
_pdbx_validate_symm_contact.auth_seq_id_2     2059 
_pdbx_validate_symm_contact.PDB_ins_code_2    ? 
_pdbx_validate_symm_contact.label_alt_id_2    ? 
_pdbx_validate_symm_contact.site_symmetry_2   80_555 
_pdbx_validate_symm_contact.dist              1.91 
# 
loop_
_pdbx_validate_rmsd_angle.id 
_pdbx_validate_rmsd_angle.PDB_model_num 
_pdbx_validate_rmsd_angle.auth_atom_id_1 
_pdbx_validate_rmsd_angle.auth_asym_id_1 
_pdbx_validate_rmsd_angle.auth_comp_id_1 
_pdbx_validate_rmsd_angle.auth_seq_id_1 
_pdbx_validate_rmsd_angle.PDB_ins_code_1 
_pdbx_validate_rmsd_angle.label_alt_id_1 
_pdbx_validate_rmsd_angle.auth_atom_id_2 
_pdbx_validate_rmsd_angle.auth_asym_id_2 
_pdbx_validate_rmsd_angle.auth_comp_id_2 
_pdbx_validate_rmsd_angle.auth_seq_id_2 
_pdbx_validate_rmsd_angle.PDB_ins_code_2 
_pdbx_validate_rmsd_angle.label_alt_id_2 
_pdbx_validate_rmsd_angle.auth_atom_id_3 
_pdbx_validate_rmsd_angle.auth_asym_id_3 
_pdbx_validate_rmsd_angle.auth_comp_id_3 
_pdbx_validate_rmsd_angle.auth_seq_id_3 
_pdbx_validate_rmsd_angle.PDB_ins_code_3 
_pdbx_validate_rmsd_angle.label_alt_id_3 
_pdbx_validate_rmsd_angle.angle_value 
_pdbx_validate_rmsd_angle.angle_target_value 
_pdbx_validate_rmsd_angle.angle_deviation 
_pdbx_validate_rmsd_angle.angle_standard_deviation 
_pdbx_validate_rmsd_angle.linker_flag 
1  1 CG1 A VAL 6  ? A CB A VAL 6  ? A CG2 A VAL 6  ? A 120.84 110.90 9.94  1.60 N 
2  1 OE1 A GLU 14 ? ? CD A GLU 14 ? ? OE2 A GLU 14 ? ? 130.67 123.30 7.37  1.20 N 
3  1 CB  A ASP 21 ? ? CG A ASP 21 ? ? OD1 A ASP 21 ? ? 125.43 118.30 7.13  0.90 N 
4  1 CB  A ASP 22 ? ? CG A ASP 22 ? ? OD2 A ASP 22 ? ? 128.11 118.30 9.81  0.90 N 
5  1 CB  A ASP 25 ? ? CG A ASP 25 ? ? OD2 A ASP 25 ? ? 112.08 118.30 -6.22 0.90 N 
6  1 NE  A ARG 26 ? ? CZ A ARG 26 ? ? NH2 A ARG 26 ? ? 115.48 120.30 -4.82 0.50 N 
7  1 CB  A TYR 52 ? ? CG A TYR 52 ? ? CD2 A TYR 52 ? ? 115.31 121.00 -5.69 0.60 N 
8  1 CB  A TYR 52 ? ? CG A TYR 52 ? ? CD1 A TYR 52 ? ? 124.93 121.00 3.93  0.60 N 
9  1 CB  A PHE 60 ? ? CG A PHE 60 ? ? CD1 A PHE 60 ? ? 115.13 120.80 -5.67 0.70 N 
10 1 CB  A ASP 63 ? ? CG A ASP 63 ? ? OD1 A ASP 63 ? ? 111.63 118.30 -6.67 0.90 N 
# 
loop_
_pdbx_unobs_or_zero_occ_residues.id 
_pdbx_unobs_or_zero_occ_residues.PDB_model_num 
_pdbx_unobs_or_zero_occ_residues.polymer_flag 
_pdbx_unobs_or_zero_occ_residues.occupancy_flag 
_pdbx_unobs_or_zero_occ_residues.auth_asym_id 
_pdbx_unobs_or_zero_occ_residues.auth_comp_id 
_pdbx_unobs_or_zero_occ_residues.auth_seq_id 
_pdbx_unobs_or_zero_occ_residues.PDB_ins_code 
_pdbx_unobs_or_zero_occ_residues.label_asym_id 
_pdbx_unobs_or_zero_occ_residues.label_comp_id 
_pdbx_unobs_or_zero_occ_residues.label_seq_id 
1  1 Y 1 A MET 1  ? A MET 1  
2  1 Y 1 A GLY 64 ? A GLY 64 
3  1 Y 1 A SER 65 ? A SER 65 
4  1 Y 1 A GLN 66 ? A GLN 66 
5  1 Y 1 A LEU 67 ? A LEU 67 
6  1 Y 1 A GLU 68 ? A GLU 68 
7  1 Y 1 A HIS 69 ? A HIS 69 
8  1 Y 1 A HIS 70 ? A HIS 70 
9  1 Y 1 A HIS 71 ? A HIS 71 
10 1 Y 1 A HIS 72 ? A HIS 72 
11 1 Y 1 A HIS 73 ? A HIS 73 
12 1 Y 1 A HIS 74 ? A HIS 74 
# 
loop_
_chem_comp_atom.comp_id 
_chem_comp_atom.atom_id 
_chem_comp_atom.type_symbol 
_chem_comp_atom.pdbx_aromatic_flag 
_chem_comp_atom.pdbx_stereo_config 
_chem_comp_atom.pdbx_ordinal 
ALA N      N  N N 1   
ALA CA     C  N S 2   
ALA C      C  N N 3   
ALA O      O  N N 4   
ALA CB     C  N N 5   
ALA OXT    O  N N 6   
ALA H      H  N N 7   
ALA H2     H  N N 8   
ALA HA     H  N N 9   
ALA HB1    H  N N 10  
ALA HB2    H  N N 11  
ALA HB3    H  N N 12  
ALA HXT    H  N N 13  
ARG N      N  N N 14  
ARG CA     C  N S 15  
ARG C      C  N N 16  
ARG O      O  N N 17  
ARG CB     C  N N 18  
ARG CG     C  N N 19  
ARG CD     C  N N 20  
ARG NE     N  N N 21  
ARG CZ     C  N N 22  
ARG NH1    N  N N 23  
ARG NH2    N  N N 24  
ARG OXT    O  N N 25  
ARG H      H  N N 26  
ARG H2     H  N N 27  
ARG HA     H  N N 28  
ARG HB2    H  N N 29  
ARG HB3    H  N N 30  
ARG HG2    H  N N 31  
ARG HG3    H  N N 32  
ARG HD2    H  N N 33  
ARG HD3    H  N N 34  
ARG HE     H  N N 35  
ARG HH11   H  N N 36  
ARG HH12   H  N N 37  
ARG HH21   H  N N 38  
ARG HH22   H  N N 39  
ARG HXT    H  N N 40  
ASN N      N  N N 41  
ASN CA     C  N S 42  
ASN C      C  N N 43  
ASN O      O  N N 44  
ASN CB     C  N N 45  
ASN CG     C  N N 46  
ASN OD1    O  N N 47  
ASN ND2    N  N N 48  
ASN OXT    O  N N 49  
ASN H      H  N N 50  
ASN H2     H  N N 51  
ASN HA     H  N N 52  
ASN HB2    H  N N 53  
ASN HB3    H  N N 54  
ASN HD21   H  N N 55  
ASN HD22   H  N N 56  
ASN HXT    H  N N 57  
ASP N      N  N N 58  
ASP CA     C  N S 59  
ASP C      C  N N 60  
ASP O      O  N N 61  
ASP CB     C  N N 62  
ASP CG     C  N N 63  
ASP OD1    O  N N 64  
ASP OD2    O  N N 65  
ASP OXT    O  N N 66  
ASP H      H  N N 67  
ASP H2     H  N N 68  
ASP HA     H  N N 69  
ASP HB2    H  N N 70  
ASP HB3    H  N N 71  
ASP HD2    H  N N 72  
ASP HXT    H  N N 73  
C3F O4     O  N N 74  
C3F C4     C  N N 75  
C3F N3     N  N N 76  
C3F C2     C  N N 77  
C3F O2     O  N N 78  
C3F N1     N  N N 79  
C3F C4A    C  N N 80  
C3F C10    C  N N 81  
C3F N5     N  N N 82  
C3F C5A    C  Y N 83  
C3F C6     C  Y N 84  
C3F C7     C  Y N 85  
C3F C7M    C  N N 86  
C3F C8     C  Y N 87  
C3F C8M    C  N N 88  
C3F C9     C  Y N 89  
C3F C9A    C  Y N 90  
C3F N10    N  N N 91  
C3F "C1'"  C  N N 92  
C3F "C2'"  C  N N 93  
C3F "C3'"  C  N N 94  
C3F "C5'"  C  N N 95  
C3F "N1'"  N  N N 96  
C3F "O2'"  O  N N 97  
C3F "O1'"  O  N N 98  
C3F H3     H  N N 99  
C3F H6     H  N N 100 
C3F H7M1   H  N N 101 
C3F H7M2   H  N N 102 
C3F H7M3   H  N N 103 
C3F H8M1   H  N N 104 
C3F H8M2   H  N N 105 
C3F H8M3   H  N N 106 
C3F H9     H  N N 107 
C3F "H1'1" H  N N 108 
C3F "H1'2" H  N N 109 
C3F "H2'1" H  N N 110 
C3F "H2'2" H  N N 111 
C3F "H3'1" H  N N 112 
C3F "H3'2" H  N N 113 
C3F "H1'"  H  N N 114 
C3F "H2'"  H  N N 115 
CL  CL     CL N N 116 
GLN N      N  N N 117 
GLN CA     C  N S 118 
GLN C      C  N N 119 
GLN O      O  N N 120 
GLN CB     C  N N 121 
GLN CG     C  N N 122 
GLN CD     C  N N 123 
GLN OE1    O  N N 124 
GLN NE2    N  N N 125 
GLN OXT    O  N N 126 
GLN H      H  N N 127 
GLN H2     H  N N 128 
GLN HA     H  N N 129 
GLN HB2    H  N N 130 
GLN HB3    H  N N 131 
GLN HG2    H  N N 132 
GLN HG3    H  N N 133 
GLN HE21   H  N N 134 
GLN HE22   H  N N 135 
GLN HXT    H  N N 136 
GLU N      N  N N 137 
GLU CA     C  N S 138 
GLU C      C  N N 139 
GLU O      O  N N 140 
GLU CB     C  N N 141 
GLU CG     C  N N 142 
GLU CD     C  N N 143 
GLU OE1    O  N N 144 
GLU OE2    O  N N 145 
GLU OXT    O  N N 146 
GLU H      H  N N 147 
GLU H2     H  N N 148 
GLU HA     H  N N 149 
GLU HB2    H  N N 150 
GLU HB3    H  N N 151 
GLU HG2    H  N N 152 
GLU HG3    H  N N 153 
GLU HE2    H  N N 154 
GLU HXT    H  N N 155 
GLY N      N  N N 156 
GLY CA     C  N N 157 
GLY C      C  N N 158 
GLY O      O  N N 159 
GLY OXT    O  N N 160 
GLY H      H  N N 161 
GLY H2     H  N N 162 
GLY HA2    H  N N 163 
GLY HA3    H  N N 164 
GLY HXT    H  N N 165 
HIS N      N  N N 166 
HIS CA     C  N S 167 
HIS C      C  N N 168 
HIS O      O  N N 169 
HIS CB     C  N N 170 
HIS CG     C  Y N 171 
HIS ND1    N  Y N 172 
HIS CD2    C  Y N 173 
HIS CE1    C  Y N 174 
HIS NE2    N  Y N 175 
HIS OXT    O  N N 176 
HIS H      H  N N 177 
HIS H2     H  N N 178 
HIS HA     H  N N 179 
HIS HB2    H  N N 180 
HIS HB3    H  N N 181 
HIS HD1    H  N N 182 
HIS HD2    H  N N 183 
HIS HE1    H  N N 184 
HIS HE2    H  N N 185 
HIS HXT    H  N N 186 
HOH O      O  N N 187 
HOH H1     H  N N 188 
HOH H2     H  N N 189 
ILE N      N  N N 190 
ILE CA     C  N S 191 
ILE C      C  N N 192 
ILE O      O  N N 193 
ILE CB     C  N S 194 
ILE CG1    C  N N 195 
ILE CG2    C  N N 196 
ILE CD1    C  N N 197 
ILE OXT    O  N N 198 
ILE H      H  N N 199 
ILE H2     H  N N 200 
ILE HA     H  N N 201 
ILE HB     H  N N 202 
ILE HG12   H  N N 203 
ILE HG13   H  N N 204 
ILE HG21   H  N N 205 
ILE HG22   H  N N 206 
ILE HG23   H  N N 207 
ILE HD11   H  N N 208 
ILE HD12   H  N N 209 
ILE HD13   H  N N 210 
ILE HXT    H  N N 211 
LEU N      N  N N 212 
LEU CA     C  N S 213 
LEU C      C  N N 214 
LEU O      O  N N 215 
LEU CB     C  N N 216 
LEU CG     C  N N 217 
LEU CD1    C  N N 218 
LEU CD2    C  N N 219 
LEU OXT    O  N N 220 
LEU H      H  N N 221 
LEU H2     H  N N 222 
LEU HA     H  N N 223 
LEU HB2    H  N N 224 
LEU HB3    H  N N 225 
LEU HG     H  N N 226 
LEU HD11   H  N N 227 
LEU HD12   H  N N 228 
LEU HD13   H  N N 229 
LEU HD21   H  N N 230 
LEU HD22   H  N N 231 
LEU HD23   H  N N 232 
LEU HXT    H  N N 233 
LYS N      N  N N 234 
LYS CA     C  N S 235 
LYS C      C  N N 236 
LYS O      O  N N 237 
LYS CB     C  N N 238 
LYS CG     C  N N 239 
LYS CD     C  N N 240 
LYS CE     C  N N 241 
LYS NZ     N  N N 242 
LYS OXT    O  N N 243 
LYS H      H  N N 244 
LYS H2     H  N N 245 
LYS HA     H  N N 246 
LYS HB2    H  N N 247 
LYS HB3    H  N N 248 
LYS HG2    H  N N 249 
LYS HG3    H  N N 250 
LYS HD2    H  N N 251 
LYS HD3    H  N N 252 
LYS HE2    H  N N 253 
LYS HE3    H  N N 254 
LYS HZ1    H  N N 255 
LYS HZ2    H  N N 256 
LYS HZ3    H  N N 257 
LYS HXT    H  N N 258 
MET N      N  N N 259 
MET CA     C  N S 260 
MET C      C  N N 261 
MET O      O  N N 262 
MET CB     C  N N 263 
MET CG     C  N N 264 
MET SD     S  N N 265 
MET CE     C  N N 266 
MET OXT    O  N N 267 
MET H      H  N N 268 
MET H2     H  N N 269 
MET HA     H  N N 270 
MET HB2    H  N N 271 
MET HB3    H  N N 272 
MET HG2    H  N N 273 
MET HG3    H  N N 274 
MET HE1    H  N N 275 
MET HE2    H  N N 276 
MET HE3    H  N N 277 
MET HXT    H  N N 278 
MG  MG     MG N N 279 
NA  NA     NA N N 280 
PHE N      N  N N 281 
PHE CA     C  N S 282 
PHE C      C  N N 283 
PHE O      O  N N 284 
PHE CB     C  N N 285 
PHE CG     C  Y N 286 
PHE CD1    C  Y N 287 
PHE CD2    C  Y N 288 
PHE CE1    C  Y N 289 
PHE CE2    C  Y N 290 
PHE CZ     C  Y N 291 
PHE OXT    O  N N 292 
PHE H      H  N N 293 
PHE H2     H  N N 294 
PHE HA     H  N N 295 
PHE HB2    H  N N 296 
PHE HB3    H  N N 297 
PHE HD1    H  N N 298 
PHE HD2    H  N N 299 
PHE HE1    H  N N 300 
PHE HE2    H  N N 301 
PHE HZ     H  N N 302 
PHE HXT    H  N N 303 
SER N      N  N N 304 
SER CA     C  N S 305 
SER C      C  N N 306 
SER O      O  N N 307 
SER CB     C  N N 308 
SER OG     O  N N 309 
SER OXT    O  N N 310 
SER H      H  N N 311 
SER H2     H  N N 312 
SER HA     H  N N 313 
SER HB2    H  N N 314 
SER HB3    H  N N 315 
SER HG     H  N N 316 
SER HXT    H  N N 317 
SO4 S      S  N N 318 
SO4 O1     O  N N 319 
SO4 O2     O  N N 320 
SO4 O3     O  N N 321 
SO4 O4     O  N N 322 
THR N      N  N N 323 
THR CA     C  N S 324 
THR C      C  N N 325 
THR O      O  N N 326 
THR CB     C  N R 327 
THR OG1    O  N N 328 
THR CG2    C  N N 329 
THR OXT    O  N N 330 
THR H      H  N N 331 
THR H2     H  N N 332 
THR HA     H  N N 333 
THR HB     H  N N 334 
THR HG1    H  N N 335 
THR HG21   H  N N 336 
THR HG22   H  N N 337 
THR HG23   H  N N 338 
THR HXT    H  N N 339 
TRP N      N  N N 340 
TRP CA     C  N S 341 
TRP C      C  N N 342 
TRP O      O  N N 343 
TRP CB     C  N N 344 
TRP CG     C  Y N 345 
TRP CD1    C  Y N 346 
TRP CD2    C  Y N 347 
TRP NE1    N  Y N 348 
TRP CE2    C  Y N 349 
TRP CE3    C  Y N 350 
TRP CZ2    C  Y N 351 
TRP CZ3    C  Y N 352 
TRP CH2    C  Y N 353 
TRP OXT    O  N N 354 
TRP H      H  N N 355 
TRP H2     H  N N 356 
TRP HA     H  N N 357 
TRP HB2    H  N N 358 
TRP HB3    H  N N 359 
TRP HD1    H  N N 360 
TRP HE1    H  N N 361 
TRP HE3    H  N N 362 
TRP HZ2    H  N N 363 
TRP HZ3    H  N N 364 
TRP HH2    H  N N 365 
TRP HXT    H  N N 366 
TYR N      N  N N 367 
TYR CA     C  N S 368 
TYR C      C  N N 369 
TYR O      O  N N 370 
TYR CB     C  N N 371 
TYR CG     C  Y N 372 
TYR CD1    C  Y N 373 
TYR CD2    C  Y N 374 
TYR CE1    C  Y N 375 
TYR CE2    C  Y N 376 
TYR CZ     C  Y N 377 
TYR OH     O  N N 378 
TYR OXT    O  N N 379 
TYR H      H  N N 380 
TYR H2     H  N N 381 
TYR HA     H  N N 382 
TYR HB2    H  N N 383 
TYR HB3    H  N N 384 
TYR HD1    H  N N 385 
TYR HD2    H  N N 386 
TYR HE1    H  N N 387 
TYR HE2    H  N N 388 
TYR HH     H  N N 389 
TYR HXT    H  N N 390 
VAL N      N  N N 391 
VAL CA     C  N S 392 
VAL C      C  N N 393 
VAL O      O  N N 394 
VAL CB     C  N N 395 
VAL CG1    C  N N 396 
VAL CG2    C  N N 397 
VAL OXT    O  N N 398 
VAL H      H  N N 399 
VAL H2     H  N N 400 
VAL HA     H  N N 401 
VAL HB     H  N N 402 
VAL HG11   H  N N 403 
VAL HG12   H  N N 404 
VAL HG13   H  N N 405 
VAL HG21   H  N N 406 
VAL HG22   H  N N 407 
VAL HG23   H  N N 408 
VAL HXT    H  N N 409 
# 
loop_
_chem_comp_bond.comp_id 
_chem_comp_bond.atom_id_1 
_chem_comp_bond.atom_id_2 
_chem_comp_bond.value_order 
_chem_comp_bond.pdbx_aromatic_flag 
_chem_comp_bond.pdbx_stereo_config 
_chem_comp_bond.pdbx_ordinal 
ALA N     CA     sing N N 1   
ALA N     H      sing N N 2   
ALA N     H2     sing N N 3   
ALA CA    C      sing N N 4   
ALA CA    CB     sing N N 5   
ALA CA    HA     sing N N 6   
ALA C     O      doub N N 7   
ALA C     OXT    sing N N 8   
ALA CB    HB1    sing N N 9   
ALA CB    HB2    sing N N 10  
ALA CB    HB3    sing N N 11  
ALA OXT   HXT    sing N N 12  
ARG N     CA     sing N N 13  
ARG N     H      sing N N 14  
ARG N     H2     sing N N 15  
ARG CA    C      sing N N 16  
ARG CA    CB     sing N N 17  
ARG CA    HA     sing N N 18  
ARG C     O      doub N N 19  
ARG C     OXT    sing N N 20  
ARG CB    CG     sing N N 21  
ARG CB    HB2    sing N N 22  
ARG CB    HB3    sing N N 23  
ARG CG    CD     sing N N 24  
ARG CG    HG2    sing N N 25  
ARG CG    HG3    sing N N 26  
ARG CD    NE     sing N N 27  
ARG CD    HD2    sing N N 28  
ARG CD    HD3    sing N N 29  
ARG NE    CZ     sing N N 30  
ARG NE    HE     sing N N 31  
ARG CZ    NH1    sing N N 32  
ARG CZ    NH2    doub N N 33  
ARG NH1   HH11   sing N N 34  
ARG NH1   HH12   sing N N 35  
ARG NH2   HH21   sing N N 36  
ARG NH2   HH22   sing N N 37  
ARG OXT   HXT    sing N N 38  
ASN N     CA     sing N N 39  
ASN N     H      sing N N 40  
ASN N     H2     sing N N 41  
ASN CA    C      sing N N 42  
ASN CA    CB     sing N N 43  
ASN CA    HA     sing N N 44  
ASN C     O      doub N N 45  
ASN C     OXT    sing N N 46  
ASN CB    CG     sing N N 47  
ASN CB    HB2    sing N N 48  
ASN CB    HB3    sing N N 49  
ASN CG    OD1    doub N N 50  
ASN CG    ND2    sing N N 51  
ASN ND2   HD21   sing N N 52  
ASN ND2   HD22   sing N N 53  
ASN OXT   HXT    sing N N 54  
ASP N     CA     sing N N 55  
ASP N     H      sing N N 56  
ASP N     H2     sing N N 57  
ASP CA    C      sing N N 58  
ASP CA    CB     sing N N 59  
ASP CA    HA     sing N N 60  
ASP C     O      doub N N 61  
ASP C     OXT    sing N N 62  
ASP CB    CG     sing N N 63  
ASP CB    HB2    sing N N 64  
ASP CB    HB3    sing N N 65  
ASP CG    OD1    doub N N 66  
ASP CG    OD2    sing N N 67  
ASP OD2   HD2    sing N N 68  
ASP OXT   HXT    sing N N 69  
C3F O4    C4     doub N N 70  
C3F C4    N3     sing N N 71  
C3F C4    C4A    sing N N 72  
C3F N3    C2     sing N N 73  
C3F C2    O2     doub N N 74  
C3F C2    N1     sing N N 75  
C3F N1    C10    doub N N 76  
C3F C4A   C10    sing N N 77  
C3F C4A   N5     doub N N 78  
C3F C10   N10    sing N N 79  
C3F N5    C5A    sing N N 80  
C3F C5A   C6     sing Y N 81  
C3F C5A   C9A    doub Y N 82  
C3F C6    C7     doub Y N 83  
C3F C7    C7M    sing N N 84  
C3F C7    C8     sing Y N 85  
C3F C8    C8M    sing N N 86  
C3F C8    C9     doub Y N 87  
C3F C9    C9A    sing Y N 88  
C3F C9A   N10    sing N N 89  
C3F N10   "C1'"  sing N N 90  
C3F "C1'" "C2'"  sing N N 91  
C3F "C2'" "C3'"  sing N N 92  
C3F "C3'" "N1'"  sing N N 93  
C3F "C5'" "O1'"  doub N N 94  
C3F "C5'" "O2'"  sing N N 95  
C3F "C5'" "N1'"  sing N N 96  
C3F N3    H3     sing N N 97  
C3F C6    H6     sing N N 98  
C3F C7M   H7M1   sing N N 99  
C3F C7M   H7M2   sing N N 100 
C3F C7M   H7M3   sing N N 101 
C3F C8M   H8M1   sing N N 102 
C3F C8M   H8M2   sing N N 103 
C3F C8M   H8M3   sing N N 104 
C3F C9    H9     sing N N 105 
C3F "C1'" "H1'1" sing N N 106 
C3F "C1'" "H1'2" sing N N 107 
C3F "C2'" "H2'1" sing N N 108 
C3F "C2'" "H2'2" sing N N 109 
C3F "C3'" "H3'1" sing N N 110 
C3F "C3'" "H3'2" sing N N 111 
C3F "N1'" "H1'"  sing N N 112 
C3F "H2'" "O2'"  sing N N 113 
GLN N     CA     sing N N 114 
GLN N     H      sing N N 115 
GLN N     H2     sing N N 116 
GLN CA    C      sing N N 117 
GLN CA    CB     sing N N 118 
GLN CA    HA     sing N N 119 
GLN C     O      doub N N 120 
GLN C     OXT    sing N N 121 
GLN CB    CG     sing N N 122 
GLN CB    HB2    sing N N 123 
GLN CB    HB3    sing N N 124 
GLN CG    CD     sing N N 125 
GLN CG    HG2    sing N N 126 
GLN CG    HG3    sing N N 127 
GLN CD    OE1    doub N N 128 
GLN CD    NE2    sing N N 129 
GLN NE2   HE21   sing N N 130 
GLN NE2   HE22   sing N N 131 
GLN OXT   HXT    sing N N 132 
GLU N     CA     sing N N 133 
GLU N     H      sing N N 134 
GLU N     H2     sing N N 135 
GLU CA    C      sing N N 136 
GLU CA    CB     sing N N 137 
GLU CA    HA     sing N N 138 
GLU C     O      doub N N 139 
GLU C     OXT    sing N N 140 
GLU CB    CG     sing N N 141 
GLU CB    HB2    sing N N 142 
GLU CB    HB3    sing N N 143 
GLU CG    CD     sing N N 144 
GLU CG    HG2    sing N N 145 
GLU CG    HG3    sing N N 146 
GLU CD    OE1    doub N N 147 
GLU CD    OE2    sing N N 148 
GLU OE2   HE2    sing N N 149 
GLU OXT   HXT    sing N N 150 
GLY N     CA     sing N N 151 
GLY N     H      sing N N 152 
GLY N     H2     sing N N 153 
GLY CA    C      sing N N 154 
GLY CA    HA2    sing N N 155 
GLY CA    HA3    sing N N 156 
GLY C     O      doub N N 157 
GLY C     OXT    sing N N 158 
GLY OXT   HXT    sing N N 159 
HIS N     CA     sing N N 160 
HIS N     H      sing N N 161 
HIS N     H2     sing N N 162 
HIS CA    C      sing N N 163 
HIS CA    CB     sing N N 164 
HIS CA    HA     sing N N 165 
HIS C     O      doub N N 166 
HIS C     OXT    sing N N 167 
HIS CB    CG     sing N N 168 
HIS CB    HB2    sing N N 169 
HIS CB    HB3    sing N N 170 
HIS CG    ND1    sing Y N 171 
HIS CG    CD2    doub Y N 172 
HIS ND1   CE1    doub Y N 173 
HIS ND1   HD1    sing N N 174 
HIS CD2   NE2    sing Y N 175 
HIS CD2   HD2    sing N N 176 
HIS CE1   NE2    sing Y N 177 
HIS CE1   HE1    sing N N 178 
HIS NE2   HE2    sing N N 179 
HIS OXT   HXT    sing N N 180 
HOH O     H1     sing N N 181 
HOH O     H2     sing N N 182 
ILE N     CA     sing N N 183 
ILE N     H      sing N N 184 
ILE N     H2     sing N N 185 
ILE CA    C      sing N N 186 
ILE CA    CB     sing N N 187 
ILE CA    HA     sing N N 188 
ILE C     O      doub N N 189 
ILE C     OXT    sing N N 190 
ILE CB    CG1    sing N N 191 
ILE CB    CG2    sing N N 192 
ILE CB    HB     sing N N 193 
ILE CG1   CD1    sing N N 194 
ILE CG1   HG12   sing N N 195 
ILE CG1   HG13   sing N N 196 
ILE CG2   HG21   sing N N 197 
ILE CG2   HG22   sing N N 198 
ILE CG2   HG23   sing N N 199 
ILE CD1   HD11   sing N N 200 
ILE CD1   HD12   sing N N 201 
ILE CD1   HD13   sing N N 202 
ILE OXT   HXT    sing N N 203 
LEU N     CA     sing N N 204 
LEU N     H      sing N N 205 
LEU N     H2     sing N N 206 
LEU CA    C      sing N N 207 
LEU CA    CB     sing N N 208 
LEU CA    HA     sing N N 209 
LEU C     O      doub N N 210 
LEU C     OXT    sing N N 211 
LEU CB    CG     sing N N 212 
LEU CB    HB2    sing N N 213 
LEU CB    HB3    sing N N 214 
LEU CG    CD1    sing N N 215 
LEU CG    CD2    sing N N 216 
LEU CG    HG     sing N N 217 
LEU CD1   HD11   sing N N 218 
LEU CD1   HD12   sing N N 219 
LEU CD1   HD13   sing N N 220 
LEU CD2   HD21   sing N N 221 
LEU CD2   HD22   sing N N 222 
LEU CD2   HD23   sing N N 223 
LEU OXT   HXT    sing N N 224 
LYS N     CA     sing N N 225 
LYS N     H      sing N N 226 
LYS N     H2     sing N N 227 
LYS CA    C      sing N N 228 
LYS CA    CB     sing N N 229 
LYS CA    HA     sing N N 230 
LYS C     O      doub N N 231 
LYS C     OXT    sing N N 232 
LYS CB    CG     sing N N 233 
LYS CB    HB2    sing N N 234 
LYS CB    HB3    sing N N 235 
LYS CG    CD     sing N N 236 
LYS CG    HG2    sing N N 237 
LYS CG    HG3    sing N N 238 
LYS CD    CE     sing N N 239 
LYS CD    HD2    sing N N 240 
LYS CD    HD3    sing N N 241 
LYS CE    NZ     sing N N 242 
LYS CE    HE2    sing N N 243 
LYS CE    HE3    sing N N 244 
LYS NZ    HZ1    sing N N 245 
LYS NZ    HZ2    sing N N 246 
LYS NZ    HZ3    sing N N 247 
LYS OXT   HXT    sing N N 248 
MET N     CA     sing N N 249 
MET N     H      sing N N 250 
MET N     H2     sing N N 251 
MET CA    C      sing N N 252 
MET CA    CB     sing N N 253 
MET CA    HA     sing N N 254 
MET C     O      doub N N 255 
MET C     OXT    sing N N 256 
MET CB    CG     sing N N 257 
MET CB    HB2    sing N N 258 
MET CB    HB3    sing N N 259 
MET CG    SD     sing N N 260 
MET CG    HG2    sing N N 261 
MET CG    HG3    sing N N 262 
MET SD    CE     sing N N 263 
MET CE    HE1    sing N N 264 
MET CE    HE2    sing N N 265 
MET CE    HE3    sing N N 266 
MET OXT   HXT    sing N N 267 
PHE N     CA     sing N N 268 
PHE N     H      sing N N 269 
PHE N     H2     sing N N 270 
PHE CA    C      sing N N 271 
PHE CA    CB     sing N N 272 
PHE CA    HA     sing N N 273 
PHE C     O      doub N N 274 
PHE C     OXT    sing N N 275 
PHE CB    CG     sing N N 276 
PHE CB    HB2    sing N N 277 
PHE CB    HB3    sing N N 278 
PHE CG    CD1    doub Y N 279 
PHE CG    CD2    sing Y N 280 
PHE CD1   CE1    sing Y N 281 
PHE CD1   HD1    sing N N 282 
PHE CD2   CE2    doub Y N 283 
PHE CD2   HD2    sing N N 284 
PHE CE1   CZ     doub Y N 285 
PHE CE1   HE1    sing N N 286 
PHE CE2   CZ     sing Y N 287 
PHE CE2   HE2    sing N N 288 
PHE CZ    HZ     sing N N 289 
PHE OXT   HXT    sing N N 290 
SER N     CA     sing N N 291 
SER N     H      sing N N 292 
SER N     H2     sing N N 293 
SER CA    C      sing N N 294 
SER CA    CB     sing N N 295 
SER CA    HA     sing N N 296 
SER C     O      doub N N 297 
SER C     OXT    sing N N 298 
SER CB    OG     sing N N 299 
SER CB    HB2    sing N N 300 
SER CB    HB3    sing N N 301 
SER OG    HG     sing N N 302 
SER OXT   HXT    sing N N 303 
SO4 S     O1     doub N N 304 
SO4 S     O2     doub N N 305 
SO4 S     O3     sing N N 306 
SO4 S     O4     sing N N 307 
THR N     CA     sing N N 308 
THR N     H      sing N N 309 
THR N     H2     sing N N 310 
THR CA    C      sing N N 311 
THR CA    CB     sing N N 312 
THR CA    HA     sing N N 313 
THR C     O      doub N N 314 
THR C     OXT    sing N N 315 
THR CB    OG1    sing N N 316 
THR CB    CG2    sing N N 317 
THR CB    HB     sing N N 318 
THR OG1   HG1    sing N N 319 
THR CG2   HG21   sing N N 320 
THR CG2   HG22   sing N N 321 
THR CG2   HG23   sing N N 322 
THR OXT   HXT    sing N N 323 
TRP N     CA     sing N N 324 
TRP N     H      sing N N 325 
TRP N     H2     sing N N 326 
TRP CA    C      sing N N 327 
TRP CA    CB     sing N N 328 
TRP CA    HA     sing N N 329 
TRP C     O      doub N N 330 
TRP C     OXT    sing N N 331 
TRP CB    CG     sing N N 332 
TRP CB    HB2    sing N N 333 
TRP CB    HB3    sing N N 334 
TRP CG    CD1    doub Y N 335 
TRP CG    CD2    sing Y N 336 
TRP CD1   NE1    sing Y N 337 
TRP CD1   HD1    sing N N 338 
TRP CD2   CE2    doub Y N 339 
TRP CD2   CE3    sing Y N 340 
TRP NE1   CE2    sing Y N 341 
TRP NE1   HE1    sing N N 342 
TRP CE2   CZ2    sing Y N 343 
TRP CE3   CZ3    doub Y N 344 
TRP CE3   HE3    sing N N 345 
TRP CZ2   CH2    doub Y N 346 
TRP CZ2   HZ2    sing N N 347 
TRP CZ3   CH2    sing Y N 348 
TRP CZ3   HZ3    sing N N 349 
TRP CH2   HH2    sing N N 350 
TRP OXT   HXT    sing N N 351 
TYR N     CA     sing N N 352 
TYR N     H      sing N N 353 
TYR N     H2     sing N N 354 
TYR CA    C      sing N N 355 
TYR CA    CB     sing N N 356 
TYR CA    HA     sing N N 357 
TYR C     O      doub N N 358 
TYR C     OXT    sing N N 359 
TYR CB    CG     sing N N 360 
TYR CB    HB2    sing N N 361 
TYR CB    HB3    sing N N 362 
TYR CG    CD1    doub Y N 363 
TYR CG    CD2    sing Y N 364 
TYR CD1   CE1    sing Y N 365 
TYR CD1   HD1    sing N N 366 
TYR CD2   CE2    doub Y N 367 
TYR CD2   HD2    sing N N 368 
TYR CE1   CZ     doub Y N 369 
TYR CE1   HE1    sing N N 370 
TYR CE2   CZ     sing Y N 371 
TYR CE2   HE2    sing N N 372 
TYR CZ    OH     sing N N 373 
TYR OH    HH     sing N N 374 
TYR OXT   HXT    sing N N 375 
VAL N     CA     sing N N 376 
VAL N     H      sing N N 377 
VAL N     H2     sing N N 378 
VAL CA    C      sing N N 379 
VAL CA    CB     sing N N 380 
VAL CA    HA     sing N N 381 
VAL C     O      doub N N 382 
VAL C     OXT    sing N N 383 
VAL CB    CG1    sing N N 384 
VAL CB    CG2    sing N N 385 
VAL CB    HB     sing N N 386 
VAL CG1   HG11   sing N N 387 
VAL CG1   HG12   sing N N 388 
VAL CG1   HG13   sing N N 389 
VAL CG2   HG21   sing N N 390 
VAL CG2   HG22   sing N N 391 
VAL CG2   HG23   sing N N 392 
VAL OXT   HXT    sing N N 393 
# 
loop_
_pdbx_entity_nonpoly.entity_id 
_pdbx_entity_nonpoly.name 
_pdbx_entity_nonpoly.comp_id 
2 'SODIUM ION'                                                                       NA  
3 'SULFATE ION'                                                                      SO4 
4 '3-[7,8-dimethyl-2,4-bis(oxidanylidene)benzo[g]pteridin-10-yl]propylcarbamic acid' C3F 
5 'MAGNESIUM ION'                                                                    MG  
6 'CHLORIDE ION'                                                                     CL  
7 water                                                                              HOH 
# 
_pdbx_initial_refinement_model.id               1 
_pdbx_initial_refinement_model.entity_id_list   ? 
_pdbx_initial_refinement_model.type             'experimental model' 
_pdbx_initial_refinement_model.source_name      PDB 
_pdbx_initial_refinement_model.accession_code   2CCC 
_pdbx_initial_refinement_model.details          'PDB ENTRY 2CCC' 
# 
